data_7ZBZ
#
_entry.id   7ZBZ
#
_cell.length_a   1.00
_cell.length_b   1.00
_cell.length_c   1.00
_cell.angle_alpha   90.00
_cell.angle_beta   90.00
_cell.angle_gamma   90.00
#
_symmetry.space_group_name_H-M   'P 1'
#
loop_
_entity.id
_entity.type
_entity.pdbx_description
1 polymer Cullin-1
2 polymer 'Cullin-associated NEDD8-dissociated protein 1'
3 polymer 'E3 ubiquitin-protein ligase RBX1'
4 polymer 'S-phase kinase-associated protein 1'
5 polymer 'S-phase kinase-associated protein 2'
6 non-polymer 'ZINC ION'
#
loop_
_entity_poly.entity_id
_entity_poly.type
_entity_poly.pdbx_seq_one_letter_code
_entity_poly.pdbx_strand_id
1 'polypeptide(L)'
;MSSTRSQNPHGLKQIGLDQIWDDLRAGIQQVYTRQSMAKSRYMELYTHVYNYCTSVHQSNQARGAGVPPSKSKKGQTPGG
AQFVGLELYKRLKEFLKNYLTNLLKDGEDLMDESVLKFYTQQWEDYRFSSKVLNGICAYLNRHWVRRECDEGRKGIYEIY
SLALVTWRDCLFRPLNKQVTNAVLKLIEKERNGETINTRLISGVVQSYVELGLNEDDAFAKGPTLTVYKESFESQFLADT
ERFYTRESTEFLQQNPVTEYMKKAEARLLEEQRRVQVYLHESTQDELARKCEQVLIEKHLEIFHTEFQNLLDADKNEDLG
RMYNLVSRIQDGLGELKKLLETHIHNQGLAAIEKCGEAALNDPKMYVQTVLDVHKKYNALVMSAFNNDAGFVAALDKACG
RFINNNAVTKMAQSSSKSPELLARYCDSLLKKSSKNPEEAELEDTLNQVMVVFKYIEDKDVFQKFYAKMLAKRLVHQNSA
SDDAEASMISKLKQACGFEYTSKLQRMFQDIGVSKDLNEQFKKHLTNSEPLDLDFSIQVLSSGSWPFQQSCTFALPSELE
RSYQRFTAFYASRHSGRKLTWLYQLSKGELVTNCFKNRYTLQASTFQMAILLQYNTEDAYTVQQLTDSTQIKMDILAQVL
QILLKSKLLVLEDENANVDEVELKPDTLIKLYLGYKNKKLRVNINVPMKTEQKQEQETTHKNIEEDRKLLIQAAIVRIMK
MRKVLKHQQLLGEVLTQLSSRFKPRVPVIKKCIDILIEKEYLERVDGEKDTYSYLA
;
C
2 'polypeptide(L)'
;GSPEFPGRMASASYHISNLLEKMTSSDKDFRFMATNDLMTELQKDSIKLDDDSERKVVKMILKLLEDKNGEVQNLAVKCL
GPLVSKVKEYQVETIVDTLCTNMLSDKEQLRDISSIGLKTVIGELPPASSGSALAANVCKKITGRLTSAIAKQEDVSVQL
EALDIMADMLSRQGGLLVNFHPSILTCLLPQLTSPRLAVRKRTIIALGHLVMSCGNIVFVDLIEHLLSELSKNDSMSTTR
TYIQCIAAISRQAGHRIGEYLEKIIPLVVKFCNVDDDELREYCIQAFESFVRRCPKEVYPHVSTIINICLKYLTYDPNYN
YDDEDEDENAMDADGGDDDDQGSDDEYSDDDDMSWKVRRAAAKCLDAVVSTRHEMLPEFYKTVSPALISRFKEREENVKA
DVFHAYLSLLKQTRPVQSWLCDPDAMEQGETPLTMLQSQVPNIVKALHKQMKEKSVKTRQCCFNMLTELVNVLPGALTQH
IPVLVPGIIFSLNDKSSSSNLKIDALSCLYVILCNHSPQVFHPHVQALVPPVVACVGDPFYKITSEALLVTQQLVKVIRP
LDQPSSFDATPYIKDLFTCTIKRLKAADIDQEVKERAISCMGQIICNLGDNLGSDLPNTLQIFLERLKNEITRLTTVKAL
TLIAGSPLKIDLRPVLGEGVPILASFLRKNQRALKLGTLSALDILIKNYSDSLTAAMIDAVLDELPPLISESDMHVSQMA
ISFLTTLAKVYPSSLSKISGSILNELIGLVRSPLLQGGALSAMLDFFQALVVTGTNNLGYMDLLRMLTGPVYSQSTALTH
KQSYYSIAKCVAALTRACPKEGPAVVGQFIQDVKNSRSTDSIRLLALLSLGEVGHHIDLSGQLELKSVILEAFSSPSEEV
KSAASYALGSISVGNLPEYLPFVLQEITSQPKRQYLLLHSLKEIISSASVVGLKPYVENIWALLLKHCECAEEGTRNVVV
ECLGKLTLIDPETLLPRLKGYLISGSSYARSSVVTAVKFTISDHPQPIDPLLKNCIGDFLKTLEDPDLNVRRVALVTFNS
AAHNKPSLIRDLLDTVLPHLYNETKVRKELIREVEMGPFGHTVDDGLDIRKAAFECMYTLLDSCLDRLDIFEFLNHVEDG
LKDHYDIKMLTFLMLVRLSTLCPSAVLQRLDRLVEPLRATCTTKVKANSVKQEFEKQDELKRSAMRAVAALLTIPEAEKS
PLMSEFQSQISSNPELAAIFESIQKDSSSTNLESMDTS
;
D
3 'polypeptide(L)'
;GSMDVDTPSGTNSGAGKKRFEVKKWNAVALWAWDIVVDNCAICRNHIMDLCIECQANQASATSEECTVAWGVCNHAFHFH
CISRWLKTRQVCPLDNREWEFQKYGH
;
R
4 'polypeptide(L)'
;MPSIKLQSSDGEIFEVDVEIAKQSVTIKTMLEDLGMDDEGDDDPVPLPNVNAAILKKVIQWCTHHKDDPPPPEDDENKEK
RTDDIPVWDQEFLKVDQGTLFELILAANYLDIKGLLDVTCKTVANMIKGKTPEEIRKTFNIKNDFTEEEEAQVRKENQWC
EEK
;
S
5 'polypeptide(L)'
;GSMHRKHLQEIPDLSSNVATSFTWGWDSSKTSELLSGMGVSALEKEEPDSENIPQELLSNLGHPESPPRKRLKSKGSDKD
FVIVRRPKLNRENFPGVSWDSLPDELLLGIFSCLCLPELLKVSGVCKRWYRLASDESLWQTLDLTGKNLHPDVTGRLLSQ
GVIAFRCPRSFMDQPLAEHFSPFRVQHMDLSNSVIEVSTLHGILSQCSKLQNLSLEGLRLSDPIVNTLAKNSNLVRLNLS
GCSGFSEFALQTLLSSCSRLDELNLSWCFDFTEKHVQVAVAHVSETITQLNLSGYRKNLQKSDLSTLVRRCPNLVHLDLS
DSVMLKNDCFQEFFQLNYLQHLSLSRCYDIIPETLLELGEIPTLKTLQVFGIVPDGTLQLLKEALPHLQINCSHFTTIAR
PTIGNKKNQEIWGIKCRLTLQKPSCL
;
F
#
loop_
_chem_comp.id
_chem_comp.type
_chem_comp.name
_chem_comp.formula
ZN non-polymer 'ZINC ION' 'Zn 2'
#
# COMPACT_ATOMS: atom_id res chain seq x y z
N GLN A 14 47.98 -40.36 -39.62
CA GLN A 14 47.66 -41.76 -39.36
C GLN A 14 46.37 -42.17 -40.06
N ILE A 15 45.27 -41.51 -39.70
CA ILE A 15 43.96 -41.79 -40.26
C ILE A 15 43.41 -40.53 -40.89
N GLY A 16 43.02 -40.61 -42.15
CA GLY A 16 42.45 -39.47 -42.84
C GLY A 16 40.98 -39.28 -42.50
N LEU A 17 40.45 -38.13 -42.95
CA LEU A 17 39.05 -37.81 -42.68
C LEU A 17 38.12 -38.69 -43.51
N ASP A 18 38.46 -38.91 -44.78
CA ASP A 18 37.59 -39.69 -45.65
C ASP A 18 37.54 -41.16 -45.24
N GLN A 19 38.51 -41.64 -44.48
CA GLN A 19 38.54 -43.03 -44.08
C GLN A 19 37.52 -43.35 -42.98
N ILE A 20 37.15 -42.36 -42.17
CA ILE A 20 36.30 -42.57 -41.01
C ILE A 20 35.03 -41.73 -41.05
N TRP A 21 34.77 -40.99 -42.13
CA TRP A 21 33.59 -40.13 -42.15
C TRP A 21 32.30 -40.93 -42.28
N ASP A 22 32.33 -42.06 -43.01
CA ASP A 22 31.11 -42.85 -43.18
C ASP A 22 30.64 -43.43 -41.85
N ASP A 23 31.56 -44.05 -41.10
CA ASP A 23 31.19 -44.62 -39.81
C ASP A 23 30.77 -43.53 -38.84
N LEU A 24 31.46 -42.39 -38.84
CA LEU A 24 31.08 -41.28 -37.97
C LEU A 24 29.69 -40.77 -38.30
N ARG A 25 29.38 -40.63 -39.59
CA ARG A 25 28.05 -40.17 -39.98
C ARG A 25 26.97 -41.17 -39.59
N ALA A 26 27.25 -42.47 -39.76
CA ALA A 26 26.30 -43.49 -39.35
C ALA A 26 26.06 -43.45 -37.85
N GLY A 27 27.12 -43.25 -37.07
CA GLY A 27 26.97 -43.16 -35.63
C GLY A 27 26.21 -41.92 -35.19
N ILE A 28 26.50 -40.78 -35.82
CA ILE A 28 25.83 -39.54 -35.46
C ILE A 28 24.35 -39.61 -35.82
N GLN A 29 24.03 -40.22 -36.96
CA GLN A 29 22.63 -40.39 -37.34
C GLN A 29 21.88 -41.22 -36.32
N GLN A 30 22.57 -42.12 -35.63
CA GLN A 30 21.95 -42.90 -34.57
C GLN A 30 21.73 -42.06 -33.31
N VAL A 31 22.61 -41.08 -33.07
CA VAL A 31 22.47 -40.23 -31.88
C VAL A 31 21.18 -39.43 -31.94
N TYR A 32 20.86 -38.88 -33.10
CA TYR A 32 19.68 -38.03 -33.23
C TYR A 32 18.38 -38.82 -33.29
N THR A 33 18.44 -40.14 -33.37
CA THR A 33 17.31 -40.99 -33.07
C THR A 33 17.41 -41.39 -31.60
N ARG A 34 16.42 -41.01 -30.81
CA ARG A 34 16.56 -41.07 -29.36
C ARG A 34 16.61 -42.49 -28.79
N GLN A 35 16.68 -43.53 -29.61
CA GLN A 35 16.87 -44.88 -29.08
C GLN A 35 18.21 -44.97 -28.35
N SER A 36 18.22 -45.73 -27.27
CA SER A 36 19.41 -45.83 -26.43
C SER A 36 20.56 -46.48 -27.20
N MET A 37 21.76 -45.96 -26.97
CA MET A 37 22.97 -46.47 -27.62
C MET A 37 23.96 -46.93 -26.57
N ALA A 38 24.67 -48.01 -26.87
CA ALA A 38 25.63 -48.56 -25.93
C ALA A 38 26.85 -47.66 -25.81
N LYS A 39 27.54 -47.78 -24.68
CA LYS A 39 28.73 -46.99 -24.45
C LYS A 39 29.87 -47.36 -25.39
N SER A 40 29.86 -48.57 -25.95
CA SER A 40 30.89 -48.96 -26.90
C SER A 40 30.86 -48.09 -28.14
N ARG A 41 29.67 -47.80 -28.66
CA ARG A 41 29.55 -46.92 -29.83
C ARG A 41 30.01 -45.51 -29.50
N TYR A 42 29.66 -45.02 -28.31
CA TYR A 42 30.09 -43.68 -27.89
C TYR A 42 31.61 -43.59 -27.84
N MET A 43 32.25 -44.59 -27.22
CA MET A 43 33.70 -44.60 -27.13
C MET A 43 34.35 -44.76 -28.51
N GLU A 44 33.73 -45.54 -29.40
CA GLU A 44 34.27 -45.69 -30.74
C GLU A 44 34.20 -44.38 -31.52
N LEU A 45 33.10 -43.64 -31.40
CA LEU A 45 33.00 -42.34 -32.07
C LEU A 45 34.01 -41.35 -31.49
N TYR A 46 34.18 -41.34 -30.17
CA TYR A 46 35.18 -40.49 -29.57
C TYR A 46 36.58 -40.86 -30.06
N THR A 47 36.86 -42.15 -30.20
CA THR A 47 38.13 -42.60 -30.72
C THR A 47 38.34 -42.14 -32.16
N HIS A 48 37.28 -42.19 -32.97
CA HIS A 48 37.37 -41.70 -34.34
C HIS A 48 37.76 -40.22 -34.37
N VAL A 49 37.06 -39.41 -33.59
CA VAL A 49 37.33 -37.97 -33.57
C VAL A 49 38.76 -37.71 -33.08
N TYR A 50 39.15 -38.37 -31.99
CA TYR A 50 40.48 -38.18 -31.42
C TYR A 50 41.57 -38.59 -32.41
N ASN A 51 41.38 -39.72 -33.09
CA ASN A 51 42.36 -40.17 -34.07
C ASN A 51 42.47 -39.19 -35.24
N TYR A 52 41.35 -38.62 -35.66
CA TYR A 52 41.41 -37.60 -36.72
C TYR A 52 42.20 -36.39 -36.25
N CYS A 53 41.93 -35.91 -35.03
CA CYS A 53 42.57 -34.68 -34.58
C CYS A 53 44.03 -34.92 -34.20
N THR A 54 44.33 -36.06 -33.59
CA THR A 54 45.69 -36.33 -33.14
C THR A 54 46.65 -36.51 -34.31
N SER A 55 46.18 -37.17 -35.38
CA SER A 55 47.04 -37.47 -36.52
C SER A 55 47.58 -36.18 -37.15
N VAL A 56 48.85 -36.20 -37.51
CA VAL A 56 49.50 -35.05 -38.12
C VAL A 56 49.72 -35.29 -39.60
N GLY A 80 53.15 -20.67 -34.32
CA GLY A 80 52.07 -21.27 -35.08
C GLY A 80 51.63 -22.62 -34.54
N ALA A 81 50.40 -22.67 -34.02
CA ALA A 81 49.88 -23.93 -33.48
C ALA A 81 49.64 -24.95 -34.58
N GLN A 82 48.96 -24.54 -35.66
CA GLN A 82 48.61 -25.43 -36.76
C GLN A 82 47.82 -26.64 -36.28
N PHE A 83 46.65 -26.35 -35.70
CA PHE A 83 45.75 -27.39 -35.21
C PHE A 83 44.76 -27.78 -36.31
N VAL A 84 44.49 -29.07 -36.42
CA VAL A 84 43.58 -29.58 -37.44
C VAL A 84 42.16 -29.64 -36.87
N GLY A 85 41.19 -29.74 -37.77
CA GLY A 85 39.81 -29.90 -37.36
C GLY A 85 38.82 -29.00 -38.07
N LEU A 86 39.26 -28.29 -39.11
CA LEU A 86 38.34 -27.40 -39.82
C LEU A 86 37.39 -28.17 -40.71
N GLU A 87 37.89 -29.20 -41.40
CA GLU A 87 37.05 -29.98 -42.30
C GLU A 87 35.96 -30.72 -41.53
N LEU A 88 36.29 -31.24 -40.34
CA LEU A 88 35.27 -31.88 -39.51
C LEU A 88 34.20 -30.88 -39.10
N TYR A 89 34.59 -29.66 -38.76
CA TYR A 89 33.62 -28.63 -38.41
C TYR A 89 32.70 -28.33 -39.58
N LYS A 90 33.28 -28.19 -40.78
CA LYS A 90 32.46 -27.90 -41.95
C LYS A 90 31.49 -29.05 -42.25
N ARG A 91 31.97 -30.29 -42.14
CA ARG A 91 31.11 -31.43 -42.43
C ARG A 91 29.99 -31.55 -41.40
N LEU A 92 30.29 -31.29 -40.12
CA LEU A 92 29.24 -31.32 -39.10
C LEU A 92 28.21 -30.23 -39.36
N LYS A 93 28.66 -29.04 -39.75
CA LYS A 93 27.73 -27.96 -40.06
C LYS A 93 26.82 -28.35 -41.22
N GLU A 94 27.40 -28.92 -42.28
CA GLU A 94 26.59 -29.35 -43.42
C GLU A 94 25.59 -30.43 -43.04
N PHE A 95 26.02 -31.40 -42.22
CA PHE A 95 25.12 -32.46 -41.79
C PHE A 95 23.94 -31.89 -41.00
N LEU A 96 24.23 -30.98 -40.06
CA LEU A 96 23.15 -30.39 -39.27
C LEU A 96 22.20 -29.58 -40.14
N LYS A 97 22.74 -28.82 -41.09
CA LYS A 97 21.89 -28.02 -41.96
C LYS A 97 20.99 -28.91 -42.81
N ASN A 98 21.54 -30.00 -43.36
CA ASN A 98 20.73 -30.91 -44.17
C ASN A 98 19.66 -31.58 -43.32
N TYR A 99 20.01 -32.01 -42.11
CA TYR A 99 19.03 -32.65 -41.23
C TYR A 99 17.89 -31.70 -40.90
N LEU A 100 18.22 -30.44 -40.60
CA LEU A 100 17.19 -29.46 -40.28
C LEU A 100 16.32 -29.13 -41.50
N THR A 101 16.92 -29.03 -42.68
CA THR A 101 16.14 -28.79 -43.88
C THR A 101 15.18 -29.94 -44.15
N ASN A 102 15.65 -31.18 -43.96
CA ASN A 102 14.78 -32.34 -44.14
C ASN A 102 13.63 -32.30 -43.14
N LEU A 103 13.94 -32.00 -41.87
CA LEU A 103 12.90 -31.93 -40.85
C LEU A 103 11.93 -30.77 -41.07
N LEU A 104 12.35 -29.73 -41.80
CA LEU A 104 11.48 -28.59 -42.06
C LEU A 104 10.23 -28.99 -42.83
N LYS A 105 10.38 -29.84 -43.84
CA LYS A 105 9.25 -30.20 -44.69
C LYS A 105 8.21 -31.04 -43.97
N ASP A 106 8.59 -31.68 -42.85
CA ASP A 106 7.64 -32.55 -42.15
C ASP A 106 6.55 -31.76 -41.46
N GLY A 107 6.85 -30.56 -40.98
CA GLY A 107 5.87 -29.82 -40.19
C GLY A 107 5.61 -28.39 -40.66
N GLU A 108 5.81 -28.13 -41.95
CA GLU A 108 5.55 -26.80 -42.48
C GLU A 108 4.08 -26.52 -42.71
N ASP A 109 3.26 -27.56 -42.87
CA ASP A 109 1.86 -27.42 -43.24
C ASP A 109 0.89 -27.55 -42.07
N LEU A 110 1.38 -27.77 -40.86
CA LEU A 110 0.50 -28.04 -39.73
C LEU A 110 -0.16 -26.75 -39.26
N MET A 111 -0.91 -26.82 -38.17
CA MET A 111 -1.77 -25.72 -37.71
C MET A 111 -1.63 -25.59 -36.20
N ASP A 112 -2.60 -24.89 -35.59
CA ASP A 112 -2.48 -24.27 -34.27
C ASP A 112 -1.79 -25.11 -33.20
N GLU A 113 -2.37 -26.24 -32.80
CA GLU A 113 -1.78 -27.03 -31.72
C GLU A 113 -0.81 -28.08 -32.21
N SER A 114 -1.01 -28.58 -33.44
CA SER A 114 -0.09 -29.54 -34.01
C SER A 114 1.30 -28.95 -34.17
N VAL A 115 1.37 -27.68 -34.58
CA VAL A 115 2.68 -27.05 -34.76
C VAL A 115 3.39 -26.89 -33.41
N LEU A 116 2.65 -26.58 -32.34
CA LEU A 116 3.26 -26.50 -31.02
C LEU A 116 3.79 -27.85 -30.57
N LYS A 117 2.98 -28.91 -30.74
CA LYS A 117 3.43 -30.23 -30.34
C LYS A 117 4.69 -30.63 -31.11
N PHE A 118 4.66 -30.43 -32.43
CA PHE A 118 5.81 -30.77 -33.27
C PHE A 118 7.05 -29.99 -32.85
N TYR A 119 6.91 -28.68 -32.67
CA TYR A 119 8.05 -27.85 -32.32
C TYR A 119 8.63 -28.24 -30.97
N THR A 120 7.77 -28.47 -29.97
CA THR A 120 8.26 -28.79 -28.64
C THR A 120 8.98 -30.14 -28.63
N GLN A 121 8.37 -31.16 -29.23
CA GLN A 121 8.99 -32.48 -29.24
C GLN A 121 10.32 -32.46 -29.98
N GLN A 122 10.35 -31.82 -31.15
CA GLN A 122 11.59 -31.78 -31.91
C GLN A 122 12.65 -30.97 -31.18
N TRP A 123 12.25 -29.90 -30.48
CA TRP A 123 13.22 -29.11 -29.73
C TRP A 123 13.84 -29.91 -28.61
N GLU A 124 13.03 -30.68 -27.87
CA GLU A 124 13.58 -31.49 -26.79
C GLU A 124 14.55 -32.55 -27.34
N ASP A 125 14.14 -33.24 -28.41
CA ASP A 125 15.00 -34.26 -28.99
C ASP A 125 16.30 -33.66 -29.50
N TYR A 126 16.22 -32.50 -30.17
CA TYR A 126 17.41 -31.84 -30.70
C TYR A 126 18.33 -31.41 -29.58
N ARG A 127 17.77 -30.89 -28.48
CA ARG A 127 18.60 -30.49 -27.35
C ARG A 127 19.38 -31.68 -26.79
N PHE A 128 18.69 -32.80 -26.54
CA PHE A 128 19.36 -33.96 -25.97
C PHE A 128 20.44 -34.49 -26.92
N SER A 129 20.11 -34.62 -28.21
CA SER A 129 21.06 -35.15 -29.17
C SER A 129 22.26 -34.22 -29.33
N SER A 130 22.03 -32.90 -29.29
CA SER A 130 23.12 -31.95 -29.42
C SER A 130 24.03 -32.00 -28.20
N LYS A 131 23.47 -32.19 -27.00
CA LYS A 131 24.30 -32.37 -25.83
C LYS A 131 25.18 -33.61 -25.96
N VAL A 132 24.59 -34.71 -26.44
CA VAL A 132 25.38 -35.94 -26.62
C VAL A 132 26.48 -35.72 -27.65
N LEU A 133 26.17 -35.06 -28.76
CA LEU A 133 27.16 -34.81 -29.79
C LEU A 133 28.29 -33.92 -29.28
N ASN A 134 27.95 -32.89 -28.50
CA ASN A 134 28.98 -32.05 -27.88
C ASN A 134 29.85 -32.87 -26.95
N GLY A 135 29.26 -33.82 -26.24
CA GLY A 135 30.06 -34.72 -25.44
C GLY A 135 31.02 -35.56 -26.27
N ILE A 136 30.58 -35.98 -27.45
CA ILE A 136 31.43 -36.82 -28.31
C ILE A 136 32.63 -36.04 -28.83
N CYS A 137 32.43 -34.78 -29.20
CA CYS A 137 33.44 -33.98 -29.91
C CYS A 137 34.20 -33.05 -28.97
N ALA A 138 34.53 -33.51 -27.77
CA ALA A 138 35.15 -32.64 -26.78
C ALA A 138 36.54 -32.16 -27.19
N TYR A 139 37.27 -32.97 -27.97
CA TYR A 139 38.63 -32.58 -28.36
C TYR A 139 38.64 -31.31 -29.19
N LEU A 140 37.70 -31.20 -30.14
CA LEU A 140 37.62 -29.99 -30.97
C LEU A 140 37.39 -28.77 -30.10
N ASN A 141 36.43 -28.84 -29.18
CA ASN A 141 36.14 -27.71 -28.32
C ASN A 141 37.33 -27.36 -27.44
N ARG A 142 38.04 -28.37 -26.93
CA ARG A 142 39.13 -28.07 -26.01
C ARG A 142 40.37 -27.54 -26.70
N HIS A 143 40.58 -27.87 -27.98
CA HIS A 143 41.78 -27.39 -28.65
C HIS A 143 41.50 -26.40 -29.79
N TRP A 144 40.77 -26.83 -30.82
CA TRP A 144 40.72 -26.05 -32.05
C TRP A 144 39.76 -24.88 -31.94
N VAL A 145 38.57 -25.11 -31.37
CA VAL A 145 37.62 -24.01 -31.18
C VAL A 145 38.20 -22.98 -30.23
N ARG A 146 38.85 -23.44 -29.17
CA ARG A 146 39.49 -22.53 -28.22
C ARG A 146 40.58 -21.69 -28.90
N ARG A 147 41.37 -22.33 -29.76
CA ARG A 147 42.40 -21.58 -30.49
C ARG A 147 41.78 -20.56 -31.43
N GLU A 148 40.74 -20.96 -32.17
CA GLU A 148 40.11 -20.04 -33.12
C GLU A 148 39.49 -18.85 -32.43
N CYS A 149 38.85 -19.07 -31.28
CA CYS A 149 38.24 -17.96 -30.56
C CYS A 149 39.28 -17.00 -29.99
N ASP A 150 40.45 -17.51 -29.60
CA ASP A 150 41.49 -16.65 -29.02
C ASP A 150 42.01 -15.65 -30.04
N GLU A 151 42.22 -16.09 -31.29
CA GLU A 151 42.76 -15.20 -32.30
C GLU A 151 41.79 -14.06 -32.61
N GLY A 152 40.50 -14.35 -32.72
CA GLY A 152 39.53 -13.31 -32.96
C GLY A 152 38.50 -13.66 -34.03
N ARG A 153 38.59 -14.85 -34.60
CA ARG A 153 37.61 -15.28 -35.59
C ARG A 153 36.24 -15.37 -34.96
N LYS A 154 35.23 -14.81 -35.65
CA LYS A 154 33.89 -14.72 -35.10
C LYS A 154 32.95 -15.82 -35.58
N GLY A 155 33.32 -16.56 -36.62
CA GLY A 155 32.45 -17.59 -37.16
C GLY A 155 32.61 -18.97 -36.56
N ILE A 156 33.41 -19.12 -35.51
CA ILE A 156 33.68 -20.41 -34.90
C ILE A 156 32.92 -20.50 -33.58
N TYR A 157 32.20 -21.60 -33.39
CA TYR A 157 31.40 -21.85 -32.21
C TYR A 157 31.72 -23.25 -31.69
N GLU A 158 31.28 -23.53 -30.46
CA GLU A 158 31.31 -24.89 -29.97
C GLU A 158 30.21 -25.71 -30.62
N ILE A 159 30.27 -27.02 -30.44
CA ILE A 159 29.34 -27.92 -31.13
C ILE A 159 27.91 -27.66 -30.68
N TYR A 160 27.69 -27.51 -29.37
CA TYR A 160 26.35 -27.20 -28.87
C TYR A 160 25.88 -25.83 -29.37
N SER A 161 26.76 -24.83 -29.32
CA SER A 161 26.41 -23.52 -29.83
C SER A 161 26.19 -23.55 -31.33
N LEU A 162 26.98 -24.36 -32.04
CA LEU A 162 26.78 -24.51 -33.48
C LEU A 162 25.41 -25.11 -33.78
N ALA A 163 25.00 -26.12 -33.01
CA ALA A 163 23.68 -26.72 -33.19
C ALA A 163 22.58 -25.71 -32.92
N LEU A 164 22.72 -24.92 -31.85
CA LEU A 164 21.72 -23.90 -31.55
C LEU A 164 21.63 -22.86 -32.67
N VAL A 165 22.78 -22.42 -33.18
CA VAL A 165 22.78 -21.42 -34.25
C VAL A 165 22.16 -21.99 -35.52
N THR A 166 22.46 -23.25 -35.83
CA THR A 166 21.86 -23.89 -37.00
C THR A 166 20.35 -23.99 -36.84
N TRP A 167 19.88 -24.35 -35.65
CA TRP A 167 18.45 -24.40 -35.40
C TRP A 167 17.82 -23.04 -35.65
N ARG A 168 18.41 -21.99 -35.07
CA ARG A 168 17.86 -20.64 -35.22
C ARG A 168 17.84 -20.21 -36.68
N ASP A 169 18.87 -20.58 -37.44
CA ASP A 169 18.95 -20.14 -38.83
C ASP A 169 18.03 -20.94 -39.75
N CYS A 170 17.82 -22.23 -39.48
CA CYS A 170 17.09 -23.09 -40.41
C CYS A 170 15.63 -23.32 -40.03
N LEU A 171 15.35 -23.71 -38.78
CA LEU A 171 14.00 -24.12 -38.43
C LEU A 171 13.22 -23.07 -37.64
N PHE A 172 13.90 -22.30 -36.79
CA PHE A 172 13.19 -21.31 -35.99
C PHE A 172 12.67 -20.16 -36.84
N ARG A 173 13.46 -19.70 -37.81
CA ARG A 173 13.07 -18.53 -38.59
C ARG A 173 11.79 -18.74 -39.40
N PRO A 174 11.62 -19.81 -40.18
CA PRO A 174 10.38 -19.96 -40.93
C PRO A 174 9.14 -20.15 -40.08
N LEU A 175 9.25 -20.82 -38.92
CA LEU A 175 8.09 -21.21 -38.14
C LEU A 175 7.78 -20.27 -36.99
N ASN A 176 8.57 -19.21 -36.80
CA ASN A 176 8.38 -18.36 -35.63
C ASN A 176 7.03 -17.65 -35.66
N LYS A 177 6.62 -17.18 -36.84
CA LYS A 177 5.35 -16.47 -36.95
C LYS A 177 4.18 -17.39 -36.59
N GLN A 178 4.15 -18.59 -37.18
CA GLN A 178 3.06 -19.52 -36.88
C GLN A 178 3.07 -19.93 -35.41
N VAL A 179 4.24 -20.22 -34.85
CA VAL A 179 4.31 -20.66 -33.46
C VAL A 179 3.83 -19.54 -32.54
N THR A 180 4.27 -18.31 -32.78
CA THR A 180 3.85 -17.20 -31.93
C THR A 180 2.36 -16.94 -32.05
N ASN A 181 1.82 -16.97 -33.28
CA ASN A 181 0.40 -16.74 -33.45
C ASN A 181 -0.43 -17.81 -32.75
N ALA A 182 -0.02 -19.08 -32.87
CA ALA A 182 -0.78 -20.14 -32.23
C ALA A 182 -0.67 -20.07 -30.70
N VAL A 183 0.51 -19.69 -30.19
CA VAL A 183 0.65 -19.53 -28.75
C VAL A 183 -0.24 -18.40 -28.23
N LEU A 184 -0.29 -17.29 -28.98
CA LEU A 184 -1.16 -16.19 -28.58
C LEU A 184 -2.63 -16.60 -28.63
N LYS A 185 -3.02 -17.37 -29.65
CA LYS A 185 -4.40 -17.85 -29.71
C LYS A 185 -4.72 -18.77 -28.54
N LEU A 186 -3.78 -19.63 -28.16
CA LEU A 186 -4.00 -20.53 -27.03
C LEU A 186 -4.12 -19.75 -25.72
N ILE A 187 -3.31 -18.71 -25.54
CA ILE A 187 -3.41 -17.86 -24.36
C ILE A 187 -4.77 -17.16 -24.34
N GLU A 188 -5.23 -16.67 -25.49
CA GLU A 188 -6.53 -16.03 -25.55
C GLU A 188 -7.65 -17.01 -25.21
N LYS A 189 -7.51 -18.26 -25.68
CA LYS A 189 -8.49 -19.29 -25.32
C LYS A 189 -8.52 -19.53 -23.81
N GLU A 190 -7.33 -19.55 -23.19
CA GLU A 190 -7.29 -19.69 -21.73
C GLU A 190 -7.97 -18.52 -21.04
N ARG A 191 -7.75 -17.30 -21.54
CA ARG A 191 -8.35 -16.12 -20.91
C ARG A 191 -9.87 -16.18 -20.98
N ASN A 192 -10.43 -16.79 -22.02
CA ASN A 192 -11.88 -16.85 -22.15
C ASN A 192 -12.51 -17.87 -21.20
N GLY A 193 -11.72 -18.79 -20.65
CA GLY A 193 -12.24 -19.72 -19.67
C GLY A 193 -11.86 -21.17 -19.88
N GLU A 194 -11.35 -21.50 -21.07
CA GLU A 194 -11.01 -22.88 -21.37
C GLU A 194 -9.75 -23.30 -20.63
N THR A 195 -9.62 -24.61 -20.43
CA THR A 195 -8.46 -25.21 -19.78
C THR A 195 -7.54 -25.76 -20.87
N ILE A 196 -6.26 -25.36 -20.82
CA ILE A 196 -5.30 -25.67 -21.86
C ILE A 196 -4.12 -26.40 -21.25
N ASN A 197 -3.29 -26.99 -22.11
CA ASN A 197 -2.04 -27.61 -21.70
C ASN A 197 -0.96 -26.54 -21.66
N THR A 198 -0.47 -26.24 -20.45
CA THR A 198 0.49 -25.15 -20.27
C THR A 198 1.91 -25.54 -20.64
N ARG A 199 2.18 -26.82 -20.89
CA ARG A 199 3.54 -27.24 -21.25
C ARG A 199 3.89 -26.94 -22.70
N LEU A 200 2.91 -26.63 -23.54
CA LEU A 200 3.21 -26.23 -24.91
C LEU A 200 3.80 -24.82 -24.95
N ILE A 201 3.26 -23.90 -24.15
CA ILE A 201 3.76 -22.54 -24.13
C ILE A 201 5.14 -22.47 -23.48
N SER A 202 5.33 -23.21 -22.39
CA SER A 202 6.60 -23.15 -21.66
C SER A 202 7.76 -23.64 -22.51
N GLY A 203 7.55 -24.70 -23.29
CA GLY A 203 8.62 -25.18 -24.15
C GLY A 203 9.01 -24.17 -25.20
N VAL A 204 8.02 -23.52 -25.82
CA VAL A 204 8.30 -22.48 -26.81
C VAL A 204 9.05 -21.32 -26.17
N VAL A 205 8.64 -20.90 -24.98
CA VAL A 205 9.31 -19.79 -24.30
C VAL A 205 10.75 -20.15 -23.98
N GLN A 206 10.98 -21.36 -23.47
CA GLN A 206 12.34 -21.78 -23.16
C GLN A 206 13.20 -21.86 -24.41
N SER A 207 12.64 -22.37 -25.51
CA SER A 207 13.39 -22.41 -26.77
C SER A 207 13.74 -21.02 -27.25
N TYR A 208 12.80 -20.08 -27.15
CA TYR A 208 13.09 -18.70 -27.56
C TYR A 208 14.17 -18.08 -26.70
N VAL A 209 14.12 -18.32 -25.39
CA VAL A 209 15.12 -17.76 -24.49
C VAL A 209 16.50 -18.34 -24.79
N GLU A 210 16.58 -19.66 -25.01
CA GLU A 210 17.88 -20.30 -25.20
C GLU A 210 18.53 -19.87 -26.51
N LEU A 211 17.73 -19.69 -27.57
CA LEU A 211 18.29 -19.40 -28.88
C LEU A 211 19.00 -18.05 -28.95
N GLY A 212 18.74 -17.17 -27.98
CA GLY A 212 19.39 -15.87 -27.95
C GLY A 212 20.77 -15.93 -27.34
N LEU A 213 21.75 -16.44 -28.07
CA LEU A 213 23.12 -16.55 -27.58
C LEU A 213 23.97 -15.44 -28.17
N ASN A 214 24.87 -14.90 -27.35
CA ASN A 214 25.71 -13.78 -27.77
C ASN A 214 26.71 -14.23 -28.83
N GLU A 215 26.84 -13.45 -29.90
CA GLU A 215 27.76 -13.78 -30.98
C GLU A 215 29.21 -13.47 -30.61
N ASP A 216 29.44 -12.40 -29.84
CA ASP A 216 30.81 -11.99 -29.53
C ASP A 216 31.50 -13.03 -28.65
N ASP A 217 30.87 -13.43 -27.56
CA ASP A 217 31.45 -14.41 -26.65
C ASP A 217 30.36 -14.93 -25.74
N ALA A 218 30.61 -16.12 -25.17
CA ALA A 218 29.69 -16.74 -24.22
C ALA A 218 30.07 -16.47 -22.77
N PHE A 219 31.13 -15.68 -22.53
CA PHE A 219 31.57 -15.38 -21.18
C PHE A 219 30.68 -14.38 -20.46
N ALA A 220 29.79 -13.70 -21.17
CA ALA A 220 28.91 -12.71 -20.54
C ALA A 220 27.95 -13.40 -19.58
N LYS A 221 27.78 -12.81 -18.40
CA LYS A 221 26.90 -13.36 -17.40
C LYS A 221 25.46 -12.93 -17.65
N GLY A 222 24.52 -13.74 -17.18
CA GLY A 222 23.12 -13.47 -17.33
C GLY A 222 22.57 -13.96 -18.65
N PRO A 223 21.26 -14.07 -18.75
CA PRO A 223 20.64 -14.53 -20.00
C PRO A 223 20.39 -13.39 -20.98
N THR A 224 20.54 -13.72 -22.25
CA THR A 224 20.28 -12.77 -23.33
C THR A 224 18.87 -13.01 -23.87
N LEU A 225 18.06 -11.96 -23.84
CA LEU A 225 16.64 -12.06 -24.19
C LEU A 225 16.32 -11.31 -25.49
N THR A 226 17.29 -11.21 -26.39
CA THR A 226 17.07 -10.50 -27.64
C THR A 226 16.01 -11.18 -28.49
N VAL A 227 16.11 -12.50 -28.64
CA VAL A 227 15.12 -13.23 -29.44
C VAL A 227 13.77 -13.28 -28.73
N TYR A 228 13.79 -13.45 -27.41
CA TYR A 228 12.54 -13.55 -26.64
C TYR A 228 11.75 -12.25 -26.71
N LYS A 229 12.42 -11.10 -26.57
CA LYS A 229 11.71 -9.82 -26.58
C LYS A 229 11.26 -9.44 -27.97
N GLU A 230 12.11 -9.65 -28.98
CA GLU A 230 11.81 -9.18 -30.33
C GLU A 230 10.83 -10.07 -31.08
N SER A 231 10.47 -11.22 -30.52
CA SER A 231 9.55 -12.14 -31.19
C SER A 231 8.31 -12.49 -30.39
N PHE A 232 8.37 -12.42 -29.05
CA PHE A 232 7.23 -12.83 -28.24
C PHE A 232 6.68 -11.74 -27.35
N GLU A 233 7.54 -11.02 -26.62
CA GLU A 233 7.07 -10.12 -25.56
C GLU A 233 6.24 -8.97 -26.11
N SER A 234 6.69 -8.36 -27.22
CA SER A 234 5.98 -7.21 -27.76
C SER A 234 4.56 -7.58 -28.18
N GLN A 235 4.42 -8.67 -28.93
CA GLN A 235 3.10 -9.12 -29.35
C GLN A 235 2.26 -9.52 -28.15
N PHE A 236 2.86 -10.19 -27.17
CA PHE A 236 2.10 -10.61 -25.99
C PHE A 236 1.55 -9.40 -25.22
N LEU A 237 2.38 -8.38 -25.03
CA LEU A 237 1.95 -7.20 -24.29
C LEU A 237 0.89 -6.43 -25.06
N ALA A 238 1.06 -6.29 -26.39
CA ALA A 238 0.06 -5.59 -27.18
C ALA A 238 -1.28 -6.32 -27.13
N ASP A 239 -1.26 -7.65 -27.27
CA ASP A 239 -2.49 -8.43 -27.21
C ASP A 239 -3.15 -8.31 -25.83
N THR A 240 -2.34 -8.35 -24.77
CA THR A 240 -2.89 -8.20 -23.43
C THR A 240 -3.57 -6.84 -23.26
N GLU A 241 -2.92 -5.78 -23.73
CA GLU A 241 -3.50 -4.44 -23.63
C GLU A 241 -4.83 -4.38 -24.37
N ARG A 242 -4.85 -4.87 -25.61
CA ARG A 242 -6.09 -4.82 -26.40
C ARG A 242 -7.20 -5.63 -25.75
N PHE A 243 -6.87 -6.85 -25.29
CA PHE A 243 -7.87 -7.72 -24.70
C PHE A 243 -8.48 -7.09 -23.46
N TYR A 244 -7.64 -6.55 -22.57
CA TYR A 244 -8.17 -6.02 -21.33
C TYR A 244 -8.89 -4.69 -21.54
N THR A 245 -8.43 -3.87 -22.50
CA THR A 245 -9.18 -2.67 -22.84
C THR A 245 -10.58 -3.02 -23.32
N ARG A 246 -10.67 -3.98 -24.24
CA ARG A 246 -11.98 -4.38 -24.75
C ARG A 246 -12.86 -4.94 -23.63
N GLU A 247 -12.30 -5.79 -22.77
CA GLU A 247 -13.09 -6.40 -21.71
C GLU A 247 -13.59 -5.36 -20.71
N SER A 248 -12.73 -4.44 -20.31
CA SER A 248 -13.15 -3.40 -19.36
C SER A 248 -14.21 -2.50 -19.98
N THR A 249 -14.03 -2.10 -21.24
CA THR A 249 -15.01 -1.23 -21.88
C THR A 249 -16.36 -1.93 -22.00
N GLU A 250 -16.36 -3.21 -22.35
CA GLU A 250 -17.63 -3.93 -22.47
C GLU A 250 -18.28 -4.14 -21.11
N PHE A 251 -17.49 -4.42 -20.07
CA PHE A 251 -18.06 -4.75 -18.77
C PHE A 251 -18.61 -3.52 -18.07
N LEU A 252 -17.88 -2.40 -18.12
CA LEU A 252 -18.32 -1.20 -17.39
C LEU A 252 -19.60 -0.61 -17.96
N GLN A 253 -19.95 -0.93 -19.20
CA GLN A 253 -21.15 -0.38 -19.82
C GLN A 253 -22.43 -1.05 -19.31
N GLN A 254 -22.34 -2.31 -18.88
CA GLN A 254 -23.52 -3.09 -18.53
C GLN A 254 -23.56 -3.56 -17.09
N ASN A 255 -22.63 -3.15 -16.25
CA ASN A 255 -22.56 -3.60 -14.87
C ASN A 255 -22.11 -2.45 -13.99
N PRO A 256 -22.45 -2.50 -12.70
CA PRO A 256 -21.97 -1.47 -11.77
C PRO A 256 -20.47 -1.60 -11.51
N VAL A 257 -19.92 -0.55 -10.91
CA VAL A 257 -18.49 -0.52 -10.61
C VAL A 257 -18.12 -1.54 -9.55
N THR A 258 -19.06 -1.87 -8.66
CA THR A 258 -18.78 -2.81 -7.58
C THR A 258 -18.38 -4.17 -8.11
N GLU A 259 -19.09 -4.68 -9.12
CA GLU A 259 -18.70 -5.95 -9.73
C GLU A 259 -17.41 -5.80 -10.54
N TYR A 260 -17.19 -4.63 -11.13
CA TYR A 260 -15.98 -4.43 -11.93
C TYR A 260 -14.72 -4.50 -11.07
N MET A 261 -14.80 -4.01 -9.83
CA MET A 261 -13.62 -4.06 -8.97
C MET A 261 -13.24 -5.50 -8.64
N LYS A 262 -14.23 -6.35 -8.34
CA LYS A 262 -13.97 -7.75 -8.10
C LYS A 262 -13.41 -8.43 -9.35
N LYS A 263 -13.98 -8.09 -10.52
CA LYS A 263 -13.47 -8.65 -11.77
C LYS A 263 -12.01 -8.26 -11.99
N ALA A 264 -11.66 -7.00 -11.71
CA ALA A 264 -10.29 -6.54 -11.90
C ALA A 264 -9.34 -7.26 -10.95
N GLU A 265 -9.75 -7.44 -9.69
CA GLU A 265 -8.90 -8.17 -8.75
C GLU A 265 -8.67 -9.61 -9.22
N ALA A 266 -9.72 -10.27 -9.68
CA ALA A 266 -9.58 -11.64 -10.16
C ALA A 266 -8.67 -11.70 -11.37
N ARG A 267 -8.80 -10.74 -12.29
CA ARG A 267 -7.96 -10.72 -13.48
C ARG A 267 -6.50 -10.49 -13.12
N LEU A 268 -6.24 -9.61 -12.14
CA LEU A 268 -4.86 -9.38 -11.72
C LEU A 268 -4.25 -10.63 -11.12
N LEU A 269 -5.00 -11.34 -10.28
CA LEU A 269 -4.50 -12.60 -9.71
C LEU A 269 -4.23 -13.62 -10.80
N GLU A 270 -5.14 -13.71 -11.78
CA GLU A 270 -4.97 -14.66 -12.88
C GLU A 270 -3.72 -14.33 -13.68
N GLU A 271 -3.47 -13.05 -13.94
CA GLU A 271 -2.27 -12.66 -14.68
C GLU A 271 -1.01 -12.99 -13.90
N GLN A 272 -1.03 -12.79 -12.57
CA GLN A 272 0.11 -13.17 -11.75
C GLN A 272 0.40 -14.66 -11.88
N ARG A 273 -0.65 -15.48 -11.77
CA ARG A 273 -0.46 -16.93 -11.94
C ARG A 273 0.08 -17.26 -13.31
N ARG A 274 -0.46 -16.61 -14.35
CA ARG A 274 -0.02 -16.85 -15.72
C ARG A 274 1.47 -16.62 -15.88
N VAL A 275 1.93 -15.43 -15.47
CA VAL A 275 3.33 -15.06 -15.67
C VAL A 275 4.23 -15.91 -14.80
N GLN A 276 3.77 -16.32 -13.61
CA GLN A 276 4.60 -17.19 -12.79
C GLN A 276 4.69 -18.60 -13.36
N VAL A 277 3.65 -19.08 -14.03
CA VAL A 277 3.62 -20.47 -14.46
C VAL A 277 4.31 -20.65 -15.80
N TYR A 278 3.86 -19.96 -16.85
CA TYR A 278 4.40 -20.29 -18.17
C TYR A 278 4.87 -19.05 -18.92
N LEU A 279 5.63 -18.20 -18.24
CA LEU A 279 6.35 -17.11 -18.88
C LEU A 279 7.70 -16.93 -18.18
N HIS A 280 8.51 -16.03 -18.73
CA HIS A 280 9.80 -15.73 -18.13
C HIS A 280 9.66 -14.70 -17.02
N GLU A 281 10.64 -14.67 -16.12
CA GLU A 281 10.56 -13.78 -14.96
C GLU A 281 10.76 -12.32 -15.32
N SER A 282 11.40 -12.02 -16.45
CA SER A 282 11.64 -10.64 -16.83
C SER A 282 10.38 -9.93 -17.30
N THR A 283 9.29 -10.65 -17.51
CA THR A 283 8.03 -10.09 -17.99
C THR A 283 7.10 -9.69 -16.85
N GLN A 284 7.43 -10.08 -15.61
CA GLN A 284 6.49 -9.91 -14.50
C GLN A 284 6.17 -8.44 -14.25
N ASP A 285 7.21 -7.61 -14.08
CA ASP A 285 6.98 -6.21 -13.74
C ASP A 285 6.26 -5.47 -14.86
N GLU A 286 6.68 -5.69 -16.11
CA GLU A 286 6.05 -5.01 -17.23
C GLU A 286 4.60 -5.43 -17.38
N LEU A 287 4.31 -6.73 -17.24
CA LEU A 287 2.92 -7.19 -17.35
C LEU A 287 2.07 -6.62 -16.23
N ALA A 288 2.60 -6.60 -15.00
CA ALA A 288 1.84 -6.03 -13.90
C ALA A 288 1.55 -4.55 -14.13
N ARG A 289 2.55 -3.80 -14.59
CA ARG A 289 2.34 -2.38 -14.86
C ARG A 289 1.28 -2.17 -15.93
N LYS A 290 1.38 -2.90 -17.05
CA LYS A 290 0.42 -2.73 -18.14
C LYS A 290 -0.99 -3.10 -17.70
N CYS A 291 -1.13 -4.23 -17.00
CA CYS A 291 -2.46 -4.67 -16.56
C CYS A 291 -3.07 -3.68 -15.59
N GLU A 292 -2.29 -3.24 -14.60
CA GLU A 292 -2.81 -2.27 -13.65
C GLU A 292 -3.21 -0.98 -14.33
N GLN A 293 -2.36 -0.48 -15.24
CA GLN A 293 -2.69 0.75 -15.96
C GLN A 293 -4.00 0.60 -16.72
N VAL A 294 -4.10 -0.43 -17.56
CA VAL A 294 -5.27 -0.59 -18.42
C VAL A 294 -6.53 -0.79 -17.59
N LEU A 295 -6.44 -1.53 -16.49
CA LEU A 295 -7.63 -1.90 -15.74
C LEU A 295 -8.06 -0.88 -14.70
N ILE A 296 -7.17 0.04 -14.28
CA ILE A 296 -7.49 0.99 -13.23
C ILE A 296 -7.30 2.44 -13.70
N GLU A 297 -6.13 2.76 -14.23
CA GLU A 297 -5.77 4.16 -14.43
C GLU A 297 -6.60 4.83 -15.51
N LYS A 298 -7.28 4.06 -16.36
CA LYS A 298 -8.13 4.62 -17.39
C LYS A 298 -9.57 4.85 -16.92
N HIS A 299 -9.90 4.47 -15.69
CA HIS A 299 -11.24 4.62 -15.15
C HIS A 299 -11.23 5.39 -13.83
N LEU A 300 -10.28 6.31 -13.67
CA LEU A 300 -10.12 7.00 -12.40
C LEU A 300 -11.28 7.94 -12.12
N GLU A 301 -11.82 8.61 -13.15
CA GLU A 301 -12.97 9.48 -12.93
C GLU A 301 -14.19 8.69 -12.49
N ILE A 302 -14.43 7.54 -13.12
CA ILE A 302 -15.53 6.67 -12.71
C ILE A 302 -15.31 6.21 -11.28
N PHE A 303 -14.06 5.87 -10.93
CA PHE A 303 -13.77 5.44 -9.57
C PHE A 303 -14.03 6.55 -8.56
N HIS A 304 -13.69 7.80 -8.91
CA HIS A 304 -13.94 8.92 -8.01
C HIS A 304 -15.44 9.15 -7.80
N THR A 305 -16.22 9.10 -8.89
CA THR A 305 -17.67 9.26 -8.76
C THR A 305 -18.27 8.15 -7.91
N GLU A 306 -17.82 6.90 -8.13
CA GLU A 306 -18.31 5.79 -7.31
C GLU A 306 -17.85 5.91 -5.86
N PHE A 307 -16.67 6.49 -5.63
CA PHE A 307 -16.22 6.73 -4.27
C PHE A 307 -17.15 7.70 -3.55
N GLN A 308 -17.55 8.77 -4.24
CA GLN A 308 -18.50 9.69 -3.64
C GLN A 308 -19.83 9.01 -3.37
N ASN A 309 -20.30 8.19 -4.32
CA ASN A 309 -21.58 7.50 -4.15
C ASN A 309 -21.53 6.54 -2.96
N LEU A 310 -20.42 5.81 -2.81
CA LEU A 310 -20.29 4.86 -1.71
C LEU A 310 -20.09 5.57 -0.38
N LEU A 311 -19.52 6.77 -0.40
CA LEU A 311 -19.47 7.56 0.84
C LEU A 311 -20.86 8.02 1.24
N ASP A 312 -21.68 8.42 0.25
CA ASP A 312 -23.03 8.89 0.57
C ASP A 312 -23.87 7.79 1.20
N ALA A 313 -23.82 6.58 0.65
CA ALA A 313 -24.54 5.43 1.18
C ALA A 313 -23.52 4.44 1.71
N ASP A 314 -23.47 4.30 3.03
CA ASP A 314 -22.38 3.59 3.70
C ASP A 314 -22.20 2.16 3.22
N LYS A 315 -21.09 1.89 2.54
CA LYS A 315 -20.71 0.56 2.08
C LYS A 315 -19.20 0.44 2.30
N ASN A 316 -18.81 -0.14 3.43
CA ASN A 316 -17.41 -0.13 3.84
C ASN A 316 -16.57 -1.11 3.02
N GLU A 317 -17.13 -2.27 2.69
CA GLU A 317 -16.36 -3.26 1.94
C GLU A 317 -15.98 -2.75 0.56
N ASP A 318 -16.91 -2.08 -0.12
CA ASP A 318 -16.60 -1.52 -1.42
C ASP A 318 -15.54 -0.43 -1.32
N LEU A 319 -15.60 0.39 -0.27
CA LEU A 319 -14.57 1.41 -0.06
C LEU A 319 -13.21 0.77 0.15
N GLY A 320 -13.15 -0.30 0.94
CA GLY A 320 -11.88 -0.99 1.14
C GLY A 320 -11.35 -1.59 -0.14
N ARG A 321 -12.22 -2.20 -0.95
CA ARG A 321 -11.79 -2.76 -2.23
C ARG A 321 -11.26 -1.67 -3.16
N MET A 322 -11.94 -0.52 -3.20
CA MET A 322 -11.46 0.59 -4.02
C MET A 322 -10.10 1.10 -3.52
N TYR A 323 -9.94 1.18 -2.20
CA TYR A 323 -8.65 1.60 -1.67
C TYR A 323 -7.55 0.63 -2.05
N ASN A 324 -7.84 -0.67 -2.01
CA ASN A 324 -6.86 -1.67 -2.42
C ASN A 324 -6.51 -1.53 -3.89
N LEU A 325 -7.51 -1.27 -4.74
CA LEU A 325 -7.26 -1.18 -6.17
C LEU A 325 -6.45 0.07 -6.52
N VAL A 326 -6.85 1.23 -6.01
CA VAL A 326 -6.20 2.48 -6.39
C VAL A 326 -4.82 2.61 -5.75
N SER A 327 -4.52 1.82 -4.72
CA SER A 327 -3.22 1.89 -4.07
C SER A 327 -2.06 1.47 -4.96
N ARG A 328 -2.34 0.83 -6.09
CA ARG A 328 -1.30 0.35 -6.99
C ARG A 328 -0.85 1.39 -8.01
N ILE A 329 -1.42 2.58 -7.99
CA ILE A 329 -1.10 3.65 -8.94
C ILE A 329 -0.42 4.78 -8.18
N GLN A 330 0.71 5.24 -8.68
CA GLN A 330 1.46 6.30 -8.03
C GLN A 330 0.64 7.59 -8.00
N ASP A 331 0.59 8.22 -6.82
CA ASP A 331 -0.13 9.48 -6.63
C ASP A 331 -1.59 9.37 -7.06
N GLY A 332 -2.24 8.28 -6.67
CA GLY A 332 -3.63 8.07 -7.02
C GLY A 332 -4.59 8.21 -5.86
N LEU A 333 -4.06 8.35 -4.65
CA LEU A 333 -4.87 8.42 -3.45
C LEU A 333 -5.16 9.85 -2.98
N GLY A 334 -4.59 10.86 -3.64
CA GLY A 334 -4.82 12.23 -3.21
C GLY A 334 -6.25 12.68 -3.39
N GLU A 335 -6.85 12.36 -4.54
CA GLU A 335 -8.24 12.74 -4.79
C GLU A 335 -9.17 12.09 -3.78
N LEU A 336 -8.92 10.81 -3.45
CA LEU A 336 -9.73 10.14 -2.45
C LEU A 336 -9.62 10.82 -1.10
N LYS A 337 -8.41 11.23 -0.71
CA LYS A 337 -8.23 11.92 0.56
C LYS A 337 -8.98 13.24 0.60
N LYS A 338 -8.89 14.02 -0.48
CA LYS A 338 -9.60 15.29 -0.53
C LYS A 338 -11.11 15.08 -0.47
N LEU A 339 -11.62 14.10 -1.22
CA LEU A 339 -13.06 13.84 -1.20
C LEU A 339 -13.52 13.39 0.17
N LEU A 340 -12.74 12.54 0.84
CA LEU A 340 -13.10 12.09 2.18
C LEU A 340 -13.12 13.25 3.17
N GLU A 341 -12.12 14.14 3.09
CA GLU A 341 -12.08 15.28 3.98
C GLU A 341 -13.30 16.18 3.77
N THR A 342 -13.64 16.47 2.52
CA THR A 342 -14.80 17.30 2.24
C THR A 342 -16.08 16.64 2.73
N HIS A 343 -16.21 15.33 2.52
CA HIS A 343 -17.40 14.61 2.96
C HIS A 343 -17.55 14.64 4.47
N ILE A 344 -16.45 14.43 5.20
CA ILE A 344 -16.53 14.45 6.66
C ILE A 344 -16.89 15.84 7.16
N HIS A 345 -16.30 16.88 6.56
CA HIS A 345 -16.64 18.24 6.96
C HIS A 345 -18.12 18.54 6.76
N ASN A 346 -18.63 18.20 5.57
CA ASN A 346 -20.04 18.46 5.27
C ASN A 346 -20.96 17.65 6.19
N GLN A 347 -20.60 16.40 6.46
CA GLN A 347 -21.42 15.57 7.33
C GLN A 347 -21.48 16.15 8.74
N GLY A 348 -20.34 16.58 9.27
CA GLY A 348 -20.34 17.19 10.59
C GLY A 348 -21.15 18.47 10.65
N LEU A 349 -21.01 19.33 9.64
CA LEU A 349 -21.78 20.56 9.61
C LEU A 349 -23.28 20.28 9.54
N ALA A 350 -23.68 19.33 8.70
CA ALA A 350 -25.09 18.98 8.58
C ALA A 350 -25.63 18.38 9.87
N ALA A 351 -24.83 17.54 10.53
CA ALA A 351 -25.27 16.94 11.79
C ALA A 351 -25.46 17.99 12.87
N ILE A 352 -24.55 18.96 12.95
CA ILE A 352 -24.69 20.02 13.95
C ILE A 352 -25.88 20.92 13.62
N GLU A 353 -26.09 21.22 12.33
CA GLU A 353 -27.14 22.14 11.94
C GLU A 353 -28.54 21.60 12.24
N LYS A 354 -28.73 20.28 12.19
CA LYS A 354 -30.04 19.71 12.43
C LYS A 354 -30.53 19.90 13.85
N CYS A 355 -29.62 20.10 14.81
CA CYS A 355 -30.04 20.28 16.20
C CYS A 355 -30.86 21.55 16.37
N GLY A 356 -30.46 22.63 15.71
CA GLY A 356 -31.20 23.87 15.77
C GLY A 356 -30.76 24.79 16.90
N GLU A 357 -31.69 25.55 17.46
CA GLU A 357 -31.39 26.45 18.56
C GLU A 357 -31.31 25.74 19.91
N ALA A 358 -31.72 24.46 19.97
CA ALA A 358 -31.65 23.73 21.23
C ALA A 358 -30.21 23.42 21.62
N ALA A 359 -29.33 23.23 20.64
CA ALA A 359 -27.93 22.91 20.92
C ALA A 359 -27.18 24.09 21.53
N LEU A 360 -27.73 25.30 21.48
CA LEU A 360 -27.05 26.45 22.07
C LEU A 360 -26.98 26.34 23.58
N ASN A 361 -28.01 25.78 24.22
CA ASN A 361 -28.06 25.66 25.67
C ASN A 361 -28.14 24.20 26.12
N ASP A 362 -27.78 23.26 25.27
CA ASP A 362 -27.77 21.84 25.60
C ASP A 362 -26.42 21.26 25.24
N PRO A 363 -25.45 21.28 26.17
CA PRO A 363 -24.12 20.75 25.86
C PRO A 363 -24.12 19.29 25.48
N LYS A 364 -25.00 18.49 26.07
CA LYS A 364 -25.00 17.05 25.82
C LYS A 364 -25.27 16.75 24.36
N MET A 365 -26.27 17.39 23.77
CA MET A 365 -26.61 17.14 22.37
C MET A 365 -25.46 17.51 21.45
N TYR A 366 -24.86 18.68 21.69
CA TYR A 366 -23.75 19.16 20.85
C TYR A 366 -22.57 18.19 20.91
N VAL A 367 -22.13 17.85 22.12
CA VAL A 367 -20.96 16.99 22.26
C VAL A 367 -21.26 15.59 21.73
N GLN A 368 -22.47 15.09 21.96
CA GLN A 368 -22.81 13.75 21.48
C GLN A 368 -22.85 13.69 19.96
N THR A 369 -23.36 14.75 19.30
CA THR A 369 -23.34 14.77 17.85
C THR A 369 -21.92 14.77 17.32
N VAL A 370 -21.06 15.63 17.89
CA VAL A 370 -19.66 15.67 17.46
C VAL A 370 -19.00 14.32 17.65
N LEU A 371 -19.23 13.69 18.81
CA LEU A 371 -18.62 12.40 19.11
C LEU A 371 -19.12 11.31 18.18
N ASP A 372 -20.41 11.32 17.84
CA ASP A 372 -20.94 10.30 16.94
C ASP A 372 -20.30 10.41 15.57
N VAL A 373 -20.20 11.63 15.03
CA VAL A 373 -19.57 11.80 13.72
C VAL A 373 -18.12 11.33 13.76
N HIS A 374 -17.37 11.77 14.79
CA HIS A 374 -15.97 11.41 14.88
C HIS A 374 -15.77 9.91 15.02
N LYS A 375 -16.58 9.25 15.85
CA LYS A 375 -16.44 7.82 16.06
C LYS A 375 -16.75 7.05 14.78
N LYS A 376 -17.83 7.42 14.08
CA LYS A 376 -18.18 6.74 12.85
C LYS A 376 -17.05 6.83 11.83
N TYR A 377 -16.53 8.04 11.62
CA TYR A 377 -15.53 8.16 10.56
C TYR A 377 -14.16 7.64 10.99
N ASN A 378 -13.85 7.67 12.29
CA ASN A 378 -12.63 7.03 12.76
C ASN A 378 -12.68 5.51 12.56
N ALA A 379 -13.83 4.90 12.85
CA ALA A 379 -13.99 3.48 12.58
C ALA A 379 -13.86 3.19 11.10
N LEU A 380 -14.45 4.04 10.26
CA LEU A 380 -14.32 3.85 8.82
C LEU A 380 -12.86 3.93 8.37
N VAL A 381 -12.11 4.89 8.89
CA VAL A 381 -10.71 5.03 8.50
C VAL A 381 -9.90 3.83 8.95
N MET A 382 -10.09 3.38 10.19
CA MET A 382 -9.33 2.22 10.66
C MET A 382 -9.67 0.96 9.88
N SER A 383 -10.95 0.74 9.58
CA SER A 383 -11.35 -0.52 8.96
C SER A 383 -11.05 -0.52 7.46
N ALA A 384 -11.63 0.41 6.72
CA ALA A 384 -11.56 0.36 5.26
C ALA A 384 -10.18 0.75 4.74
N PHE A 385 -9.58 1.80 5.30
CA PHE A 385 -8.38 2.40 4.73
C PHE A 385 -7.10 1.96 5.42
N ASN A 386 -7.15 0.92 6.25
CA ASN A 386 -5.97 0.30 6.85
C ASN A 386 -5.19 1.27 7.74
N ASN A 387 -5.85 2.33 8.22
CA ASN A 387 -5.26 3.31 9.13
C ASN A 387 -4.03 3.98 8.50
N ASP A 388 -4.24 4.57 7.34
CA ASP A 388 -3.18 5.27 6.64
C ASP A 388 -2.99 6.67 7.20
N ALA A 389 -1.78 7.20 7.03
CA ALA A 389 -1.45 8.52 7.58
C ALA A 389 -2.23 9.63 6.88
N GLY A 390 -2.36 9.56 5.57
CA GLY A 390 -3.08 10.59 4.85
C GLY A 390 -4.54 10.66 5.25
N PHE A 391 -5.18 9.51 5.43
CA PHE A 391 -6.60 9.50 5.76
C PHE A 391 -6.85 9.98 7.18
N VAL A 392 -6.00 9.59 8.13
CA VAL A 392 -6.16 10.10 9.49
C VAL A 392 -5.87 11.60 9.53
N ALA A 393 -4.92 12.07 8.71
CA ALA A 393 -4.69 13.51 8.62
C ALA A 393 -5.92 14.24 8.07
N ALA A 394 -6.55 13.68 7.04
CA ALA A 394 -7.76 14.29 6.48
C ALA A 394 -8.88 14.32 7.51
N LEU A 395 -9.06 13.22 8.26
CA LEU A 395 -10.06 13.20 9.31
C LEU A 395 -9.79 14.26 10.37
N ASP A 396 -8.52 14.40 10.78
CA ASP A 396 -8.17 15.41 11.77
C ASP A 396 -8.44 16.81 11.26
N LYS A 397 -8.10 17.10 10.01
CA LYS A 397 -8.36 18.41 9.44
C LYS A 397 -9.86 18.71 9.38
N ALA A 398 -10.65 17.73 8.93
CA ALA A 398 -12.09 17.93 8.86
C ALA A 398 -12.69 18.18 10.24
N CYS A 399 -12.25 17.39 11.24
CA CYS A 399 -12.76 17.58 12.59
C CYS A 399 -12.39 18.95 13.15
N GLY A 400 -11.14 19.37 12.95
CA GLY A 400 -10.73 20.69 13.39
C GLY A 400 -11.49 21.80 12.70
N ARG A 401 -11.85 21.61 11.44
CA ARG A 401 -12.63 22.63 10.74
C ARG A 401 -14.05 22.71 11.27
N PHE A 402 -14.73 21.57 11.43
CA PHE A 402 -16.15 21.63 11.76
C PHE A 402 -16.42 21.71 13.25
N ILE A 403 -15.43 21.53 14.11
CA ILE A 403 -15.68 21.71 15.54
C ILE A 403 -15.65 23.19 15.92
N ASN A 404 -14.68 23.93 15.40
CA ASN A 404 -14.49 25.32 15.83
C ASN A 404 -15.52 26.26 15.22
N ASN A 405 -15.91 26.04 13.96
CA ASN A 405 -16.87 26.90 13.28
C ASN A 405 -18.04 26.04 12.81
N ASN A 406 -19.26 26.44 13.19
CA ASN A 406 -20.46 25.70 12.84
C ASN A 406 -21.66 26.62 13.03
N ALA A 407 -22.86 26.05 12.96
CA ALA A 407 -24.08 26.84 13.09
C ALA A 407 -24.22 27.41 14.51
N VAL A 408 -23.84 26.62 15.52
CA VAL A 408 -23.96 27.08 16.90
C VAL A 408 -23.04 28.28 17.15
N THR A 409 -21.81 28.22 16.63
CA THR A 409 -20.87 29.32 16.84
C THR A 409 -21.33 30.58 16.12
N LYS A 410 -22.08 30.45 15.02
CA LYS A 410 -22.58 31.63 14.33
C LYS A 410 -23.68 32.32 15.12
N MET A 411 -24.52 31.56 15.81
CA MET A 411 -25.55 32.16 16.66
C MET A 411 -24.94 32.97 17.79
N ALA A 412 -23.88 32.44 18.41
CA ALA A 412 -23.20 33.14 19.49
C ALA A 412 -22.21 34.19 18.99
N GLN A 413 -21.99 34.26 17.67
CA GLN A 413 -21.08 35.23 17.08
C GLN A 413 -19.67 35.15 17.67
N SER A 414 -19.24 33.93 17.97
CA SER A 414 -17.91 33.69 18.51
C SER A 414 -17.59 32.20 18.38
N SER A 415 -16.31 31.90 18.23
CA SER A 415 -15.83 30.53 18.16
C SER A 415 -15.51 29.94 19.52
N SER A 416 -15.77 30.68 20.60
CA SER A 416 -15.49 30.23 21.95
C SER A 416 -16.66 29.50 22.60
N LYS A 417 -17.75 29.31 21.87
CA LYS A 417 -18.91 28.62 22.45
C LYS A 417 -18.64 27.14 22.63
N SER A 418 -17.88 26.53 21.72
CA SER A 418 -17.62 25.09 21.80
C SER A 418 -16.85 24.69 23.05
N PRO A 419 -15.75 25.36 23.43
CA PRO A 419 -15.10 24.98 24.70
C PRO A 419 -16.00 25.16 25.91
N GLU A 420 -16.83 26.21 25.91
CA GLU A 420 -17.75 26.41 27.03
C GLU A 420 -18.75 25.27 27.11
N LEU A 421 -19.30 24.85 25.97
CA LEU A 421 -20.24 23.74 25.97
C LEU A 421 -19.57 22.44 26.42
N LEU A 422 -18.32 22.22 26.01
CA LEU A 422 -17.59 21.04 26.44
C LEU A 422 -17.37 21.04 27.96
N ALA A 423 -16.99 22.20 28.51
CA ALA A 423 -16.79 22.31 29.95
C ALA A 423 -18.09 22.08 30.71
N ARG A 424 -19.20 22.62 30.19
CA ARG A 424 -20.49 22.40 30.85
C ARG A 424 -20.90 20.93 30.79
N TYR A 425 -20.61 20.26 29.67
CA TYR A 425 -20.88 18.82 29.59
C TYR A 425 -20.06 18.05 30.62
N CYS A 426 -18.78 18.41 30.79
CA CYS A 426 -17.96 17.77 31.79
C CYS A 426 -18.53 17.98 33.19
N ASP A 427 -18.97 19.20 33.49
CA ASP A 427 -19.58 19.47 34.79
C ASP A 427 -20.82 18.62 34.99
N SER A 428 -21.66 18.52 33.96
CA SER A 428 -22.88 17.73 34.07
C SER A 428 -22.56 16.26 34.33
N LEU A 429 -21.52 15.74 33.66
CA LEU A 429 -21.12 14.36 33.92
C LEU A 429 -20.61 14.16 35.33
N LEU A 430 -19.82 15.11 35.84
CA LEU A 430 -19.16 14.93 37.13
C LEU A 430 -20.00 15.33 38.33
N LYS A 431 -21.19 15.88 38.13
CA LYS A 431 -22.07 16.22 39.25
C LYS A 431 -22.81 14.98 39.73
N LYS A 432 -23.78 15.17 40.62
CA LYS A 432 -24.60 14.08 41.12
C LYS A 432 -25.76 13.79 40.17
N ALA A 440 -18.44 3.36 35.65
CA ALA A 440 -17.92 2.33 34.76
C ALA A 440 -17.84 2.86 33.32
N GLU A 441 -18.94 3.44 32.85
CA GLU A 441 -18.99 4.05 31.54
C GLU A 441 -18.52 5.49 31.54
N LEU A 442 -18.30 6.08 32.72
CA LEU A 442 -17.87 7.47 32.79
C LEU A 442 -16.44 7.64 32.26
N GLU A 443 -15.60 6.63 32.44
CA GLU A 443 -14.24 6.70 31.94
C GLU A 443 -14.21 6.81 30.42
N ASP A 444 -15.07 6.04 29.74
CA ASP A 444 -15.10 6.06 28.28
C ASP A 444 -15.52 7.43 27.76
N THR A 445 -16.57 8.02 28.35
CA THR A 445 -17.02 9.31 27.87
C THR A 445 -16.03 10.42 28.22
N LEU A 446 -15.34 10.31 29.36
CA LEU A 446 -14.28 11.27 29.66
C LEU A 446 -13.14 11.17 28.67
N ASN A 447 -12.75 9.95 28.29
CA ASN A 447 -11.72 9.77 27.27
C ASN A 447 -12.16 10.36 25.93
N GLN A 448 -13.42 10.14 25.56
CA GLN A 448 -13.93 10.71 24.32
C GLN A 448 -13.91 12.23 24.36
N VAL A 449 -14.30 12.82 25.50
CA VAL A 449 -14.27 14.27 25.63
C VAL A 449 -12.84 14.79 25.48
N MET A 450 -11.88 14.12 26.12
CA MET A 450 -10.50 14.55 25.99
C MET A 450 -9.99 14.37 24.56
N VAL A 451 -10.53 13.41 23.83
CA VAL A 451 -10.21 13.29 22.41
C VAL A 451 -10.74 14.50 21.64
N VAL A 452 -11.96 14.94 21.97
CA VAL A 452 -12.51 16.14 21.33
C VAL A 452 -11.69 17.37 21.68
N PHE A 453 -11.18 17.44 22.92
CA PHE A 453 -10.45 18.61 23.38
C PHE A 453 -9.18 18.87 22.56
N LYS A 454 -8.67 17.87 21.86
CA LYS A 454 -7.45 18.04 21.08
C LYS A 454 -7.65 19.01 19.91
N TYR A 455 -8.84 19.05 19.32
CA TYR A 455 -9.11 19.86 18.16
C TYR A 455 -9.52 21.29 18.50
N ILE A 456 -9.69 21.62 19.77
CA ILE A 456 -10.14 22.95 20.16
C ILE A 456 -9.00 23.95 19.96
N GLU A 457 -9.32 25.09 19.33
CA GLU A 457 -8.32 26.12 19.12
C GLU A 457 -8.13 26.98 20.37
N ASP A 458 -9.23 27.31 21.06
CA ASP A 458 -9.18 28.17 22.24
C ASP A 458 -9.36 27.28 23.47
N LYS A 459 -8.25 26.84 24.05
CA LYS A 459 -8.28 25.99 25.22
C LYS A 459 -8.36 26.76 26.53
N ASP A 460 -7.98 28.04 26.52
CA ASP A 460 -8.04 28.84 27.74
C ASP A 460 -9.47 29.02 28.22
N VAL A 461 -10.43 29.14 27.29
CA VAL A 461 -11.83 29.24 27.69
C VAL A 461 -12.27 27.97 28.40
N PHE A 462 -11.89 26.81 27.85
CA PHE A 462 -12.21 25.55 28.49
C PHE A 462 -11.60 25.47 29.88
N GLN A 463 -10.34 25.87 30.02
CA GLN A 463 -9.68 25.80 31.32
C GLN A 463 -10.36 26.69 32.34
N LYS A 464 -10.69 27.93 31.94
CA LYS A 464 -11.33 28.87 32.86
C LYS A 464 -12.69 28.37 33.30
N PHE A 465 -13.50 27.93 32.35
CA PHE A 465 -14.85 27.45 32.69
C PHE A 465 -14.79 26.20 33.56
N TYR A 466 -13.88 25.28 33.23
CA TYR A 466 -13.75 24.06 34.04
C TYR A 466 -13.33 24.40 35.46
N ALA A 467 -12.41 25.36 35.62
CA ALA A 467 -12.02 25.77 36.96
C ALA A 467 -13.19 26.36 37.73
N LYS A 468 -14.01 27.19 37.07
CA LYS A 468 -15.18 27.75 37.72
C LYS A 468 -16.13 26.65 38.20
N MET A 469 -16.45 25.70 37.32
CA MET A 469 -17.41 24.66 37.69
C MET A 469 -16.83 23.73 38.76
N LEU A 470 -15.53 23.46 38.70
CA LEU A 470 -14.91 22.64 39.73
C LEU A 470 -14.94 23.33 41.10
N ALA A 471 -14.70 24.63 41.12
CA ALA A 471 -14.79 25.37 42.39
C ALA A 471 -16.21 25.32 42.93
N LYS A 472 -17.20 25.49 42.05
CA LYS A 472 -18.59 25.41 42.50
C LYS A 472 -18.92 24.02 43.05
N ARG A 473 -18.42 22.98 42.40
CA ARG A 473 -18.65 21.62 42.88
C ARG A 473 -18.01 21.39 44.25
N LEU A 474 -16.77 21.87 44.42
CA LEU A 474 -16.06 21.62 45.68
C LEU A 474 -16.68 22.38 46.84
N VAL A 475 -17.12 23.62 46.60
CA VAL A 475 -17.64 24.44 47.69
C VAL A 475 -18.96 23.86 48.20
N HIS A 476 -19.87 23.50 47.30
CA HIS A 476 -21.18 23.01 47.69
C HIS A 476 -21.21 21.53 48.01
N GLN A 477 -20.10 20.82 47.78
CA GLN A 477 -19.99 19.39 48.09
C GLN A 477 -21.06 18.58 47.35
N ASN A 478 -21.08 18.73 46.03
CA ASN A 478 -21.94 17.92 45.17
C ASN A 478 -21.10 17.33 44.02
N SER A 479 -20.46 16.21 44.31
CA SER A 479 -19.66 15.47 43.33
C SER A 479 -20.05 14.01 43.37
N ALA A 480 -20.06 13.38 42.20
CA ALA A 480 -20.44 11.97 42.13
C ALA A 480 -19.46 11.10 42.90
N SER A 481 -18.16 11.32 42.71
CA SER A 481 -17.14 10.55 43.39
C SER A 481 -15.82 11.29 43.30
N ASP A 482 -14.93 10.97 44.24
CA ASP A 482 -13.58 11.54 44.22
C ASP A 482 -12.69 10.87 43.19
N ASP A 483 -12.93 9.58 42.92
CA ASP A 483 -12.11 8.87 41.94
C ASP A 483 -12.29 9.43 40.55
N ALA A 484 -13.51 9.81 40.18
CA ALA A 484 -13.74 10.43 38.89
C ALA A 484 -13.01 11.75 38.78
N GLU A 485 -13.01 12.55 39.85
CA GLU A 485 -12.27 13.81 39.84
C GLU A 485 -10.77 13.57 39.68
N ALA A 486 -10.23 12.57 40.38
CA ALA A 486 -8.81 12.26 40.25
C ALA A 486 -8.46 11.81 38.84
N SER A 487 -9.32 10.99 38.24
CA SER A 487 -9.07 10.55 36.86
C SER A 487 -9.12 11.71 35.89
N MET A 488 -10.06 12.63 36.09
CA MET A 488 -10.14 13.81 35.22
C MET A 488 -8.90 14.68 35.39
N ILE A 489 -8.41 14.83 36.61
CA ILE A 489 -7.18 15.59 36.83
C ILE A 489 -6.00 14.94 36.13
N SER A 490 -5.91 13.61 36.20
CA SER A 490 -4.83 12.90 35.52
C SER A 490 -4.90 13.09 34.01
N LYS A 491 -6.11 13.01 33.45
CA LYS A 491 -6.26 13.21 32.01
C LYS A 491 -5.88 14.63 31.60
N LEU A 492 -6.29 15.63 32.41
CA LEU A 492 -5.92 17.00 32.11
C LEU A 492 -4.42 17.20 32.22
N LYS A 493 -3.77 16.53 33.16
CA LYS A 493 -2.32 16.54 33.22
C LYS A 493 -1.71 15.98 31.94
N GLN A 494 -2.28 14.88 31.43
CA GLN A 494 -1.76 14.30 30.20
C GLN A 494 -1.93 15.26 29.03
N ALA A 495 -3.06 15.97 28.97
CA ALA A 495 -3.34 16.84 27.82
C ALA A 495 -2.83 18.27 28.04
N CYS A 496 -3.29 18.93 29.10
CA CYS A 496 -2.89 20.30 29.37
C CYS A 496 -1.51 20.31 30.04
N GLY A 497 -1.11 21.46 30.56
CA GLY A 497 0.19 21.62 31.16
C GLY A 497 0.22 21.18 32.61
N PHE A 498 1.24 21.67 33.32
CA PHE A 498 1.43 21.37 34.73
C PHE A 498 0.97 22.51 35.65
N GLU A 499 0.97 23.75 35.15
CA GLU A 499 0.56 24.88 35.99
C GLU A 499 -0.93 24.82 36.30
N TYR A 500 -1.76 24.46 35.31
CA TYR A 500 -3.20 24.38 35.54
C TYR A 500 -3.54 23.34 36.60
N THR A 501 -2.88 22.18 36.53
CA THR A 501 -3.09 21.14 37.53
C THR A 501 -2.67 21.61 38.91
N SER A 502 -1.57 22.37 39.00
CA SER A 502 -1.17 22.94 40.28
C SER A 502 -2.22 23.90 40.81
N LYS A 503 -2.81 24.71 39.92
CA LYS A 503 -3.86 25.62 40.33
C LYS A 503 -5.06 24.86 40.91
N LEU A 504 -5.40 23.72 40.31
CA LEU A 504 -6.52 22.94 40.85
C LEU A 504 -6.15 22.25 42.16
N GLN A 505 -4.91 21.75 42.26
CA GLN A 505 -4.49 21.11 43.50
C GLN A 505 -4.45 22.10 44.66
N ARG A 506 -4.25 23.39 44.36
CA ARG A 506 -4.34 24.39 45.43
C ARG A 506 -5.74 24.40 46.05
N MET A 507 -6.78 24.37 45.21
CA MET A 507 -8.15 24.32 45.74
C MET A 507 -8.41 23.03 46.50
N PHE A 508 -7.90 21.91 45.99
CA PHE A 508 -8.05 20.65 46.73
C PHE A 508 -7.41 20.73 48.11
N GLN A 509 -6.20 21.29 48.18
CA GLN A 509 -5.52 21.44 49.47
C GLN A 509 -6.29 22.36 50.40
N ASP A 510 -6.87 23.43 49.86
CA ASP A 510 -7.68 24.32 50.68
C ASP A 510 -8.88 23.60 51.24
N ILE A 511 -9.52 22.74 50.43
CA ILE A 511 -10.66 21.97 50.93
C ILE A 511 -10.23 21.06 52.07
N GLY A 512 -9.09 20.38 51.91
CA GLY A 512 -8.60 19.51 52.98
C GLY A 512 -8.29 20.27 54.27
N VAL A 513 -7.65 21.44 54.13
CA VAL A 513 -7.33 22.26 55.30
C VAL A 513 -8.60 22.72 55.98
N SER A 514 -9.61 23.11 55.20
CA SER A 514 -10.88 23.53 55.78
C SER A 514 -11.54 22.39 56.54
N LYS A 515 -11.49 21.17 56.00
CA LYS A 515 -12.04 20.03 56.71
C LYS A 515 -11.34 19.80 58.04
N ASP A 516 -10.00 19.87 58.04
CA ASP A 516 -9.27 19.69 59.28
C ASP A 516 -9.60 20.78 60.30
N LEU A 517 -9.69 22.03 59.85
CA LEU A 517 -10.03 23.13 60.75
C LEU A 517 -11.43 22.98 61.31
N ASN A 518 -12.38 22.52 60.47
CA ASN A 518 -13.74 22.30 60.95
C ASN A 518 -13.77 21.21 62.02
N GLU A 519 -13.01 20.13 61.82
CA GLU A 519 -12.95 19.10 62.85
C GLU A 519 -12.35 19.64 64.15
N GLN A 520 -11.29 20.44 64.04
CA GLN A 520 -10.68 21.01 65.24
C GLN A 520 -11.63 21.94 65.97
N PHE A 521 -12.39 22.75 65.23
CA PHE A 521 -13.38 23.62 65.87
C PHE A 521 -14.50 22.82 66.50
N LYS A 522 -14.88 21.70 65.88
CA LYS A 522 -15.88 20.83 66.48
C LYS A 522 -15.39 20.26 67.81
N LYS A 523 -14.12 19.87 67.87
CA LYS A 523 -13.55 19.41 69.13
C LYS A 523 -13.54 20.52 70.18
N HIS A 524 -13.18 21.75 69.76
CA HIS A 524 -13.12 22.87 70.69
C HIS A 524 -14.50 23.22 71.26
N LEU A 525 -15.55 23.07 70.46
CA LEU A 525 -16.88 23.49 70.91
C LEU A 525 -17.40 22.60 72.02
N THR A 526 -16.92 21.35 72.11
CA THR A 526 -17.42 20.44 73.13
C THR A 526 -17.09 20.94 74.54
N ASN A 527 -15.88 21.47 74.73
CA ASN A 527 -15.47 21.92 76.05
C ASN A 527 -16.34 23.09 76.53
N SER A 528 -16.65 24.03 75.64
CA SER A 528 -17.46 25.18 75.99
C SER A 528 -18.93 24.83 75.86
N GLU A 529 -19.80 25.83 75.96
CA GLU A 529 -21.23 25.60 75.84
C GLU A 529 -21.59 25.25 74.40
N PRO A 530 -22.48 24.28 74.19
CA PRO A 530 -22.85 23.91 72.82
C PRO A 530 -23.69 24.98 72.15
N LEU A 531 -23.62 25.01 70.83
CA LEU A 531 -24.39 25.96 70.03
C LEU A 531 -25.79 25.42 69.77
N ASP A 532 -26.66 26.30 69.27
CA ASP A 532 -28.06 25.98 69.05
C ASP A 532 -28.34 25.47 67.64
N LEU A 533 -27.33 25.36 66.79
CA LEU A 533 -27.54 24.87 65.44
C LEU A 533 -26.27 24.19 64.95
N ASP A 534 -26.43 23.33 63.94
CA ASP A 534 -25.29 22.67 63.32
C ASP A 534 -24.54 23.66 62.44
N PHE A 535 -23.23 23.74 62.62
CA PHE A 535 -22.41 24.73 61.94
C PHE A 535 -21.27 24.05 61.20
N SER A 536 -21.10 24.42 59.94
CA SER A 536 -19.98 23.96 59.12
C SER A 536 -19.48 25.14 58.29
N ILE A 537 -18.17 25.22 58.13
CA ILE A 537 -17.53 26.36 57.48
C ILE A 537 -16.56 25.85 56.42
N GLN A 538 -16.37 26.66 55.37
CA GLN A 538 -15.42 26.40 54.30
C GLN A 538 -14.52 27.63 54.18
N VAL A 539 -13.41 27.62 54.92
CA VAL A 539 -12.46 28.73 54.90
C VAL A 539 -11.52 28.52 53.73
N LEU A 540 -11.47 29.51 52.82
CA LEU A 540 -10.76 29.38 51.56
C LEU A 540 -9.88 30.59 51.33
N SER A 541 -8.78 30.36 50.61
CA SER A 541 -7.87 31.45 50.27
C SER A 541 -8.53 32.39 49.26
N SER A 542 -8.28 33.69 49.43
CA SER A 542 -8.92 34.68 48.58
C SER A 542 -8.30 34.78 47.20
N GLY A 543 -7.05 34.33 47.03
CA GLY A 543 -6.38 34.47 45.76
C GLY A 543 -6.35 33.22 44.91
N SER A 544 -6.85 32.11 45.46
CA SER A 544 -6.85 30.84 44.76
C SER A 544 -8.24 30.40 44.32
N TRP A 545 -9.25 31.23 44.52
CA TRP A 545 -10.62 30.88 44.20
C TRP A 545 -11.28 32.00 43.40
N PRO A 546 -12.20 31.65 42.49
CA PRO A 546 -12.76 32.64 41.57
C PRO A 546 -13.91 33.47 42.14
N PHE A 547 -14.25 33.31 43.42
CA PHE A 547 -15.41 34.02 43.95
C PHE A 547 -15.07 35.47 44.25
N GLN A 548 -16.11 36.30 44.34
CA GLN A 548 -15.98 37.73 44.54
C GLN A 548 -16.69 38.14 45.82
N GLN A 549 -16.49 39.41 46.20
CA GLN A 549 -17.10 39.95 47.40
C GLN A 549 -18.62 40.03 47.24
N SER A 550 -19.34 39.64 48.28
CA SER A 550 -20.79 39.66 48.28
C SER A 550 -21.31 41.07 48.41
N CYS A 551 -22.60 41.24 48.11
CA CYS A 551 -23.26 42.52 48.27
C CYS A 551 -23.46 42.83 49.75
N THR A 552 -23.88 44.06 50.02
CA THR A 552 -24.15 44.46 51.40
C THR A 552 -25.29 43.62 51.98
N PHE A 553 -25.16 43.28 53.26
CA PHE A 553 -26.11 42.38 53.89
C PHE A 553 -26.00 42.52 55.40
N ALA A 554 -27.13 42.42 56.09
CA ALA A 554 -27.20 42.46 57.54
C ALA A 554 -27.54 41.07 58.05
N LEU A 555 -26.67 40.51 58.87
CA LEU A 555 -26.85 39.15 59.35
C LEU A 555 -28.04 39.08 60.29
N PRO A 556 -28.97 38.14 60.08
CA PRO A 556 -30.07 37.97 61.04
C PRO A 556 -29.53 37.65 62.43
N SER A 557 -30.26 38.13 63.45
CA SER A 557 -29.74 38.13 64.81
C SER A 557 -29.47 36.73 65.36
N GLU A 558 -30.18 35.72 64.89
CA GLU A 558 -30.04 34.40 65.52
C GLU A 558 -28.80 33.67 65.02
N LEU A 559 -28.13 34.19 64.00
CA LEU A 559 -26.88 33.61 63.51
C LEU A 559 -25.65 34.26 64.14
N GLU A 560 -25.82 35.27 65.00
CA GLU A 560 -24.68 36.01 65.51
C GLU A 560 -23.80 35.17 66.43
N ARG A 561 -24.39 34.19 67.13
CA ARG A 561 -23.60 33.40 68.08
C ARG A 561 -22.51 32.61 67.36
N SER A 562 -22.89 31.86 66.33
CA SER A 562 -21.91 31.07 65.58
C SER A 562 -20.89 31.99 64.89
N TYR A 563 -21.36 33.10 64.33
CA TYR A 563 -20.47 34.05 63.68
C TYR A 563 -19.40 34.53 64.65
N GLN A 564 -19.79 35.01 65.82
CA GLN A 564 -18.84 35.51 66.79
C GLN A 564 -17.92 34.40 67.31
N ARG A 565 -18.48 33.21 67.57
CA ARG A 565 -17.66 32.12 68.08
C ARG A 565 -16.57 31.73 67.10
N PHE A 566 -16.94 31.56 65.82
CA PHE A 566 -15.94 31.18 64.84
C PHE A 566 -14.96 32.31 64.55
N THR A 567 -15.42 33.57 64.57
CA THR A 567 -14.50 34.68 64.39
C THR A 567 -13.46 34.71 65.50
N ALA A 568 -13.89 34.51 66.75
CA ALA A 568 -12.95 34.47 67.87
C ALA A 568 -12.00 33.28 67.73
N PHE A 569 -12.52 32.12 67.33
CA PHE A 569 -11.66 30.95 67.18
C PHE A 569 -10.60 31.17 66.11
N TYR A 570 -10.98 31.75 64.98
CA TYR A 570 -10.01 32.00 63.91
C TYR A 570 -9.03 33.08 64.28
N ALA A 571 -9.47 34.11 65.03
CA ALA A 571 -8.54 35.12 65.50
C ALA A 571 -7.51 34.53 66.46
N SER A 572 -7.95 33.63 67.36
CA SER A 572 -7.01 32.98 68.26
C SER A 572 -6.05 32.08 67.50
N ARG A 573 -6.55 31.31 66.52
CA ARG A 573 -5.69 30.38 65.80
C ARG A 573 -4.73 31.11 64.87
N HIS A 574 -5.21 32.12 64.15
CA HIS A 574 -4.38 32.89 63.23
C HIS A 574 -4.62 34.37 63.49
N SER A 575 -3.60 35.05 64.04
CA SER A 575 -3.74 36.45 64.40
C SER A 575 -3.66 37.38 63.19
N GLY A 576 -2.85 37.03 62.19
CA GLY A 576 -2.61 37.91 61.06
C GLY A 576 -3.60 37.85 59.93
N ARG A 577 -4.67 37.06 60.06
CA ARG A 577 -5.64 36.87 58.99
C ARG A 577 -7.00 37.43 59.39
N LYS A 578 -7.75 37.86 58.38
CA LYS A 578 -9.11 38.33 58.56
C LYS A 578 -10.03 37.57 57.62
N LEU A 579 -11.27 37.39 58.06
CA LEU A 579 -12.24 36.57 57.35
C LEU A 579 -13.27 37.46 56.65
N THR A 580 -13.53 37.16 55.37
CA THR A 580 -14.58 37.81 54.60
C THR A 580 -15.64 36.76 54.28
N TRP A 581 -16.88 37.04 54.65
CA TRP A 581 -17.96 36.06 54.56
C TRP A 581 -18.76 36.27 53.28
N LEU A 582 -18.96 35.19 52.54
CA LEU A 582 -19.77 35.19 51.33
C LEU A 582 -21.14 34.62 51.65
N TYR A 583 -22.17 35.46 51.56
CA TYR A 583 -23.52 35.06 51.93
C TYR A 583 -24.36 34.62 50.74
N GLN A 584 -23.82 34.68 49.52
CA GLN A 584 -24.53 34.19 48.35
C GLN A 584 -24.18 32.74 48.03
N LEU A 585 -23.25 32.14 48.76
CA LEU A 585 -22.87 30.74 48.56
C LEU A 585 -23.15 29.88 49.78
N SER A 586 -23.87 30.41 50.77
CA SER A 586 -24.19 29.69 51.99
C SER A 586 -25.63 29.17 51.93
N LYS A 587 -25.86 28.05 52.60
CA LYS A 587 -27.17 27.41 52.60
C LYS A 587 -27.41 26.77 53.97
N GLY A 588 -28.62 26.24 54.15
CA GLY A 588 -28.96 25.63 55.42
C GLY A 588 -30.39 25.16 55.42
N GLU A 589 -30.91 24.90 56.63
CA GLU A 589 -32.25 24.37 56.82
C GLU A 589 -33.10 25.36 57.59
N LEU A 590 -34.40 25.36 57.27
CA LEU A 590 -35.41 26.15 57.99
C LEU A 590 -36.58 25.23 58.26
N VAL A 591 -36.55 24.56 59.41
CA VAL A 591 -37.67 23.72 59.82
C VAL A 591 -38.75 24.62 60.40
N THR A 592 -39.96 24.49 59.89
CA THR A 592 -41.07 25.36 60.27
C THR A 592 -42.15 24.56 61.00
N ASN A 593 -42.74 25.18 62.02
CA ASN A 593 -43.81 24.57 62.80
C ASN A 593 -45.05 25.46 62.84
N CYS A 594 -45.11 26.47 61.98
CA CYS A 594 -46.25 27.39 61.91
C CYS A 594 -47.12 27.13 60.68
N PHE A 595 -47.09 25.92 60.15
CA PHE A 595 -47.87 25.53 58.97
C PHE A 595 -48.82 24.40 59.36
N LYS A 596 -49.48 23.83 58.34
CA LYS A 596 -50.44 22.76 58.60
C LYS A 596 -49.76 21.55 59.23
N ASN A 597 -48.57 21.19 58.74
CA ASN A 597 -47.81 20.09 59.29
C ASN A 597 -46.33 20.48 59.29
N ARG A 598 -45.49 19.56 59.76
CA ARG A 598 -44.06 19.84 59.89
C ARG A 598 -43.39 19.82 58.52
N TYR A 599 -42.76 20.93 58.16
CA TYR A 599 -42.01 21.06 56.92
C TYR A 599 -40.57 21.48 57.23
N THR A 600 -39.63 20.85 56.55
CA THR A 600 -38.23 21.26 56.57
C THR A 600 -37.82 21.60 55.15
N LEU A 601 -37.11 22.71 54.99
CA LEU A 601 -36.79 23.23 53.66
C LEU A 601 -35.32 23.64 53.58
N GLN A 602 -34.76 23.52 52.39
CA GLN A 602 -33.38 23.92 52.11
C GLN A 602 -33.40 25.28 51.43
N ALA A 603 -32.68 26.24 52.01
CA ALA A 603 -32.68 27.60 51.50
C ALA A 603 -31.34 28.25 51.74
N SER A 604 -31.07 29.31 50.98
CA SER A 604 -29.85 30.08 51.12
C SER A 604 -30.00 31.09 52.25
N THR A 605 -28.94 31.86 52.50
CA THR A 605 -28.97 32.86 53.56
C THR A 605 -29.94 33.99 53.22
N PHE A 606 -30.01 34.37 51.95
CA PHE A 606 -30.93 35.43 51.55
C PHE A 606 -32.38 35.03 51.79
N GLN A 607 -32.74 33.79 51.42
CA GLN A 607 -34.09 33.31 51.67
C GLN A 607 -34.37 33.22 53.15
N MET A 608 -33.37 32.84 53.95
CA MET A 608 -33.53 32.84 55.40
C MET A 608 -33.82 34.25 55.91
N ALA A 609 -33.10 35.25 55.38
CA ALA A 609 -33.30 36.62 55.83
C ALA A 609 -34.69 37.13 55.46
N ILE A 610 -35.17 36.78 54.26
CA ILE A 610 -36.46 37.31 53.81
C ILE A 610 -37.59 36.34 54.18
N LEU A 611 -37.27 35.33 54.97
CA LEU A 611 -38.27 34.41 55.50
C LEU A 611 -38.35 34.41 57.01
N LEU A 612 -37.21 34.41 57.70
CA LEU A 612 -37.19 34.43 59.16
C LEU A 612 -37.51 35.81 59.73
N GLN A 613 -37.53 36.85 58.89
CA GLN A 613 -37.74 38.20 59.39
C GLN A 613 -39.12 38.34 60.04
N TYR A 614 -40.14 37.74 59.44
CA TYR A 614 -41.50 37.80 59.97
C TYR A 614 -41.84 36.46 60.62
N ASN A 615 -42.12 36.49 61.91
CA ASN A 615 -42.54 35.30 62.66
C ASN A 615 -43.92 35.46 63.27
N THR A 616 -44.21 36.60 63.91
CA THR A 616 -45.54 36.87 64.41
C THR A 616 -46.34 37.83 63.54
N GLU A 617 -45.67 38.59 62.68
CA GLU A 617 -46.36 39.43 61.71
C GLU A 617 -46.57 38.67 60.41
N ASP A 618 -47.38 39.24 59.52
CA ASP A 618 -47.79 38.56 58.32
C ASP A 618 -47.51 39.30 57.02
N ALA A 619 -47.38 40.63 57.05
CA ALA A 619 -47.22 41.40 55.82
C ALA A 619 -46.09 42.41 55.99
N TYR A 620 -45.48 42.76 54.86
CA TYR A 620 -44.42 43.77 54.82
C TYR A 620 -44.45 44.48 53.48
N THR A 621 -43.86 45.68 53.47
CA THR A 621 -43.57 46.41 52.25
C THR A 621 -42.10 46.25 51.92
N VAL A 622 -41.77 46.32 50.62
CA VAL A 622 -40.42 45.99 50.19
C VAL A 622 -39.39 46.93 50.81
N GLN A 623 -39.72 48.21 50.95
CA GLN A 623 -38.78 49.15 51.55
C GLN A 623 -38.48 48.78 53.00
N GLN A 624 -39.51 48.42 53.76
CA GLN A 624 -39.27 47.94 55.12
C GLN A 624 -38.44 46.66 55.12
N LEU A 625 -38.77 45.73 54.21
CA LEU A 625 -37.98 44.50 54.09
C LEU A 625 -36.56 44.80 53.63
N THR A 626 -36.41 45.74 52.70
CA THR A 626 -35.07 46.11 52.24
C THR A 626 -34.24 46.69 53.37
N ASP A 627 -34.83 47.57 54.18
CA ASP A 627 -34.12 48.14 55.32
C ASP A 627 -33.77 47.07 56.34
N SER A 628 -34.69 46.12 56.58
CA SER A 628 -34.44 45.09 57.57
C SER A 628 -33.35 44.13 57.13
N THR A 629 -33.31 43.79 55.83
CA THR A 629 -32.39 42.77 55.34
C THR A 629 -31.18 43.36 54.62
N GLN A 630 -31.21 44.64 54.24
CA GLN A 630 -30.09 45.33 53.61
C GLN A 630 -29.70 44.72 52.26
N ILE A 631 -30.61 44.00 51.63
CA ILE A 631 -30.35 43.44 50.31
C ILE A 631 -30.60 44.51 49.26
N LYS A 632 -29.84 44.45 48.16
CA LYS A 632 -29.94 45.44 47.09
C LYS A 632 -31.26 45.23 46.34
N MET A 633 -31.48 46.03 45.30
CA MET A 633 -32.77 46.02 44.61
C MET A 633 -32.94 44.77 43.75
N ASP A 634 -32.05 44.57 42.79
CA ASP A 634 -32.22 43.47 41.84
C ASP A 634 -32.15 42.12 42.52
N ILE A 635 -31.22 41.95 43.45
CA ILE A 635 -31.08 40.67 44.14
C ILE A 635 -32.33 40.35 44.94
N LEU A 636 -32.86 41.35 45.67
CA LEU A 636 -34.08 41.15 46.43
C LEU A 636 -35.25 40.84 45.52
N ALA A 637 -35.35 41.53 44.38
CA ALA A 637 -36.44 41.26 43.45
C ALA A 637 -36.38 39.84 42.94
N GLN A 638 -35.18 39.38 42.56
CA GLN A 638 -35.05 38.02 42.03
C GLN A 638 -35.37 36.97 43.09
N VAL A 639 -34.84 37.15 44.31
CA VAL A 639 -35.08 36.15 45.34
C VAL A 639 -36.55 36.14 45.76
N LEU A 640 -37.19 37.32 45.79
CA LEU A 640 -38.62 37.38 46.09
C LEU A 640 -39.43 36.71 45.00
N GLN A 641 -39.03 36.87 43.74
CA GLN A 641 -39.69 36.16 42.65
C GLN A 641 -39.57 34.66 42.81
N ILE A 642 -38.37 34.18 43.15
CA ILE A 642 -38.16 32.75 43.35
C ILE A 642 -39.04 32.24 44.48
N LEU A 643 -39.13 32.99 45.59
CA LEU A 643 -39.97 32.57 46.70
C LEU A 643 -41.45 32.60 46.32
N LEU A 644 -41.87 33.58 45.52
CA LEU A 644 -43.27 33.69 45.13
C LEU A 644 -43.69 32.51 44.27
N LYS A 645 -42.84 32.10 43.32
CA LYS A 645 -43.19 30.93 42.52
C LYS A 645 -43.06 29.63 43.28
N SER A 646 -42.53 29.65 44.50
CA SER A 646 -42.44 28.45 45.33
C SER A 646 -43.70 28.20 46.14
N LYS A 647 -44.73 29.04 45.99
CA LYS A 647 -46.02 28.93 46.68
C LYS A 647 -45.89 29.06 48.19
N LEU A 648 -44.81 29.63 48.69
CA LEU A 648 -44.66 29.94 50.10
C LEU A 648 -44.87 31.42 50.39
N LEU A 649 -45.22 32.21 49.38
CA LEU A 649 -45.50 33.63 49.57
C LEU A 649 -46.51 34.05 48.51
N VAL A 650 -47.43 34.94 48.89
CA VAL A 650 -48.49 35.38 48.00
C VAL A 650 -48.55 36.90 48.02
N LEU A 651 -49.00 37.47 46.91
CA LEU A 651 -49.11 38.93 46.78
C LEU A 651 -50.20 39.48 47.69
N VAL A 661 -47.28 39.90 36.09
CA VAL A 661 -46.60 39.73 37.37
C VAL A 661 -45.37 40.63 37.43
N GLU A 662 -45.37 41.57 38.37
CA GLU A 662 -44.26 42.48 38.54
C GLU A 662 -44.23 42.97 39.98
N LEU A 663 -43.02 43.23 40.47
CA LEU A 663 -42.80 43.68 41.85
C LEU A 663 -42.59 45.19 41.82
N LYS A 664 -43.56 45.93 42.32
CA LYS A 664 -43.52 47.38 42.40
C LYS A 664 -43.01 47.83 43.77
N PRO A 665 -42.44 49.02 43.86
CA PRO A 665 -41.95 49.50 45.17
C PRO A 665 -43.04 49.67 46.22
N ASP A 666 -44.31 49.77 45.81
CA ASP A 666 -45.40 49.91 46.77
C ASP A 666 -46.16 48.61 46.99
N THR A 667 -45.63 47.49 46.53
CA THR A 667 -46.32 46.21 46.67
C THR A 667 -46.25 45.72 48.10
N LEU A 668 -47.32 45.07 48.54
CA LEU A 668 -47.39 44.43 49.85
C LEU A 668 -47.32 42.92 49.68
N ILE A 669 -46.43 42.28 50.42
CA ILE A 669 -46.20 40.85 50.33
C ILE A 669 -46.53 40.21 51.66
N LYS A 670 -47.36 39.17 51.63
CA LYS A 670 -47.82 38.51 52.85
C LYS A 670 -47.65 37.00 52.71
N LEU A 671 -47.43 36.35 53.85
CA LEU A 671 -47.28 34.90 53.87
C LEU A 671 -48.62 34.22 53.64
N TYR A 672 -48.59 33.11 52.90
CA TYR A 672 -49.78 32.30 52.65
C TYR A 672 -49.80 31.15 53.65
N LEU A 673 -50.72 31.21 54.60
CA LEU A 673 -50.85 30.14 55.58
C LEU A 673 -51.37 28.87 54.92
N GLY A 674 -51.03 27.73 55.51
CA GLY A 674 -51.49 26.45 55.00
C GLY A 674 -50.94 26.07 53.64
N TYR A 675 -49.64 26.29 53.42
CA TYR A 675 -49.01 25.83 52.19
C TYR A 675 -48.89 24.32 52.19
N LYS A 676 -49.28 23.69 51.08
CA LYS A 676 -49.31 22.24 50.97
C LYS A 676 -48.31 21.78 49.93
N ASN A 677 -47.58 20.71 50.26
CA ASN A 677 -46.63 20.10 49.34
C ASN A 677 -46.76 18.59 49.40
N LYS A 678 -46.45 17.94 48.29
CA LYS A 678 -46.57 16.49 48.19
C LYS A 678 -45.38 15.75 48.80
N LYS A 679 -44.32 16.45 49.16
CA LYS A 679 -43.13 15.84 49.73
C LYS A 679 -42.77 16.54 51.03
N LEU A 680 -42.30 15.77 52.01
CA LEU A 680 -41.92 16.35 53.29
C LEU A 680 -40.74 17.29 53.15
N ARG A 681 -39.74 16.92 52.34
CA ARG A 681 -38.57 17.74 52.10
C ARG A 681 -38.79 18.56 50.83
N VAL A 682 -38.57 19.87 50.91
CA VAL A 682 -38.75 20.77 49.79
C VAL A 682 -37.50 21.62 49.64
N ASN A 683 -37.04 21.78 48.40
CA ASN A 683 -35.86 22.57 48.08
C ASN A 683 -36.32 23.84 47.36
N ILE A 684 -36.12 24.98 48.00
CA ILE A 684 -36.47 26.26 47.42
C ILE A 684 -35.24 27.03 46.94
N ASN A 685 -34.12 26.33 46.73
CA ASN A 685 -32.89 26.94 46.24
C ASN A 685 -32.78 26.62 44.76
N VAL A 686 -33.23 27.56 43.93
CA VAL A 686 -33.27 27.40 42.48
C VAL A 686 -32.47 28.54 41.87
N PRO A 687 -31.55 28.28 40.94
CA PRO A 687 -30.78 29.36 40.33
C PRO A 687 -31.67 30.33 39.56
N MET A 688 -31.28 31.60 39.57
CA MET A 688 -32.00 32.63 38.86
C MET A 688 -31.71 32.56 37.36
N LYS A 689 -32.58 33.21 36.57
CA LYS A 689 -32.45 33.15 35.13
C LYS A 689 -31.27 33.97 34.63
N THR A 690 -31.11 35.19 35.14
CA THR A 690 -30.08 36.09 34.65
C THR A 690 -28.69 35.76 35.19
N GLU A 691 -28.61 34.97 36.27
CA GLU A 691 -27.32 34.69 36.88
C GLU A 691 -26.38 33.96 35.93
N GLN A 692 -26.90 32.97 35.20
CA GLN A 692 -26.06 32.21 34.28
C GLN A 692 -25.52 33.08 33.16
N LYS A 693 -26.39 33.92 32.56
CA LYS A 693 -25.95 34.78 31.49
C LYS A 693 -24.91 35.79 31.98
N GLN A 694 -25.14 36.38 33.15
CA GLN A 694 -24.19 37.33 33.70
C GLN A 694 -22.84 36.67 33.97
N GLU A 695 -22.86 35.46 34.54
CA GLU A 695 -21.62 34.74 34.81
C GLU A 695 -20.87 34.44 33.52
N GLN A 696 -21.59 34.00 32.48
CA GLN A 696 -20.93 33.70 31.22
C GLN A 696 -20.31 34.95 30.59
N GLU A 697 -21.03 36.07 30.60
CA GLU A 697 -20.49 37.30 30.04
C GLU A 697 -19.25 37.75 30.81
N THR A 698 -19.32 37.69 32.15
CA THR A 698 -18.17 38.09 32.96
C THR A 698 -16.96 37.20 32.68
N THR A 699 -17.18 35.89 32.56
CA THR A 699 -16.09 34.97 32.29
C THR A 699 -15.45 35.26 30.93
N HIS A 700 -16.27 35.51 29.92
CA HIS A 700 -15.72 35.82 28.59
C HIS A 700 -14.90 37.11 28.61
N LYS A 701 -15.42 38.14 29.28
CA LYS A 701 -14.65 39.37 29.39
C LYS A 701 -13.31 39.11 30.07
N ASN A 702 -13.34 38.41 31.20
CA ASN A 702 -12.10 38.14 31.94
C ASN A 702 -11.11 37.38 31.08
N ILE A 703 -11.60 36.43 30.27
CA ILE A 703 -10.71 35.74 29.33
C ILE A 703 -10.05 36.75 28.41
N GLU A 704 -10.81 37.76 27.97
CA GLU A 704 -10.23 38.79 27.09
C GLU A 704 -9.08 39.53 27.79
N GLU A 705 -9.31 40.02 29.01
CA GLU A 705 -8.21 40.75 29.66
C GLU A 705 -7.01 39.84 29.96
N ASP A 706 -7.25 38.58 30.35
CA ASP A 706 -6.12 37.69 30.55
C ASP A 706 -5.34 37.45 29.27
N ARG A 707 -6.04 37.35 28.13
CA ARG A 707 -5.31 37.23 26.86
C ARG A 707 -4.44 38.44 26.60
N LYS A 708 -4.97 39.64 26.85
CA LYS A 708 -4.18 40.85 26.63
C LYS A 708 -2.95 40.86 27.54
N LEU A 709 -3.13 40.51 28.81
CA LEU A 709 -2.01 40.54 29.76
C LEU A 709 -0.95 39.49 29.41
N LEU A 710 -1.39 38.31 28.96
CA LEU A 710 -0.43 37.30 28.54
C LEU A 710 0.37 37.76 27.32
N ILE A 711 -0.28 38.43 26.37
CA ILE A 711 0.44 38.96 25.22
C ILE A 711 1.48 39.98 25.67
N GLN A 712 1.09 40.87 26.57
CA GLN A 712 2.02 41.88 27.07
C GLN A 712 3.23 41.24 27.76
N ALA A 713 2.97 40.23 28.60
CA ALA A 713 4.06 39.57 29.31
C ALA A 713 5.00 38.85 28.35
N ALA A 714 4.45 38.19 27.32
CA ALA A 714 5.29 37.52 26.35
C ALA A 714 6.17 38.51 25.59
N ILE A 715 5.59 39.65 25.20
CA ILE A 715 6.38 40.66 24.50
C ILE A 715 7.50 41.18 25.39
N VAL A 716 7.19 41.44 26.67
CA VAL A 716 8.20 41.95 27.59
C VAL A 716 9.33 40.94 27.76
N ARG A 717 8.99 39.67 27.94
CA ARG A 717 10.03 38.65 28.11
C ARG A 717 10.90 38.54 26.86
N ILE A 718 10.27 38.55 25.68
CA ILE A 718 11.03 38.41 24.44
C ILE A 718 11.98 39.59 24.26
N MET A 719 11.50 40.81 24.55
CA MET A 719 12.36 41.98 24.42
C MET A 719 13.45 41.99 25.49
N LYS A 720 13.20 41.39 26.65
CA LYS A 720 14.27 41.24 27.64
C LYS A 720 15.35 40.30 27.12
N MET A 721 14.96 39.20 26.47
CA MET A 721 15.95 38.26 25.95
C MET A 721 16.77 38.88 24.82
N ARG A 722 16.10 39.47 23.84
CA ARG A 722 16.76 40.05 22.67
C ARG A 722 16.68 41.57 22.77
N LYS A 723 17.83 42.22 22.83
CA LYS A 723 17.87 43.66 23.06
C LYS A 723 17.20 44.43 21.92
N VAL A 724 17.48 44.04 20.68
CA VAL A 724 16.93 44.71 19.50
C VAL A 724 16.28 43.65 18.62
N LEU A 725 15.04 43.88 18.22
CA LEU A 725 14.30 42.95 17.40
C LEU A 725 13.40 43.71 16.44
N LYS A 726 13.05 43.05 15.34
CA LYS A 726 12.17 43.61 14.33
C LYS A 726 10.71 43.39 14.74
N HIS A 727 9.79 43.67 13.80
CA HIS A 727 8.37 43.48 14.05
C HIS A 727 7.90 42.08 13.69
N GLN A 728 8.27 41.59 12.51
CA GLN A 728 7.84 40.27 12.08
C GLN A 728 8.42 39.17 12.96
N GLN A 729 9.68 39.30 13.35
CA GLN A 729 10.27 38.32 14.25
C GLN A 729 9.57 38.33 15.61
N LEU A 730 9.24 39.52 16.11
CA LEU A 730 8.51 39.62 17.37
C LEU A 730 7.16 38.95 17.28
N LEU A 731 6.43 39.18 16.18
CA LEU A 731 5.12 38.55 16.01
C LEU A 731 5.25 37.04 15.93
N GLY A 732 6.21 36.55 15.15
CA GLY A 732 6.39 35.12 15.03
C GLY A 732 6.71 34.47 16.36
N GLU A 733 7.59 35.09 17.14
CA GLU A 733 7.94 34.55 18.45
C GLU A 733 6.75 34.57 19.40
N VAL A 734 5.95 35.64 19.37
CA VAL A 734 4.77 35.71 20.24
C VAL A 734 3.80 34.60 19.91
N LEU A 735 3.49 34.41 18.62
CA LEU A 735 2.57 33.34 18.23
C LEU A 735 3.13 31.96 18.55
N THR A 736 4.42 31.73 18.32
CA THR A 736 4.95 30.41 18.62
C THR A 736 5.08 30.16 20.11
N GLN A 737 5.06 31.22 20.93
CA GLN A 737 5.07 31.04 22.37
C GLN A 737 3.67 30.82 22.94
N LEU A 738 2.66 31.49 22.39
CA LEU A 738 1.30 31.40 22.92
C LEU A 738 0.44 30.41 22.15
N SER A 739 1.01 29.64 21.22
CA SER A 739 0.22 28.80 20.33
C SER A 739 -0.53 27.71 21.09
N SER A 740 0.09 27.15 22.14
CA SER A 740 -0.50 26.02 22.84
C SER A 740 -1.79 26.35 23.59
N ARG A 741 -2.10 27.62 23.76
CA ARG A 741 -3.31 28.03 24.48
C ARG A 741 -4.33 28.73 23.59
N PHE A 742 -3.94 29.77 22.87
CA PHE A 742 -4.84 30.46 21.96
C PHE A 742 -4.04 31.11 20.85
N LYS A 743 -4.72 31.36 19.72
CA LYS A 743 -4.08 31.98 18.57
C LYS A 743 -4.33 33.48 18.61
N PRO A 744 -3.32 34.31 18.83
CA PRO A 744 -3.54 35.75 18.90
C PRO A 744 -3.76 36.35 17.51
N ARG A 745 -4.27 37.57 17.51
CA ARG A 745 -4.48 38.33 16.29
C ARG A 745 -3.48 39.48 16.20
N VAL A 746 -3.25 39.96 14.97
CA VAL A 746 -2.31 41.06 14.76
C VAL A 746 -2.78 42.36 15.42
N PRO A 747 -4.04 42.79 15.28
CA PRO A 747 -4.43 44.06 15.93
C PRO A 747 -4.21 44.09 17.43
N VAL A 748 -4.50 42.99 18.15
CA VAL A 748 -4.34 43.00 19.60
C VAL A 748 -2.87 43.05 19.97
N ILE A 749 -2.01 42.37 19.20
CA ILE A 749 -0.58 42.45 19.44
C ILE A 749 -0.06 43.86 19.21
N LYS A 750 -0.55 44.51 18.14
CA LYS A 750 -0.14 45.90 17.88
C LYS A 750 -0.58 46.82 19.00
N LYS A 751 -1.81 46.65 19.50
CA LYS A 751 -2.29 47.47 20.61
C LYS A 751 -1.47 47.22 21.87
N CYS A 752 -1.10 45.97 22.12
CA CYS A 752 -0.27 45.66 23.28
C CYS A 752 1.11 46.31 23.16
N ILE A 753 1.69 46.28 21.96
CA ILE A 753 2.97 46.97 21.75
C ILE A 753 2.82 48.46 22.00
N ASP A 754 1.75 49.06 21.49
CA ASP A 754 1.53 50.49 21.66
C ASP A 754 1.37 50.86 23.13
N ILE A 755 0.63 50.05 23.89
CA ILE A 755 0.44 50.37 25.30
C ILE A 755 1.70 50.08 26.10
N LEU A 756 2.54 49.15 25.63
CA LEU A 756 3.83 48.93 26.28
C LEU A 756 4.75 50.11 26.06
N ILE A 757 4.70 50.73 24.88
CA ILE A 757 5.49 51.92 24.62
C ILE A 757 5.08 53.06 25.56
N GLU A 758 3.78 53.19 25.81
CA GLU A 758 3.30 54.25 26.69
C GLU A 758 3.74 54.05 28.12
N LYS A 759 3.99 52.81 28.54
CA LYS A 759 4.44 52.51 29.89
C LYS A 759 5.96 52.55 30.04
N GLU A 760 6.68 52.97 29.00
CA GLU A 760 8.14 53.04 29.00
C GLU A 760 8.78 51.70 29.37
N TYR A 761 8.48 50.69 28.56
CA TYR A 761 9.18 49.41 28.60
C TYR A 761 10.12 49.20 27.42
N LEU A 762 9.70 49.57 26.22
CA LEU A 762 10.55 49.48 25.04
C LEU A 762 10.39 50.76 24.22
N GLU A 763 11.44 51.09 23.47
CA GLU A 763 11.48 52.29 22.66
C GLU A 763 11.71 51.91 21.19
N ARG A 764 11.27 52.78 20.31
CA ARG A 764 11.38 52.56 18.87
C ARG A 764 12.58 53.30 18.32
N VAL A 765 13.41 52.60 17.55
CA VAL A 765 14.60 53.20 16.97
C VAL A 765 14.44 53.36 15.46
N ASP A 770 10.35 50.79 12.72
CA ASP A 770 9.68 49.50 12.64
C ASP A 770 10.45 48.50 13.51
N THR A 771 11.58 48.96 14.06
CA THR A 771 12.43 48.14 14.91
C THR A 771 12.38 48.67 16.33
N TYR A 772 12.10 47.79 17.28
CA TYR A 772 11.98 48.14 18.69
C TYR A 772 13.19 47.64 19.46
N SER A 773 13.53 48.37 20.53
CA SER A 773 14.63 48.00 21.40
C SER A 773 14.18 48.10 22.85
N TYR A 774 14.72 47.22 23.69
CA TYR A 774 14.35 47.20 25.10
C TYR A 774 14.97 48.40 25.81
N LEU A 775 14.15 49.12 26.58
CA LEU A 775 14.59 50.27 27.35
C LEU A 775 14.50 49.90 28.83
N ALA A 776 15.65 49.63 29.43
CA ALA A 776 15.72 49.24 30.83
C ALA A 776 15.64 50.47 31.74
N SER B 13 29.85 26.17 21.61
CA SER B 13 30.63 25.95 22.82
C SER B 13 30.45 27.08 23.81
N TYR B 14 30.32 28.31 23.28
CA TYR B 14 30.11 29.49 24.11
C TYR B 14 28.63 29.81 24.32
N HIS B 15 27.79 29.52 23.33
CA HIS B 15 26.35 29.76 23.49
C HIS B 15 25.78 28.87 24.59
N ILE B 16 26.20 27.62 24.66
CA ILE B 16 25.73 26.71 25.71
C ILE B 16 26.16 27.22 27.08
N SER B 17 27.41 27.67 27.20
CA SER B 17 27.88 28.20 28.47
C SER B 17 27.09 29.43 28.88
N ASN B 18 26.81 30.32 27.92
CA ASN B 18 26.00 31.51 28.22
C ASN B 18 24.60 31.13 28.67
N LEU B 19 23.98 30.16 28.00
CA LEU B 19 22.64 29.72 28.37
C LEU B 19 22.62 29.14 29.78
N LEU B 20 23.58 28.26 30.09
CA LEU B 20 23.63 27.68 31.43
C LEU B 20 23.92 28.73 32.49
N GLU B 21 24.73 29.72 32.18
CA GLU B 21 24.96 30.80 33.13
C GLU B 21 23.69 31.61 33.37
N LYS B 22 22.92 31.87 32.31
CA LYS B 22 21.74 32.70 32.45
C LYS B 22 20.57 31.95 33.08
N MET B 23 20.57 30.62 33.01
CA MET B 23 19.47 29.84 33.61
C MET B 23 19.47 29.88 35.15
N THR B 24 20.35 30.64 35.79
CA THR B 24 20.33 30.83 37.25
C THR B 24 20.39 32.31 37.58
N SER B 25 19.63 33.12 36.85
CA SER B 25 19.75 34.57 36.91
C SER B 25 18.85 35.22 37.95
N SER B 26 18.15 34.42 38.76
CA SER B 26 17.24 34.89 39.80
C SER B 26 16.08 35.71 39.25
N ASP B 27 15.90 35.75 37.93
CA ASP B 27 14.77 36.40 37.30
C ASP B 27 14.04 35.37 36.43
N LYS B 28 12.72 35.32 36.56
CA LYS B 28 11.95 34.28 35.89
C LYS B 28 11.99 34.44 34.37
N ASP B 29 12.01 35.68 33.88
CA ASP B 29 11.97 35.90 32.43
C ASP B 29 13.23 35.37 31.76
N PHE B 30 14.40 35.66 32.33
CA PHE B 30 15.65 35.18 31.73
C PHE B 30 15.72 33.67 31.76
N ARG B 31 15.33 33.04 32.88
CA ARG B 31 15.36 31.58 32.95
C ARG B 31 14.41 30.96 31.94
N PHE B 32 13.19 31.52 31.82
CA PHE B 32 12.23 30.99 30.87
C PHE B 32 12.75 31.10 29.44
N MET B 33 13.28 32.27 29.07
CA MET B 33 13.76 32.46 27.71
C MET B 33 14.98 31.58 27.42
N ALA B 34 15.88 31.43 28.39
CA ALA B 34 17.05 30.58 28.19
C ALA B 34 16.65 29.13 28.03
N THR B 35 15.70 28.65 28.83
CA THR B 35 15.23 27.28 28.68
C THR B 35 14.54 27.08 27.34
N ASN B 36 13.77 28.07 26.89
CA ASN B 36 13.13 27.97 25.57
C ASN B 36 14.17 27.89 24.46
N ASP B 37 15.22 28.72 24.55
CA ASP B 37 16.28 28.68 23.55
C ASP B 37 17.02 27.35 23.57
N LEU B 38 17.26 26.81 24.77
CA LEU B 38 17.90 25.50 24.89
C LEU B 38 17.05 24.42 24.23
N MET B 39 15.74 24.43 24.50
CA MET B 39 14.86 23.45 23.89
C MET B 39 14.85 23.59 22.37
N THR B 40 14.85 24.83 21.87
CA THR B 40 14.91 25.05 20.43
C THR B 40 16.20 24.50 19.83
N GLU B 41 17.33 24.74 20.50
CA GLU B 41 18.61 24.25 20.00
C GLU B 41 18.66 22.73 19.97
N LEU B 42 18.17 22.07 21.02
CA LEU B 42 18.20 20.61 21.04
C LEU B 42 17.25 20.01 20.01
N GLN B 43 16.12 20.67 19.76
CA GLN B 43 15.23 20.19 18.71
C GLN B 43 15.81 20.38 17.32
N LYS B 44 16.86 21.19 17.18
CA LYS B 44 17.52 21.40 15.90
C LYS B 44 18.47 20.26 15.59
N ASP B 50 29.50 18.46 23.33
CA ASP B 50 30.66 18.18 24.17
C ASP B 50 30.26 17.32 25.36
N ASP B 51 31.15 16.40 25.75
CA ASP B 51 30.84 15.48 26.83
C ASP B 51 30.68 16.21 28.16
N ASP B 52 31.54 17.19 28.44
CA ASP B 52 31.48 17.91 29.69
C ASP B 52 30.18 18.71 29.81
N SER B 53 29.74 19.32 28.70
CA SER B 53 28.54 20.14 28.71
C SER B 53 27.28 19.31 29.00
N GLU B 54 27.31 18.01 28.73
CA GLU B 54 26.12 17.19 28.97
C GLU B 54 25.76 17.13 30.44
N ARG B 55 26.77 16.95 31.31
CA ARG B 55 26.50 16.81 32.74
C ARG B 55 25.89 18.08 33.31
N LYS B 56 26.43 19.24 32.93
CA LYS B 56 25.90 20.50 33.44
C LYS B 56 24.47 20.72 32.96
N VAL B 57 24.18 20.42 31.70
CA VAL B 57 22.83 20.59 31.18
C VAL B 57 21.86 19.68 31.92
N VAL B 58 22.24 18.42 32.12
CA VAL B 58 21.37 17.47 32.81
C VAL B 58 21.11 17.94 34.24
N LYS B 59 22.16 18.35 34.95
CA LYS B 59 22.00 18.79 36.33
C LYS B 59 21.14 20.04 36.41
N MET B 60 21.32 20.98 35.47
CA MET B 60 20.53 22.21 35.49
C MET B 60 19.06 21.94 35.23
N ILE B 61 18.76 21.03 34.29
CA ILE B 61 17.37 20.65 34.05
C ILE B 61 16.78 19.98 35.29
N LEU B 62 17.55 19.07 35.90
CA LEU B 62 17.08 18.36 37.08
C LEU B 62 16.80 19.32 38.23
N LYS B 63 17.61 20.38 38.36
CA LYS B 63 17.42 21.34 39.42
C LYS B 63 16.29 22.32 39.12
N LEU B 64 16.07 22.64 37.84
CA LEU B 64 14.94 23.49 37.48
C LEU B 64 13.62 22.74 37.56
N LEU B 65 13.66 21.41 37.62
CA LEU B 65 12.44 20.66 37.91
C LEU B 65 11.85 21.05 39.26
N GLU B 66 12.65 21.62 40.16
CA GLU B 66 12.21 22.05 41.47
C GLU B 66 12.06 23.56 41.57
N ASP B 67 12.00 24.26 40.44
CA ASP B 67 11.98 25.72 40.45
C ASP B 67 10.67 26.24 41.02
N LYS B 68 10.72 27.49 41.51
CA LYS B 68 9.54 28.11 42.11
C LYS B 68 8.48 28.43 41.06
N ASN B 69 8.90 28.93 39.90
CA ASN B 69 7.95 29.31 38.86
C ASN B 69 7.41 28.08 38.14
N GLY B 70 6.09 28.03 37.96
CA GLY B 70 5.48 26.89 37.31
C GLY B 70 5.84 26.79 35.84
N GLU B 71 5.99 27.93 35.16
CA GLU B 71 6.31 27.92 33.74
C GLU B 71 7.68 27.30 33.49
N VAL B 72 8.65 27.60 34.35
CA VAL B 72 9.98 27.01 34.20
C VAL B 72 9.92 25.49 34.40
N GLN B 73 9.11 25.03 35.36
CA GLN B 73 8.95 23.60 35.56
C GLN B 73 8.33 22.94 34.34
N ASN B 74 7.32 23.58 33.75
CA ASN B 74 6.70 23.03 32.56
C ASN B 74 7.69 22.96 31.40
N LEU B 75 8.50 24.01 31.24
CA LEU B 75 9.51 24.01 30.18
C LEU B 75 10.54 22.91 30.40
N ALA B 76 10.96 22.70 31.65
CA ALA B 76 11.93 21.65 31.94
C ALA B 76 11.35 20.27 31.64
N VAL B 77 10.07 20.05 32.01
CA VAL B 77 9.43 18.77 31.71
C VAL B 77 9.35 18.55 30.21
N LYS B 78 8.97 19.58 29.45
CA LYS B 78 8.89 19.43 28.01
C LYS B 78 10.26 19.20 27.40
N CYS B 79 11.32 19.79 27.98
CA CYS B 79 12.67 19.65 27.45
C CYS B 79 13.27 18.28 27.78
N LEU B 80 12.84 17.64 28.86
CA LEU B 80 13.36 16.31 29.18
C LEU B 80 13.10 15.28 28.09
N GLY B 81 12.12 15.53 27.22
CA GLY B 81 11.79 14.62 26.15
C GLY B 81 12.88 14.49 25.11
N PRO B 82 13.11 15.56 24.34
CA PRO B 82 14.17 15.51 23.31
C PRO B 82 15.57 15.30 23.86
N LEU B 83 15.78 15.54 25.15
CA LEU B 83 17.12 15.43 25.72
C LEU B 83 17.66 14.01 25.63
N VAL B 84 16.81 13.01 25.85
CA VAL B 84 17.29 11.63 25.92
C VAL B 84 17.87 11.17 24.59
N SER B 85 17.30 11.62 23.47
CA SER B 85 17.81 11.19 22.17
C SER B 85 19.23 11.72 21.91
N LYS B 86 19.47 12.99 22.23
CA LYS B 86 20.78 13.57 21.96
C LYS B 86 21.83 13.09 22.95
N VAL B 87 21.48 12.98 24.23
CA VAL B 87 22.45 12.65 25.26
C VAL B 87 22.82 11.17 25.18
N LYS B 88 24.05 10.85 25.58
CA LYS B 88 24.57 9.49 25.53
C LYS B 88 23.82 8.54 26.44
N GLU B 89 24.19 7.26 26.41
CA GLU B 89 23.45 6.23 27.13
C GLU B 89 23.62 6.34 28.64
N TYR B 90 24.78 6.83 29.11
CA TYR B 90 25.07 6.80 30.53
C TYR B 90 24.15 7.75 31.31
N GLN B 91 23.93 8.96 30.81
CA GLN B 91 23.19 9.96 31.56
C GLN B 91 21.69 9.67 31.60
N VAL B 92 21.17 8.90 30.65
CA VAL B 92 19.77 8.50 30.71
C VAL B 92 19.52 7.69 31.97
N GLU B 93 20.50 6.87 32.36
CA GLU B 93 20.35 6.06 33.56
C GLU B 93 20.22 6.94 34.81
N THR B 94 21.05 7.98 34.92
CA THR B 94 20.95 8.83 36.11
C THR B 94 19.70 9.70 36.07
N ILE B 95 19.24 10.08 34.87
CA ILE B 95 17.97 10.80 34.77
C ILE B 95 16.83 9.93 35.29
N VAL B 96 16.79 8.67 34.85
CA VAL B 96 15.75 7.75 35.31
C VAL B 96 15.86 7.52 36.81
N ASP B 97 17.09 7.35 37.31
CA ASP B 97 17.27 7.08 38.73
C ASP B 97 16.79 8.25 39.58
N THR B 98 17.15 9.48 39.20
CA THR B 98 16.73 10.63 39.98
C THR B 98 15.22 10.85 39.89
N LEU B 99 14.63 10.59 38.72
CA LEU B 99 13.18 10.73 38.59
C LEU B 99 12.46 9.72 39.48
N CYS B 100 12.92 8.47 39.46
CA CYS B 100 12.30 7.44 40.29
C CYS B 100 12.49 7.74 41.78
N THR B 101 13.67 8.25 42.16
CA THR B 101 13.91 8.59 43.56
C THR B 101 13.00 9.73 43.99
N ASN B 102 12.84 10.76 43.15
CA ASN B 102 11.95 11.86 43.49
C ASN B 102 10.50 11.42 43.51
N MET B 103 10.16 10.35 42.78
CA MET B 103 8.79 9.84 42.80
C MET B 103 8.35 9.39 44.18
N LEU B 104 9.27 8.96 45.03
CA LEU B 104 8.94 8.48 46.37
C LEU B 104 9.10 9.56 47.44
N SER B 105 9.40 10.79 47.06
CA SER B 105 9.61 11.86 48.02
C SER B 105 8.29 12.26 48.67
N ASP B 106 8.41 12.95 49.81
CA ASP B 106 7.21 13.37 50.54
C ASP B 106 6.48 14.50 49.83
N LYS B 107 7.21 15.37 49.14
CA LYS B 107 6.59 16.52 48.49
C LYS B 107 5.68 16.07 47.34
N GLU B 108 4.51 16.70 47.26
CA GLU B 108 3.56 16.35 46.20
C GLU B 108 4.02 16.89 44.85
N GLN B 109 4.57 18.10 44.82
CA GLN B 109 5.04 18.69 43.57
C GLN B 109 6.16 17.85 42.96
N LEU B 110 7.10 17.41 43.80
CA LEU B 110 8.15 16.52 43.29
C LEU B 110 7.54 15.26 42.71
N ARG B 111 6.58 14.66 43.41
CA ARG B 111 6.00 13.39 42.98
C ARG B 111 5.33 13.53 41.61
N ASP B 112 4.44 14.51 41.46
CA ASP B 112 3.71 14.59 40.20
C ASP B 112 4.58 15.14 39.06
N ILE B 113 5.51 16.05 39.35
CA ILE B 113 6.39 16.54 38.29
C ILE B 113 7.30 15.40 37.80
N SER B 114 7.74 14.54 38.71
CA SER B 114 8.57 13.41 38.32
C SER B 114 7.76 12.38 37.55
N SER B 115 6.49 12.18 37.93
CA SER B 115 5.64 11.28 37.17
C SER B 115 5.47 11.76 35.74
N ILE B 116 5.21 13.06 35.56
CA ILE B 116 5.06 13.60 34.21
C ILE B 116 6.37 13.47 33.43
N GLY B 117 7.50 13.77 34.08
CA GLY B 117 8.78 13.65 33.40
C GLY B 117 9.09 12.22 32.98
N LEU B 118 8.81 11.26 33.86
CA LEU B 118 9.06 9.86 33.54
C LEU B 118 8.15 9.39 32.41
N LYS B 119 6.89 9.83 32.40
CA LYS B 119 6.00 9.50 31.29
C LYS B 119 6.52 10.09 29.98
N THR B 120 7.02 11.31 30.02
CA THR B 120 7.59 11.92 28.82
C THR B 120 8.81 11.15 28.34
N VAL B 121 9.66 10.71 29.28
CA VAL B 121 10.84 9.93 28.90
C VAL B 121 10.43 8.61 28.26
N ILE B 122 9.43 7.94 28.84
CA ILE B 122 8.96 6.68 28.28
C ILE B 122 8.37 6.89 26.89
N GLY B 123 7.61 7.97 26.71
CA GLY B 123 6.97 8.21 25.42
C GLY B 123 7.95 8.38 24.28
N GLU B 124 9.02 9.13 24.52
CA GLU B 124 10.06 9.37 23.51
C GLU B 124 11.23 8.44 23.83
N LEU B 125 11.22 7.27 23.21
CA LEU B 125 12.25 6.26 23.47
C LEU B 125 12.34 5.26 22.31
N ALA B 135 17.67 1.36 25.40
CA ALA B 135 16.22 1.17 25.44
C ALA B 135 15.83 0.13 26.49
N ALA B 136 16.32 -1.10 26.31
CA ALA B 136 15.99 -2.15 27.27
C ALA B 136 16.72 -1.96 28.59
N ASN B 137 17.84 -1.22 28.58
CA ASN B 137 18.61 -1.03 29.81
C ASN B 137 17.84 -0.20 30.83
N VAL B 138 17.28 0.92 30.40
CA VAL B 138 16.53 1.78 31.33
C VAL B 138 15.23 1.10 31.76
N CYS B 139 14.64 0.30 30.87
CA CYS B 139 13.37 -0.37 31.20
C CYS B 139 13.56 -1.34 32.36
N LYS B 140 14.71 -1.99 32.44
CA LYS B 140 14.95 -2.92 33.55
C LYS B 140 14.94 -2.20 34.89
N LYS B 141 15.64 -1.06 34.98
CA LYS B 141 15.65 -0.30 36.22
C LYS B 141 14.28 0.28 36.54
N ILE B 142 13.57 0.75 35.52
CA ILE B 142 12.22 1.28 35.75
C ILE B 142 11.32 0.17 36.28
N THR B 143 11.40 -1.02 35.69
CA THR B 143 10.59 -2.13 36.16
C THR B 143 10.93 -2.51 37.59
N GLY B 144 12.21 -2.53 37.93
CA GLY B 144 12.59 -2.85 39.29
C GLY B 144 12.05 -1.84 40.30
N ARG B 145 12.21 -0.55 40.00
CA ARG B 145 11.72 0.48 40.91
C ARG B 145 10.20 0.43 41.04
N LEU B 146 9.49 0.27 39.92
CA LEU B 146 8.04 0.22 39.96
C LEU B 146 7.53 -0.99 40.72
N THR B 147 8.16 -2.15 40.52
CA THR B 147 7.76 -3.35 41.25
C THR B 147 8.00 -3.19 42.74
N SER B 148 9.13 -2.58 43.11
CA SER B 148 9.39 -2.32 44.53
C SER B 148 8.36 -1.36 45.11
N ALA B 149 7.97 -0.34 44.35
CA ALA B 149 7.08 0.68 44.87
C ALA B 149 5.64 0.17 45.01
N ILE B 150 5.18 -0.63 44.05
CA ILE B 150 3.77 -1.04 44.04
C ILE B 150 3.48 -1.97 45.22
N ALA B 151 4.42 -2.86 45.55
CA ALA B 151 4.17 -3.83 46.61
C ALA B 151 3.87 -3.15 47.94
N LYS B 152 4.43 -1.97 48.18
CA LYS B 152 4.13 -1.24 49.41
C LYS B 152 2.69 -0.74 49.39
N GLN B 153 1.97 -0.99 50.48
CA GLN B 153 0.58 -0.57 50.60
C GLN B 153 0.40 0.56 51.61
N GLU B 154 1.49 1.10 52.15
CA GLU B 154 1.37 2.17 53.14
C GLU B 154 0.81 3.45 52.51
N ASP B 155 1.25 3.79 51.29
CA ASP B 155 0.79 4.96 50.58
C ASP B 155 0.13 4.54 49.29
N VAL B 156 -1.02 5.11 48.98
CA VAL B 156 -1.78 4.70 47.81
C VAL B 156 -1.48 5.58 46.59
N SER B 157 -1.09 6.84 46.80
CA SER B 157 -0.77 7.70 45.66
C SER B 157 0.42 7.17 44.88
N VAL B 158 1.47 6.73 45.58
CA VAL B 158 2.62 6.14 44.92
C VAL B 158 2.20 4.89 44.15
N GLN B 159 1.32 4.08 44.76
CA GLN B 159 0.83 2.88 44.09
C GLN B 159 0.13 3.23 42.79
N LEU B 160 -0.76 4.23 42.83
CA LEU B 160 -1.51 4.59 41.63
C LEU B 160 -0.61 5.13 40.54
N GLU B 161 0.32 6.02 40.89
CA GLU B 161 1.22 6.59 39.90
C GLU B 161 2.10 5.51 39.28
N ALA B 162 2.64 4.61 40.11
CA ALA B 162 3.48 3.54 39.61
C ALA B 162 2.68 2.59 38.72
N LEU B 163 1.44 2.28 39.09
CA LEU B 163 0.62 1.42 38.26
C LEU B 163 0.35 2.04 36.91
N ASP B 164 0.04 3.33 36.89
CA ASP B 164 -0.26 3.99 35.62
C ASP B 164 0.98 4.05 34.74
N ILE B 165 2.15 4.32 35.33
CA ILE B 165 3.38 4.35 34.53
C ILE B 165 3.72 2.96 34.01
N MET B 166 3.49 1.91 34.81
CA MET B 166 3.74 0.57 34.31
C MET B 166 2.79 0.23 33.16
N ALA B 167 1.53 0.65 33.26
CA ALA B 167 0.60 0.43 32.16
C ALA B 167 1.07 1.14 30.90
N ASP B 168 1.55 2.38 31.04
CA ASP B 168 2.07 3.11 29.88
C ASP B 168 3.30 2.40 29.30
N MET B 169 4.17 1.89 30.16
CA MET B 169 5.38 1.22 29.70
C MET B 169 5.07 -0.11 29.03
N LEU B 170 4.00 -0.78 29.45
CA LEU B 170 3.63 -2.05 28.84
C LEU B 170 2.84 -1.86 27.56
N SER B 171 2.16 -0.72 27.42
CA SER B 171 1.38 -0.47 26.20
C SER B 171 2.26 -0.43 24.97
N ARG B 172 3.41 0.23 25.06
CA ARG B 172 4.35 0.34 23.96
C ARG B 172 5.73 -0.14 24.41
N GLN B 173 6.50 -0.66 23.46
CA GLN B 173 7.77 -1.35 23.69
C GLN B 173 7.70 -2.26 24.92
N GLY B 174 6.59 -2.98 25.07
CA GLY B 174 6.45 -3.94 26.14
C GLY B 174 7.01 -5.31 25.85
N GLY B 175 7.41 -5.57 24.60
CA GLY B 175 7.96 -6.86 24.24
C GLY B 175 9.40 -7.08 24.66
N LEU B 176 10.06 -6.05 25.19
CA LEU B 176 11.44 -6.14 25.63
C LEU B 176 11.56 -6.60 27.08
N LEU B 177 10.45 -6.84 27.76
CA LEU B 177 10.43 -7.20 29.17
C LEU B 177 10.08 -8.67 29.37
N VAL B 178 10.59 -9.53 28.48
CA VAL B 178 10.26 -10.96 28.54
C VAL B 178 10.75 -11.58 29.83
N ASN B 179 11.96 -11.24 30.28
CA ASN B 179 12.53 -11.85 31.47
C ASN B 179 11.90 -11.32 32.76
N PHE B 180 11.13 -10.23 32.71
CA PHE B 180 10.56 -9.62 33.90
C PHE B 180 9.06 -9.83 34.03
N HIS B 181 8.46 -10.59 33.12
CA HIS B 181 7.01 -10.81 33.18
C HIS B 181 6.56 -11.50 34.46
N PRO B 182 7.21 -12.59 34.93
CA PRO B 182 6.78 -13.16 36.22
C PRO B 182 6.94 -12.20 37.38
N SER B 183 7.97 -11.36 37.36
CA SER B 183 8.16 -10.38 38.43
C SER B 183 7.04 -9.36 38.43
N ILE B 184 6.61 -8.92 37.24
CA ILE B 184 5.47 -8.01 37.17
C ILE B 184 4.20 -8.72 37.62
N LEU B 185 4.07 -10.00 37.28
CA LEU B 185 2.87 -10.77 37.57
C LEU B 185 2.67 -10.91 39.08
N THR B 186 3.72 -11.33 39.78
CA THR B 186 3.62 -11.64 41.20
C THR B 186 3.39 -10.39 42.05
N CYS B 187 3.62 -9.20 41.49
CA CYS B 187 3.30 -7.96 42.18
C CYS B 187 1.99 -7.36 41.74
N LEU B 188 1.54 -7.65 40.51
CA LEU B 188 0.26 -7.13 40.05
C LEU B 188 -0.89 -7.86 40.71
N LEU B 189 -0.86 -9.19 40.74
CA LEU B 189 -2.01 -9.95 41.25
C LEU B 189 -2.40 -9.67 42.70
N PRO B 190 -1.48 -9.52 43.66
CA PRO B 190 -1.93 -9.24 45.04
C PRO B 190 -2.77 -7.97 45.17
N GLN B 191 -2.71 -7.05 44.21
CA GLN B 191 -3.38 -5.76 44.32
C GLN B 191 -4.85 -5.80 43.94
N LEU B 192 -5.37 -6.93 43.44
CA LEU B 192 -6.78 -7.02 43.10
C LEU B 192 -7.67 -7.15 44.33
N THR B 193 -7.10 -7.34 45.51
CA THR B 193 -7.86 -7.39 46.75
C THR B 193 -7.71 -6.12 47.57
N SER B 194 -7.14 -5.06 46.99
CA SER B 194 -6.92 -3.82 47.72
C SER B 194 -8.24 -3.16 48.09
N PRO B 195 -8.32 -2.52 49.25
CA PRO B 195 -9.56 -1.84 49.65
C PRO B 195 -9.97 -0.70 48.73
N ARG B 196 -9.02 -0.10 48.00
CA ARG B 196 -9.32 0.99 47.10
C ARG B 196 -9.68 0.46 45.72
N LEU B 197 -10.74 1.04 45.14
CA LEU B 197 -11.22 0.58 43.84
C LEU B 197 -10.34 1.06 42.70
N ALA B 198 -9.76 2.25 42.82
CA ALA B 198 -8.90 2.78 41.76
C ALA B 198 -7.70 1.89 41.53
N VAL B 199 -7.13 1.36 42.63
CA VAL B 199 -6.01 0.43 42.52
C VAL B 199 -6.43 -0.81 41.74
N ARG B 200 -7.61 -1.33 42.03
CA ARG B 200 -8.10 -2.50 41.32
C ARG B 200 -8.28 -2.23 39.84
N LYS B 201 -8.86 -1.08 39.49
CA LYS B 201 -9.06 -0.76 38.08
C LYS B 201 -7.74 -0.61 37.34
N ARG B 202 -6.77 0.09 37.96
CA ARG B 202 -5.48 0.24 37.31
C ARG B 202 -4.74 -1.09 37.20
N THR B 203 -4.90 -1.97 38.20
CA THR B 203 -4.32 -3.29 38.11
C THR B 203 -4.92 -4.08 36.97
N ILE B 204 -6.24 -3.97 36.77
CA ILE B 204 -6.89 -4.65 35.65
C ILE B 204 -6.36 -4.13 34.33
N ILE B 205 -6.18 -2.81 34.21
CA ILE B 205 -5.64 -2.24 32.98
C ILE B 205 -4.23 -2.76 32.71
N ALA B 206 -3.40 -2.77 33.76
CA ALA B 206 -2.03 -3.25 33.61
C ALA B 206 -1.99 -4.73 33.23
N LEU B 207 -2.86 -5.54 33.84
CA LEU B 207 -2.91 -6.95 33.51
C LEU B 207 -3.34 -7.17 32.07
N GLY B 208 -4.31 -6.39 31.60
CA GLY B 208 -4.70 -6.48 30.21
C GLY B 208 -3.57 -6.13 29.26
N HIS B 209 -2.84 -5.05 29.56
CA HIS B 209 -1.70 -4.69 28.72
C HIS B 209 -0.62 -5.77 28.75
N LEU B 210 -0.39 -6.39 29.91
CA LEU B 210 0.56 -7.48 30.00
C LEU B 210 0.14 -8.66 29.14
N VAL B 211 -1.14 -9.03 29.21
CA VAL B 211 -1.63 -10.17 28.45
C VAL B 211 -1.58 -9.89 26.96
N MET B 212 -1.74 -8.63 26.55
CA MET B 212 -1.72 -8.29 25.13
C MET B 212 -0.44 -8.77 24.44
N SER B 213 0.67 -8.81 25.17
CA SER B 213 1.93 -9.29 24.58
C SER B 213 2.76 -9.89 25.73
N CYS B 214 2.76 -11.23 25.81
CA CYS B 214 3.46 -11.93 26.88
C CYS B 214 3.74 -13.35 26.43
N GLY B 215 4.29 -14.15 27.34
CA GLY B 215 4.60 -15.53 27.07
C GLY B 215 3.41 -16.45 27.28
N ASN B 216 3.65 -17.75 27.06
CA ASN B 216 2.60 -18.74 27.22
C ASN B 216 2.41 -19.13 28.68
N ILE B 217 3.50 -19.31 29.42
CA ILE B 217 3.40 -19.80 30.79
C ILE B 217 2.77 -18.75 31.71
N VAL B 218 3.07 -17.47 31.46
CA VAL B 218 2.50 -16.40 32.29
C VAL B 218 0.99 -16.34 32.11
N PHE B 219 0.50 -16.51 30.89
CA PHE B 219 -0.93 -16.49 30.64
C PHE B 219 -1.63 -17.64 31.37
N VAL B 220 -1.04 -18.82 31.33
CA VAL B 220 -1.61 -19.97 32.04
C VAL B 220 -1.62 -19.70 33.53
N ASP B 221 -0.52 -19.16 34.07
CA ASP B 221 -0.46 -18.87 35.49
C ASP B 221 -1.57 -17.91 35.89
N LEU B 222 -1.76 -16.83 35.12
CA LEU B 222 -2.80 -15.87 35.44
C LEU B 222 -4.19 -16.48 35.36
N ILE B 223 -4.44 -17.28 34.31
CA ILE B 223 -5.77 -17.85 34.13
C ILE B 223 -6.11 -18.82 35.25
N GLU B 224 -5.17 -19.71 35.60
CA GLU B 224 -5.43 -20.62 36.70
C GLU B 224 -5.54 -19.90 38.02
N HIS B 225 -4.82 -18.78 38.22
CA HIS B 225 -5.03 -18.02 39.45
C HIS B 225 -6.44 -17.45 39.51
N LEU B 226 -6.90 -16.86 38.41
CA LEU B 226 -8.24 -16.28 38.40
C LEU B 226 -9.29 -17.35 38.66
N LEU B 227 -9.14 -18.52 38.04
CA LEU B 227 -10.06 -19.62 38.31
C LEU B 227 -9.94 -20.12 39.74
N SER B 228 -8.73 -20.10 40.31
CA SER B 228 -8.54 -20.62 41.67
C SER B 228 -9.25 -19.76 42.70
N GLU B 229 -9.04 -18.44 42.66
CA GLU B 229 -9.80 -17.59 43.58
C GLU B 229 -11.22 -17.28 43.12
N LEU B 230 -11.65 -17.73 41.95
CA LEU B 230 -13.08 -17.73 41.69
C LEU B 230 -13.77 -19.00 42.18
N SER B 231 -13.04 -20.11 42.28
CA SER B 231 -13.63 -21.35 42.79
C SER B 231 -14.08 -21.19 44.23
N LYS B 232 -13.43 -20.32 44.99
CA LYS B 232 -13.82 -20.02 46.36
C LYS B 232 -14.32 -18.57 46.43
N ASN B 233 -15.50 -18.39 47.01
CA ASN B 233 -16.13 -17.08 47.11
C ASN B 233 -15.73 -16.52 48.48
N ASP B 234 -14.59 -15.84 48.52
CA ASP B 234 -14.11 -15.27 49.78
C ASP B 234 -14.95 -14.07 50.19
N SER B 235 -15.24 -13.17 49.26
CA SER B 235 -16.01 -11.97 49.56
C SER B 235 -16.78 -11.54 48.32
N MET B 236 -17.84 -10.77 48.55
CA MET B 236 -18.67 -10.30 47.45
C MET B 236 -17.95 -9.24 46.63
N SER B 237 -17.17 -8.37 47.28
CA SER B 237 -16.53 -7.27 46.58
C SER B 237 -15.39 -7.75 45.67
N THR B 238 -14.86 -8.95 45.93
CA THR B 238 -13.72 -9.43 45.16
C THR B 238 -14.15 -10.29 43.98
N THR B 239 -15.29 -10.97 44.09
CA THR B 239 -15.80 -11.72 42.94
C THR B 239 -16.12 -10.77 41.78
N ARG B 240 -16.65 -9.59 42.10
CA ARG B 240 -16.96 -8.61 41.05
C ARG B 240 -15.70 -8.22 40.28
N THR B 241 -14.62 -7.91 40.99
CA THR B 241 -13.40 -7.50 40.31
C THR B 241 -12.75 -8.68 39.57
N TYR B 242 -12.93 -9.91 40.06
CA TYR B 242 -12.42 -11.05 39.32
C TYR B 242 -13.17 -11.23 38.00
N ILE B 243 -14.50 -11.10 38.01
CA ILE B 243 -15.26 -11.20 36.77
C ILE B 243 -14.90 -10.06 35.83
N GLN B 244 -14.72 -8.86 36.37
CA GLN B 244 -14.29 -7.74 35.52
C GLN B 244 -12.94 -8.02 34.89
N CYS B 245 -12.01 -8.59 35.66
CA CYS B 245 -10.70 -8.92 35.11
C CYS B 245 -10.81 -9.95 34.00
N ILE B 246 -11.62 -11.00 34.20
CA ILE B 246 -11.77 -12.01 33.15
C ILE B 246 -12.36 -11.38 31.89
N ALA B 247 -13.31 -10.46 32.05
CA ALA B 247 -13.81 -9.74 30.90
C ALA B 247 -12.70 -8.94 30.22
N ALA B 248 -11.80 -8.35 31.01
CA ALA B 248 -10.72 -7.54 30.45
C ALA B 248 -9.76 -8.39 29.61
N ILE B 249 -9.34 -9.54 30.14
CA ILE B 249 -8.51 -10.44 29.34
C ILE B 249 -9.27 -10.97 28.13
N SER B 250 -10.57 -11.24 28.28
CA SER B 250 -11.34 -11.69 27.13
C SER B 250 -11.32 -10.65 26.01
N ARG B 251 -11.45 -9.38 26.37
CA ARG B 251 -11.41 -8.31 25.37
C ARG B 251 -10.02 -8.15 24.78
N GLN B 252 -8.97 -8.23 25.62
CA GLN B 252 -7.63 -7.90 25.16
C GLN B 252 -7.01 -9.05 24.36
N ALA B 253 -6.93 -10.24 24.95
CA ALA B 253 -6.30 -11.37 24.29
C ALA B 253 -7.21 -11.94 23.20
N GLY B 254 -8.38 -12.43 23.58
CA GLY B 254 -9.31 -12.96 22.61
C GLY B 254 -9.16 -14.45 22.35
N HIS B 255 -8.43 -14.80 21.29
CA HIS B 255 -8.31 -16.19 20.87
C HIS B 255 -7.62 -17.04 21.93
N ARG B 256 -6.75 -16.44 22.73
CA ARG B 256 -5.97 -17.21 23.68
C ARG B 256 -6.79 -17.71 24.86
N ILE B 257 -7.98 -17.15 25.09
CA ILE B 257 -8.82 -17.56 26.21
C ILE B 257 -9.92 -18.53 25.79
N GLY B 258 -10.01 -18.84 24.50
CA GLY B 258 -11.06 -19.74 24.03
C GLY B 258 -10.90 -21.16 24.51
N GLU B 259 -9.70 -21.56 24.91
CA GLU B 259 -9.48 -22.93 25.36
C GLU B 259 -10.05 -23.16 26.75
N TYR B 260 -10.14 -22.11 27.57
CA TYR B 260 -10.58 -22.23 28.96
C TYR B 260 -12.05 -21.89 29.15
N LEU B 261 -12.80 -21.68 28.07
CA LEU B 261 -14.22 -21.33 28.19
C LEU B 261 -14.99 -22.47 28.86
N GLU B 262 -14.62 -23.71 28.58
CA GLU B 262 -15.31 -24.86 29.16
C GLU B 262 -15.27 -24.81 30.69
N LYS B 263 -14.22 -24.22 31.25
CA LYS B 263 -14.12 -24.07 32.70
C LYS B 263 -14.69 -22.74 33.18
N ILE B 264 -14.54 -21.67 32.40
CA ILE B 264 -14.99 -20.36 32.84
C ILE B 264 -16.51 -20.28 32.87
N ILE B 265 -17.18 -20.82 31.86
CA ILE B 265 -18.63 -20.60 31.72
C ILE B 265 -19.43 -21.09 32.92
N PRO B 266 -19.21 -22.31 33.45
CA PRO B 266 -20.05 -22.75 34.57
C PRO B 266 -19.98 -21.84 35.79
N LEU B 267 -18.81 -21.26 36.09
CA LEU B 267 -18.70 -20.35 37.22
C LEU B 267 -19.55 -19.10 37.01
N VAL B 268 -19.50 -18.53 35.80
CA VAL B 268 -20.31 -17.34 35.51
C VAL B 268 -21.79 -17.68 35.58
N VAL B 269 -22.16 -18.85 35.08
CA VAL B 269 -23.57 -19.27 35.14
C VAL B 269 -24.01 -19.41 36.59
N LYS B 270 -23.17 -19.99 37.44
CA LYS B 270 -23.51 -20.12 38.84
C LYS B 270 -23.64 -18.76 39.51
N PHE B 271 -22.74 -17.83 39.19
CA PHE B 271 -22.78 -16.51 39.80
C PHE B 271 -23.90 -15.63 39.26
N CYS B 272 -24.47 -15.96 38.10
CA CYS B 272 -25.59 -15.20 37.58
C CYS B 272 -26.79 -15.27 38.50
N ASN B 273 -27.06 -16.45 39.07
CA ASN B 273 -28.25 -16.66 39.89
C ASN B 273 -28.19 -15.95 41.24
N VAL B 274 -27.04 -15.40 41.63
CA VAL B 274 -26.93 -14.72 42.90
C VAL B 274 -27.80 -13.47 42.91
N ASP B 275 -28.38 -13.17 44.08
CA ASP B 275 -29.37 -12.11 44.19
C ASP B 275 -28.79 -10.72 43.96
N ASP B 276 -27.47 -10.55 44.12
CA ASP B 276 -26.87 -9.23 43.99
C ASP B 276 -27.07 -8.66 42.59
N ASP B 277 -27.54 -7.42 42.52
CA ASP B 277 -27.83 -6.80 41.23
C ASP B 277 -26.55 -6.40 40.50
N GLU B 278 -25.56 -5.88 41.24
CA GLU B 278 -24.32 -5.45 40.62
C GLU B 278 -23.54 -6.61 40.02
N LEU B 279 -23.56 -7.76 40.69
CA LEU B 279 -22.79 -8.91 40.22
C LEU B 279 -23.32 -9.44 38.90
N ARG B 280 -24.65 -9.43 38.72
CA ARG B 280 -25.25 -9.99 37.52
C ARG B 280 -24.84 -9.25 36.26
N GLU B 281 -24.77 -7.92 36.33
CA GLU B 281 -24.43 -7.12 35.16
C GLU B 281 -23.04 -7.46 34.64
N TYR B 282 -22.06 -7.62 35.55
CA TYR B 282 -20.73 -7.99 35.12
C TYR B 282 -20.70 -9.37 34.48
N CYS B 283 -21.50 -10.31 35.00
CA CYS B 283 -21.57 -11.63 34.39
C CYS B 283 -22.12 -11.57 32.97
N ILE B 284 -23.17 -10.77 32.76
CA ILE B 284 -23.74 -10.67 31.42
C ILE B 284 -22.76 -9.97 30.47
N GLN B 285 -22.03 -8.96 30.98
CA GLN B 285 -21.01 -8.32 30.15
C GLN B 285 -19.91 -9.29 29.78
N ALA B 286 -19.52 -10.16 30.72
CA ALA B 286 -18.53 -11.19 30.41
C ALA B 286 -19.03 -12.14 29.35
N PHE B 287 -20.31 -12.52 29.43
CA PHE B 287 -20.91 -13.37 28.40
C PHE B 287 -20.83 -12.69 27.04
N GLU B 288 -21.17 -11.39 26.99
CA GLU B 288 -21.12 -10.65 25.73
C GLU B 288 -19.70 -10.58 25.18
N SER B 289 -18.72 -10.36 26.06
CA SER B 289 -17.33 -10.31 25.61
C SER B 289 -16.88 -11.66 25.06
N PHE B 290 -17.26 -12.75 25.72
CA PHE B 290 -16.93 -14.07 25.21
C PHE B 290 -17.56 -14.33 23.86
N VAL B 291 -18.81 -13.90 23.68
CA VAL B 291 -19.49 -14.07 22.40
C VAL B 291 -18.77 -13.29 21.30
N ARG B 292 -18.39 -12.05 21.61
CA ARG B 292 -17.84 -11.18 20.57
C ARG B 292 -16.42 -11.57 20.19
N ARG B 293 -15.57 -11.89 21.17
CA ARG B 293 -14.14 -12.01 20.88
C ARG B 293 -13.76 -13.38 20.37
N CYS B 294 -14.29 -14.45 20.97
CA CYS B 294 -13.94 -15.82 20.58
C CYS B 294 -15.18 -16.53 20.08
N PRO B 295 -15.42 -16.50 18.76
CA PRO B 295 -16.65 -17.11 18.23
C PRO B 295 -16.57 -18.62 18.06
N LYS B 296 -15.39 -19.13 17.72
CA LYS B 296 -15.26 -20.56 17.41
C LYS B 296 -15.50 -21.43 18.64
N GLU B 297 -14.96 -21.04 19.79
CA GLU B 297 -15.06 -21.87 20.99
C GLU B 297 -16.32 -21.60 21.80
N VAL B 298 -17.12 -20.60 21.43
CA VAL B 298 -18.32 -20.26 22.21
C VAL B 298 -19.55 -21.01 21.70
N TYR B 299 -19.41 -21.81 20.64
CA TYR B 299 -20.57 -22.49 20.06
C TYR B 299 -21.34 -23.37 21.05
N PRO B 300 -20.70 -24.23 21.84
CA PRO B 300 -21.49 -25.09 22.74
C PRO B 300 -22.28 -24.34 23.80
N HIS B 301 -21.93 -23.10 24.12
CA HIS B 301 -22.58 -22.37 25.21
C HIS B 301 -23.50 -21.27 24.71
N VAL B 302 -23.72 -21.17 23.39
CA VAL B 302 -24.56 -20.12 22.85
C VAL B 302 -25.99 -20.26 23.37
N SER B 303 -26.50 -21.50 23.42
CA SER B 303 -27.85 -21.72 23.91
C SER B 303 -27.99 -21.30 25.36
N THR B 304 -27.00 -21.63 26.19
CA THR B 304 -27.04 -21.24 27.60
C THR B 304 -27.02 -19.72 27.75
N ILE B 305 -26.15 -19.05 26.99
CA ILE B 305 -26.09 -17.59 27.07
C ILE B 305 -27.41 -16.98 26.63
N ILE B 306 -27.99 -17.50 25.54
CA ILE B 306 -29.26 -16.99 25.04
C ILE B 306 -30.36 -17.17 26.07
N ASN B 307 -30.40 -18.33 26.71
CA ASN B 307 -31.44 -18.58 27.71
C ASN B 307 -31.29 -17.66 28.92
N ILE B 308 -30.06 -17.45 29.40
CA ILE B 308 -29.86 -16.55 30.53
C ILE B 308 -30.28 -15.13 30.16
N CYS B 309 -29.89 -14.67 28.97
CA CYS B 309 -30.25 -13.33 28.54
C CYS B 309 -31.76 -13.16 28.39
N LEU B 310 -32.42 -14.19 27.84
CA LEU B 310 -33.88 -14.14 27.71
C LEU B 310 -34.54 -14.12 29.09
N LYS B 311 -34.01 -14.88 30.04
CA LYS B 311 -34.57 -14.90 31.39
C LYS B 311 -34.44 -13.55 32.07
N TYR B 312 -33.29 -12.91 31.92
CA TYR B 312 -33.02 -11.66 32.64
C TYR B 312 -33.35 -10.41 31.83
N LEU B 313 -33.89 -10.56 30.62
CA LEU B 313 -34.29 -9.39 29.84
C LEU B 313 -35.51 -8.70 30.44
N THR B 314 -36.35 -9.44 31.16
CA THR B 314 -37.58 -8.90 31.72
C THR B 314 -37.52 -8.81 33.25
N TYR B 315 -36.34 -8.59 33.80
CA TYR B 315 -36.16 -8.58 35.25
C TYR B 315 -36.55 -7.22 35.81
N ASP B 316 -37.63 -7.17 36.58
CA ASP B 316 -38.10 -5.94 37.21
C ASP B 316 -38.96 -6.31 38.42
N PRO B 317 -38.35 -6.64 39.55
CA PRO B 317 -39.14 -7.09 40.71
C PRO B 317 -40.11 -6.07 41.24
N ASN B 318 -39.78 -4.79 41.20
CA ASN B 318 -40.62 -3.77 41.84
C ASN B 318 -41.86 -3.46 41.00
N TYR B 319 -41.74 -3.42 39.68
CA TYR B 319 -42.80 -2.96 38.80
C TYR B 319 -43.46 -4.14 38.10
N ASN B 320 -44.79 -4.14 38.11
CA ASN B 320 -45.58 -5.15 37.41
C ASN B 320 -46.50 -4.49 36.39
N TYR B 321 -46.63 -5.13 35.23
CA TYR B 321 -47.47 -4.60 34.16
C TYR B 321 -48.91 -5.10 34.29
N MET B 353 -32.84 0.15 41.28
CA MET B 353 -31.81 0.17 40.24
C MET B 353 -31.68 -1.21 39.60
N SER B 354 -32.59 -1.53 38.68
CA SER B 354 -32.59 -2.84 38.04
C SER B 354 -32.66 -2.73 36.52
N TRP B 355 -32.46 -1.55 35.94
CA TRP B 355 -32.42 -1.43 34.49
C TRP B 355 -31.06 -1.77 33.90
N LYS B 356 -30.02 -1.77 34.72
CA LYS B 356 -28.68 -2.09 34.22
C LYS B 356 -28.59 -3.54 33.75
N VAL B 357 -29.19 -4.47 34.50
CA VAL B 357 -29.18 -5.86 34.08
C VAL B 357 -29.99 -6.05 32.81
N ARG B 358 -31.09 -5.32 32.66
CA ARG B 358 -31.88 -5.40 31.43
C ARG B 358 -31.09 -4.86 30.24
N ARG B 359 -30.38 -3.75 30.42
CA ARG B 359 -29.53 -3.24 29.35
C ARG B 359 -28.44 -4.25 28.98
N ALA B 360 -27.82 -4.87 29.99
CA ALA B 360 -26.77 -5.84 29.72
C ALA B 360 -27.32 -7.04 28.95
N ALA B 361 -28.51 -7.52 29.34
CA ALA B 361 -29.10 -8.66 28.66
C ALA B 361 -29.44 -8.32 27.21
N ALA B 362 -30.01 -7.14 26.98
CA ALA B 362 -30.35 -6.74 25.61
C ALA B 362 -29.09 -6.57 24.77
N LYS B 363 -28.02 -6.00 25.33
CA LYS B 363 -26.79 -5.84 24.59
C LYS B 363 -26.16 -7.19 24.28
N CYS B 364 -26.23 -8.15 25.21
CA CYS B 364 -25.70 -9.48 24.94
C CYS B 364 -26.50 -10.17 23.85
N LEU B 365 -27.82 -10.01 23.86
CA LEU B 365 -28.64 -10.56 22.78
C LEU B 365 -28.27 -9.94 21.43
N ASP B 366 -28.04 -8.62 21.42
CA ASP B 366 -27.59 -7.96 20.20
C ASP B 366 -26.26 -8.51 19.72
N ALA B 367 -25.32 -8.73 20.64
CA ALA B 367 -24.03 -9.28 20.27
C ALA B 367 -24.17 -10.69 19.71
N VAL B 368 -25.04 -11.51 20.32
CA VAL B 368 -25.24 -12.88 19.84
C VAL B 368 -25.85 -12.87 18.44
N VAL B 369 -26.84 -12.01 18.21
CA VAL B 369 -27.54 -12.01 16.93
C VAL B 369 -26.65 -11.45 15.82
N SER B 370 -25.91 -10.38 16.12
CA SER B 370 -25.17 -9.67 15.08
C SER B 370 -23.99 -10.47 14.54
N THR B 371 -23.55 -11.51 15.24
CA THR B 371 -22.38 -12.29 14.82
C THR B 371 -22.76 -13.58 14.11
N ARG B 372 -23.53 -14.43 14.76
CA ARG B 372 -23.87 -15.73 14.20
C ARG B 372 -24.93 -15.59 13.13
N HIS B 373 -24.70 -16.23 11.97
CA HIS B 373 -25.63 -16.19 10.86
C HIS B 373 -26.36 -17.51 10.62
N GLU B 374 -25.81 -18.62 11.10
CA GLU B 374 -26.40 -19.94 10.87
C GLU B 374 -27.50 -20.28 11.87
N MET B 375 -27.78 -19.40 12.83
CA MET B 375 -28.81 -19.64 13.83
C MET B 375 -30.06 -18.79 13.59
N LEU B 376 -30.27 -18.33 12.36
CA LEU B 376 -31.42 -17.49 12.07
C LEU B 376 -32.76 -18.16 12.36
N PRO B 377 -33.01 -19.41 11.96
CA PRO B 377 -34.28 -20.04 12.36
C PRO B 377 -34.49 -20.10 13.86
N GLU B 378 -33.43 -20.40 14.62
CA GLU B 378 -33.52 -20.41 16.08
C GLU B 378 -33.85 -19.01 16.61
N PHE B 379 -33.22 -17.99 16.02
CA PHE B 379 -33.50 -16.62 16.42
C PHE B 379 -34.96 -16.27 16.19
N TYR B 380 -35.47 -16.51 14.97
CA TYR B 380 -36.86 -16.18 14.69
C TYR B 380 -37.83 -17.06 15.47
N LYS B 381 -37.37 -18.23 15.94
CA LYS B 381 -38.23 -19.07 16.77
C LYS B 381 -38.36 -18.54 18.19
N THR B 382 -37.27 -18.07 18.80
CA THR B 382 -37.35 -17.75 20.22
C THR B 382 -36.99 -16.31 20.58
N VAL B 383 -36.01 -15.70 19.93
CA VAL B 383 -35.53 -14.39 20.35
C VAL B 383 -36.52 -13.30 19.98
N SER B 384 -37.06 -13.35 18.75
CA SER B 384 -37.87 -12.26 18.24
C SER B 384 -39.13 -11.97 19.06
N PRO B 385 -39.93 -12.97 19.44
CA PRO B 385 -41.13 -12.66 20.26
C PRO B 385 -40.79 -11.98 21.58
N ALA B 386 -39.66 -12.32 22.20
CA ALA B 386 -39.28 -11.68 23.45
C ALA B 386 -39.03 -10.19 23.25
N LEU B 387 -38.28 -9.83 22.21
CA LEU B 387 -38.01 -8.42 21.94
C LEU B 387 -39.31 -7.68 21.58
N ILE B 388 -40.17 -8.32 20.77
CA ILE B 388 -41.41 -7.67 20.38
C ILE B 388 -42.29 -7.41 21.60
N SER B 389 -42.33 -8.36 22.53
CA SER B 389 -43.08 -8.14 23.76
C SER B 389 -42.40 -7.10 24.64
N ARG B 390 -41.09 -6.95 24.54
CA ARG B 390 -40.34 -6.00 25.33
C ARG B 390 -40.30 -4.60 24.72
N PHE B 391 -40.92 -4.40 23.56
CA PHE B 391 -40.98 -3.06 22.97
C PHE B 391 -41.70 -2.05 23.87
N LYS B 392 -42.51 -2.52 24.82
CA LYS B 392 -43.36 -1.64 25.64
C LYS B 392 -42.73 -1.31 26.98
N GLU B 393 -41.41 -1.27 27.07
CA GLU B 393 -40.74 -1.12 28.35
C GLU B 393 -40.74 0.33 28.82
N ARG B 394 -40.82 0.50 30.14
CA ARG B 394 -40.94 1.84 30.72
C ARG B 394 -39.66 2.65 30.53
N GLU B 395 -38.50 2.03 30.73
CA GLU B 395 -37.23 2.75 30.64
C GLU B 395 -36.87 3.03 29.18
N GLU B 396 -36.45 4.26 28.91
CA GLU B 396 -36.18 4.68 27.54
C GLU B 396 -34.85 4.13 27.03
N ASN B 397 -33.84 4.03 27.89
CA ASN B 397 -32.53 3.53 27.46
C ASN B 397 -32.61 2.06 27.07
N VAL B 398 -33.27 1.25 27.90
CA VAL B 398 -33.40 -0.16 27.57
C VAL B 398 -34.28 -0.33 26.33
N LYS B 399 -35.26 0.55 26.16
CA LYS B 399 -36.08 0.54 24.96
C LYS B 399 -35.23 0.78 23.71
N ALA B 400 -34.35 1.78 23.78
CA ALA B 400 -33.45 2.01 22.65
C ALA B 400 -32.55 0.81 22.41
N ASP B 401 -32.10 0.16 23.49
CA ASP B 401 -31.22 -1.00 23.35
C ASP B 401 -31.94 -2.14 22.63
N VAL B 402 -33.17 -2.44 23.04
CA VAL B 402 -33.90 -3.55 22.41
C VAL B 402 -34.27 -3.20 20.97
N PHE B 403 -34.58 -1.92 20.70
CA PHE B 403 -34.82 -1.50 19.32
C PHE B 403 -33.58 -1.74 18.46
N HIS B 404 -32.40 -1.38 18.98
CA HIS B 404 -31.17 -1.60 18.25
C HIS B 404 -30.92 -3.09 18.02
N ALA B 405 -31.23 -3.91 19.02
CA ALA B 405 -31.06 -5.36 18.88
C ALA B 405 -31.94 -5.90 17.75
N TYR B 406 -33.20 -5.48 17.70
CA TYR B 406 -34.07 -6.02 16.66
C TYR B 406 -33.68 -5.47 15.28
N LEU B 407 -33.17 -4.23 15.23
CA LEU B 407 -32.64 -3.72 13.97
C LEU B 407 -31.45 -4.55 13.49
N SER B 408 -30.58 -4.95 14.42
CA SER B 408 -29.47 -5.82 14.04
C SER B 408 -29.97 -7.16 13.53
N LEU B 409 -31.01 -7.70 14.16
CA LEU B 409 -31.61 -8.94 13.64
C LEU B 409 -32.13 -8.76 12.22
N LEU B 410 -32.83 -7.64 11.97
CA LEU B 410 -33.34 -7.39 10.62
C LEU B 410 -32.21 -7.28 9.61
N LYS B 411 -31.13 -6.58 9.98
CA LYS B 411 -29.99 -6.46 9.08
C LYS B 411 -29.36 -7.82 8.80
N GLN B 412 -29.28 -8.67 9.82
CA GLN B 412 -28.73 -10.00 9.62
C GLN B 412 -29.63 -10.87 8.75
N THR B 413 -30.94 -10.61 8.77
CA THR B 413 -31.87 -11.43 7.99
C THR B 413 -31.57 -11.35 6.49
N ARG B 414 -31.35 -10.15 5.98
CA ARG B 414 -31.10 -9.97 4.55
C ARG B 414 -29.72 -10.48 4.15
N THR B 431 -37.36 -20.72 5.27
CA THR B 431 -36.55 -19.53 5.06
C THR B 431 -36.87 -18.45 6.09
N PRO B 432 -35.86 -17.68 6.49
CA PRO B 432 -36.10 -16.61 7.47
C PRO B 432 -37.09 -15.56 6.98
N LEU B 433 -37.17 -15.32 5.67
CA LEU B 433 -38.10 -14.32 5.16
C LEU B 433 -39.54 -14.70 5.44
N THR B 434 -39.87 -15.99 5.32
CA THR B 434 -41.23 -16.44 5.62
C THR B 434 -41.57 -16.23 7.09
N MET B 435 -40.62 -16.54 7.98
CA MET B 435 -40.85 -16.32 9.41
C MET B 435 -41.02 -14.85 9.72
N LEU B 436 -40.20 -13.99 9.09
CA LEU B 436 -40.34 -12.55 9.29
C LEU B 436 -41.71 -12.07 8.82
N GLN B 437 -42.16 -12.56 7.66
CA GLN B 437 -43.47 -12.18 7.16
C GLN B 437 -44.57 -12.63 8.12
N SER B 438 -44.43 -13.82 8.69
CA SER B 438 -45.41 -14.29 9.66
C SER B 438 -45.40 -13.43 10.92
N GLN B 439 -44.22 -12.93 11.32
CA GLN B 439 -44.11 -12.11 12.53
C GLN B 439 -44.53 -10.66 12.30
N VAL B 440 -44.64 -10.23 11.05
CA VAL B 440 -44.93 -8.81 10.76
C VAL B 440 -46.14 -8.27 11.51
N PRO B 441 -47.29 -8.96 11.56
CA PRO B 441 -48.45 -8.37 12.27
C PRO B 441 -48.18 -8.02 13.72
N ASN B 442 -47.43 -8.86 14.44
CA ASN B 442 -47.10 -8.56 15.83
C ASN B 442 -46.22 -7.33 15.91
N ILE B 443 -45.26 -7.19 14.99
CA ILE B 443 -44.39 -6.02 14.98
C ILE B 443 -45.21 -4.76 14.76
N VAL B 444 -46.14 -4.80 13.81
CA VAL B 444 -46.96 -3.63 13.52
C VAL B 444 -47.83 -3.28 14.71
N LYS B 445 -48.44 -4.28 15.35
CA LYS B 445 -49.31 -4.02 16.49
C LYS B 445 -48.52 -3.43 17.65
N ALA B 446 -47.29 -3.91 17.88
CA ALA B 446 -46.49 -3.39 18.97
C ALA B 446 -45.94 -2.00 18.66
N LEU B 447 -45.68 -1.71 17.39
CA LEU B 447 -45.10 -0.42 17.01
C LEU B 447 -46.15 0.68 16.95
N HIS B 448 -47.39 0.32 16.62
CA HIS B 448 -48.45 1.32 16.51
C HIS B 448 -48.74 1.96 17.86
N LYS B 449 -48.67 1.19 18.94
CA LYS B 449 -48.87 1.75 20.27
C LYS B 449 -47.74 2.71 20.64
N GLN B 450 -46.49 2.35 20.29
CA GLN B 450 -45.35 3.20 20.63
C GLN B 450 -45.25 4.43 19.73
N MET B 451 -45.94 4.45 18.60
CA MET B 451 -45.90 5.63 17.74
C MET B 451 -46.61 6.84 18.34
N LYS B 452 -47.42 6.67 19.38
CA LYS B 452 -48.15 7.77 19.99
C LYS B 452 -47.40 8.41 21.15
N GLU B 453 -46.21 7.93 21.48
CA GLU B 453 -45.49 8.44 22.64
C GLU B 453 -45.02 9.87 22.41
N LYS B 454 -44.87 10.61 23.51
CA LYS B 454 -44.42 11.99 23.44
C LYS B 454 -42.91 12.12 23.30
N SER B 455 -42.16 11.05 23.50
CA SER B 455 -40.71 11.10 23.36
C SER B 455 -40.31 10.99 21.90
N VAL B 456 -39.34 11.83 21.51
CA VAL B 456 -38.88 11.83 20.12
C VAL B 456 -38.11 10.57 19.79
N LYS B 457 -37.30 10.08 20.73
CA LYS B 457 -36.42 8.95 20.44
C LYS B 457 -37.21 7.69 20.10
N THR B 458 -38.30 7.44 20.82
CA THR B 458 -39.10 6.24 20.55
C THR B 458 -39.70 6.28 19.15
N ARG B 459 -40.25 7.42 18.76
CA ARG B 459 -40.83 7.55 17.43
C ARG B 459 -39.76 7.44 16.35
N GLN B 460 -38.58 8.01 16.60
CA GLN B 460 -37.48 7.89 15.65
C GLN B 460 -37.07 6.44 15.47
N CYS B 461 -36.98 5.69 16.57
CA CYS B 461 -36.65 4.26 16.46
C CYS B 461 -37.72 3.50 15.71
N CYS B 462 -39.00 3.84 15.94
CA CYS B 462 -40.08 3.18 15.23
C CYS B 462 -39.98 3.42 13.72
N PHE B 463 -39.71 4.66 13.32
CA PHE B 463 -39.58 4.97 11.91
C PHE B 463 -38.38 4.25 11.29
N ASN B 464 -37.25 4.21 12.02
CA ASN B 464 -36.09 3.49 11.51
C ASN B 464 -36.39 2.01 11.33
N MET B 465 -37.12 1.41 12.28
CA MET B 465 -37.47 0.00 12.16
C MET B 465 -38.38 -0.25 10.97
N LEU B 466 -39.37 0.62 10.75
CA LEU B 466 -40.22 0.45 9.57
C LEU B 466 -39.41 0.56 8.28
N THR B 467 -38.49 1.53 8.22
CA THR B 467 -37.67 1.67 7.02
C THR B 467 -36.85 0.41 6.77
N GLU B 468 -36.21 -0.12 7.82
CA GLU B 468 -35.40 -1.32 7.66
C GLU B 468 -36.25 -2.52 7.26
N LEU B 469 -37.44 -2.66 7.86
CA LEU B 469 -38.30 -3.79 7.54
C LEU B 469 -38.76 -3.73 6.09
N VAL B 470 -39.13 -2.55 5.60
CA VAL B 470 -39.55 -2.44 4.20
C VAL B 470 -38.37 -2.68 3.27
N ASN B 471 -37.18 -2.22 3.66
CA ASN B 471 -36.00 -2.47 2.83
C ASN B 471 -35.70 -3.95 2.70
N VAL B 472 -35.79 -4.68 3.82
CA VAL B 472 -35.53 -6.12 3.77
C VAL B 472 -36.65 -6.85 3.05
N LEU B 473 -37.89 -6.52 3.37
CA LEU B 473 -39.07 -7.15 2.77
C LEU B 473 -39.89 -6.11 2.03
N PRO B 474 -39.96 -6.16 0.70
CA PRO B 474 -40.62 -5.08 -0.06
C PRO B 474 -42.11 -4.91 0.25
N GLY B 475 -42.90 -5.96 0.07
CA GLY B 475 -44.33 -5.86 0.27
C GLY B 475 -44.79 -6.26 1.66
N ALA B 476 -44.09 -5.75 2.68
CA ALA B 476 -44.37 -6.20 4.05
C ALA B 476 -45.67 -5.62 4.59
N LEU B 477 -45.93 -4.33 4.34
CA LEU B 477 -47.00 -3.60 5.00
C LEU B 477 -48.21 -3.37 4.10
N THR B 478 -48.56 -4.36 3.28
CA THR B 478 -49.71 -4.20 2.39
C THR B 478 -51.01 -4.05 3.16
N GLN B 479 -51.18 -4.84 4.23
CA GLN B 479 -52.44 -4.90 4.96
C GLN B 479 -52.49 -3.98 6.17
N HIS B 480 -51.44 -3.19 6.43
CA HIS B 480 -51.38 -2.37 7.63
C HIS B 480 -51.20 -0.89 7.31
N ILE B 481 -51.37 -0.49 6.05
CA ILE B 481 -51.32 0.93 5.70
C ILE B 481 -52.39 1.74 6.43
N PRO B 482 -53.64 1.29 6.54
CA PRO B 482 -54.65 2.11 7.24
C PRO B 482 -54.29 2.43 8.68
N VAL B 483 -53.57 1.56 9.37
CA VAL B 483 -53.17 1.83 10.75
C VAL B 483 -51.80 2.48 10.84
N LEU B 484 -50.99 2.39 9.79
CA LEU B 484 -49.65 2.96 9.85
C LEU B 484 -49.59 4.41 9.35
N VAL B 485 -50.46 4.80 8.42
CA VAL B 485 -50.45 6.18 7.92
C VAL B 485 -50.74 7.20 9.02
N PRO B 486 -51.76 7.03 9.88
CA PRO B 486 -52.03 8.07 10.88
C PRO B 486 -50.87 8.39 11.80
N GLY B 487 -50.03 7.41 12.13
CA GLY B 487 -48.86 7.69 12.95
C GLY B 487 -47.88 8.63 12.27
N ILE B 488 -47.61 8.39 10.99
CA ILE B 488 -46.74 9.29 10.23
C ILE B 488 -47.35 10.67 10.14
N ILE B 489 -48.67 10.73 9.88
CA ILE B 489 -49.33 12.03 9.78
C ILE B 489 -49.22 12.79 11.09
N PHE B 490 -49.44 12.10 12.21
CA PHE B 490 -49.34 12.74 13.53
C PHE B 490 -47.93 13.24 13.80
N SER B 491 -46.92 12.44 13.44
CA SER B 491 -45.54 12.87 13.66
C SER B 491 -45.19 14.07 12.79
N LEU B 492 -45.74 14.16 11.58
CA LEU B 492 -45.37 15.23 10.67
C LEU B 492 -45.87 16.58 11.17
N ASN B 493 -47.15 16.67 11.52
CA ASN B 493 -47.74 17.93 11.96
C ASN B 493 -47.79 18.02 13.49
N ASP B 494 -46.60 18.02 14.10
CA ASP B 494 -46.47 18.12 15.54
C ASP B 494 -45.52 19.26 15.87
N LYS B 495 -45.94 20.13 16.80
CA LYS B 495 -45.10 21.26 17.19
C LYS B 495 -43.90 20.79 18.00
N SER B 496 -44.08 19.76 18.83
CA SER B 496 -42.99 19.24 19.64
C SER B 496 -42.00 18.41 18.83
N SER B 497 -42.36 18.02 17.61
CA SER B 497 -41.45 17.23 16.78
C SER B 497 -40.25 18.06 16.36
N SER B 498 -39.07 17.43 16.38
CA SER B 498 -37.85 18.08 15.98
C SER B 498 -37.60 17.86 14.49
N SER B 499 -36.52 18.46 13.97
CA SER B 499 -36.19 18.31 12.56
C SER B 499 -35.83 16.87 12.23
N ASN B 500 -35.09 16.20 13.11
CA ASN B 500 -34.68 14.82 12.84
C ASN B 500 -35.89 13.90 12.73
N LEU B 501 -36.87 14.06 13.62
CA LEU B 501 -38.06 13.23 13.56
C LEU B 501 -38.83 13.43 12.27
N LYS B 502 -38.98 14.69 11.84
CA LYS B 502 -39.67 14.98 10.59
C LYS B 502 -38.94 14.38 9.40
N ILE B 503 -37.61 14.51 9.37
CA ILE B 503 -36.83 13.98 8.26
C ILE B 503 -36.96 12.46 8.22
N ASP B 504 -36.89 11.80 9.37
CA ASP B 504 -37.00 10.34 9.40
C ASP B 504 -38.39 9.87 9.00
N ALA B 505 -39.43 10.60 9.43
CA ALA B 505 -40.79 10.26 9.02
C ALA B 505 -40.96 10.40 7.51
N LEU B 506 -40.41 11.47 6.93
CA LEU B 506 -40.50 11.65 5.49
C LEU B 506 -39.75 10.56 4.74
N SER B 507 -38.57 10.18 5.24
CA SER B 507 -37.82 9.09 4.61
C SER B 507 -38.58 7.77 4.68
N CYS B 508 -39.21 7.50 5.83
CA CYS B 508 -40.01 6.28 5.97
C CYS B 508 -41.18 6.29 5.00
N LEU B 509 -41.85 7.44 4.86
CA LEU B 509 -42.97 7.54 3.92
C LEU B 509 -42.50 7.32 2.49
N TYR B 510 -41.34 7.87 2.13
CA TYR B 510 -40.81 7.67 0.79
C TYR B 510 -40.49 6.20 0.53
N VAL B 511 -39.87 5.53 1.50
CA VAL B 511 -39.54 4.12 1.33
C VAL B 511 -40.81 3.29 1.23
N ILE B 512 -41.83 3.62 2.01
CA ILE B 512 -43.10 2.89 1.93
C ILE B 512 -43.75 3.07 0.57
N LEU B 513 -43.76 4.31 0.07
CA LEU B 513 -44.39 4.57 -1.22
C LEU B 513 -43.65 3.89 -2.37
N CYS B 514 -42.32 3.82 -2.28
CA CYS B 514 -41.55 3.25 -3.39
C CYS B 514 -41.69 1.74 -3.50
N ASN B 515 -42.08 1.05 -2.44
CA ASN B 515 -42.08 -0.41 -2.39
C ASN B 515 -43.46 -0.97 -2.09
N HIS B 516 -44.50 -0.39 -2.69
CA HIS B 516 -45.85 -0.90 -2.52
C HIS B 516 -46.66 -0.58 -3.77
N SER B 517 -47.76 -1.31 -3.95
CA SER B 517 -48.62 -1.10 -5.09
C SER B 517 -49.33 0.25 -4.97
N PRO B 518 -49.51 0.97 -6.09
CA PRO B 518 -50.16 2.29 -6.01
C PRO B 518 -51.59 2.23 -5.49
N GLN B 519 -52.31 1.13 -5.72
CA GLN B 519 -53.73 1.07 -5.37
C GLN B 519 -53.96 1.14 -3.86
N VAL B 520 -52.96 0.81 -3.05
CA VAL B 520 -53.15 0.77 -1.61
C VAL B 520 -53.31 2.18 -1.05
N PHE B 521 -52.52 3.14 -1.55
CA PHE B 521 -52.49 4.48 -0.99
C PHE B 521 -53.59 5.39 -1.52
N HIS B 522 -54.44 4.91 -2.42
CA HIS B 522 -55.47 5.77 -3.01
C HIS B 522 -56.42 6.35 -1.98
N PRO B 523 -56.97 5.59 -1.02
CA PRO B 523 -57.86 6.22 -0.02
C PRO B 523 -57.19 7.23 0.88
N HIS B 524 -55.86 7.20 1.02
CA HIS B 524 -55.14 8.01 1.99
C HIS B 524 -54.46 9.22 1.37
N VAL B 525 -54.68 9.48 0.09
CA VAL B 525 -54.05 10.65 -0.55
C VAL B 525 -54.60 11.94 0.04
N GLN B 526 -55.90 11.96 0.35
CA GLN B 526 -56.52 13.16 0.89
C GLN B 526 -55.91 13.56 2.23
N ALA B 527 -55.42 12.59 2.99
CA ALA B 527 -54.76 12.88 4.26
C ALA B 527 -53.25 12.98 4.14
N LEU B 528 -52.67 12.48 3.04
CA LEU B 528 -51.22 12.54 2.88
C LEU B 528 -50.78 13.86 2.24
N VAL B 529 -51.58 14.40 1.32
CA VAL B 529 -51.14 15.57 0.55
C VAL B 529 -50.95 16.82 1.43
N PRO B 530 -51.88 17.20 2.29
CA PRO B 530 -51.73 18.48 3.02
C PRO B 530 -50.49 18.53 3.91
N PRO B 531 -50.19 17.49 4.71
CA PRO B 531 -48.96 17.57 5.51
C PRO B 531 -47.69 17.67 4.67
N VAL B 532 -47.63 16.99 3.53
CA VAL B 532 -46.44 17.08 2.69
C VAL B 532 -46.33 18.46 2.08
N VAL B 533 -47.45 19.03 1.62
CA VAL B 533 -47.43 20.38 1.08
C VAL B 533 -46.96 21.37 2.14
N ALA B 534 -47.42 21.19 3.38
CA ALA B 534 -46.95 22.05 4.47
C ALA B 534 -45.45 21.86 4.70
N CYS B 535 -44.97 20.61 4.63
CA CYS B 535 -43.55 20.35 4.84
C CYS B 535 -42.69 20.96 3.75
N VAL B 536 -43.24 21.13 2.54
CA VAL B 536 -42.47 21.76 1.48
C VAL B 536 -42.09 23.19 1.84
N GLY B 537 -42.99 23.90 2.52
CA GLY B 537 -42.77 25.27 2.91
C GLY B 537 -42.01 25.49 4.19
N ASP B 538 -41.47 24.44 4.79
CA ASP B 538 -40.74 24.57 6.05
C ASP B 538 -39.47 25.39 5.82
N PRO B 539 -39.17 26.36 6.68
CA PRO B 539 -37.94 27.16 6.48
C PRO B 539 -36.66 26.34 6.42
N PHE B 540 -36.55 25.27 7.22
CA PHE B 540 -35.36 24.43 7.18
C PHE B 540 -35.31 23.67 5.86
N TYR B 541 -34.16 23.72 5.18
CA TYR B 541 -34.07 23.24 3.81
C TYR B 541 -33.94 21.72 3.69
N LYS B 542 -33.43 21.05 4.72
CA LYS B 542 -33.38 19.58 4.67
C LYS B 542 -34.77 18.99 4.60
N ILE B 543 -35.69 19.53 5.41
CA ILE B 543 -37.07 19.07 5.39
C ILE B 543 -37.72 19.39 4.04
N THR B 544 -37.36 20.53 3.45
CA THR B 544 -37.87 20.87 2.12
C THR B 544 -37.41 19.86 1.08
N SER B 545 -36.12 19.49 1.12
CA SER B 545 -35.60 18.50 0.17
C SER B 545 -36.30 17.16 0.33
N GLU B 546 -36.47 16.72 1.58
CA GLU B 546 -37.16 15.46 1.81
C GLU B 546 -38.61 15.52 1.35
N ALA B 547 -39.28 16.64 1.59
CA ALA B 547 -40.67 16.79 1.17
C ALA B 547 -40.79 16.77 -0.35
N LEU B 548 -39.86 17.41 -1.06
CA LEU B 548 -39.89 17.38 -2.51
C LEU B 548 -39.65 15.96 -3.04
N LEU B 549 -38.72 15.25 -2.41
CA LEU B 549 -38.46 13.86 -2.82
C LEU B 549 -39.71 13.00 -2.61
N VAL B 550 -40.43 13.23 -1.51
CA VAL B 550 -41.68 12.50 -1.27
C VAL B 550 -42.75 12.91 -2.27
N THR B 551 -42.79 14.21 -2.62
CA THR B 551 -43.81 14.71 -3.53
C THR B 551 -43.66 14.11 -4.92
N GLN B 552 -42.42 13.90 -5.36
CA GLN B 552 -42.21 13.25 -6.66
C GLN B 552 -42.85 11.87 -6.71
N GLN B 553 -42.60 11.05 -5.69
CA GLN B 553 -43.19 9.72 -5.64
C GLN B 553 -44.70 9.78 -5.48
N LEU B 554 -45.20 10.75 -4.72
CA LEU B 554 -46.64 10.91 -4.57
C LEU B 554 -47.30 11.22 -5.92
N VAL B 555 -46.67 12.09 -6.71
CA VAL B 555 -47.17 12.38 -8.06
C VAL B 555 -47.16 11.13 -8.92
N LYS B 556 -46.08 10.35 -8.84
CA LYS B 556 -46.03 9.10 -9.59
C LYS B 556 -47.12 8.13 -9.13
N VAL B 557 -47.53 8.22 -7.87
CA VAL B 557 -48.51 7.27 -7.33
C VAL B 557 -49.93 7.65 -7.73
N ILE B 558 -50.28 8.94 -7.62
CA ILE B 558 -51.68 9.33 -7.84
C ILE B 558 -52.10 9.11 -9.29
N ARG B 559 -51.18 9.29 -10.24
CA ARG B 559 -51.47 9.09 -11.66
C ARG B 559 -50.37 8.22 -12.26
N PRO B 560 -50.50 6.89 -12.16
CA PRO B 560 -49.55 6.01 -12.83
C PRO B 560 -49.67 6.10 -14.34
N LEU B 561 -48.55 5.88 -15.02
CA LEU B 561 -48.53 5.92 -16.48
C LEU B 561 -48.32 4.56 -17.12
N ASP B 562 -47.77 3.59 -16.39
CA ASP B 562 -47.55 2.25 -16.92
C ASP B 562 -48.67 1.28 -16.52
N GLN B 563 -49.67 1.74 -15.78
CA GLN B 563 -50.77 0.90 -15.33
C GLN B 563 -52.07 1.68 -15.44
N PRO B 564 -53.19 1.00 -15.62
CA PRO B 564 -54.49 1.70 -15.64
C PRO B 564 -55.02 1.91 -14.23
N SER B 565 -55.47 3.13 -13.94
CA SER B 565 -56.02 3.47 -12.65
C SER B 565 -57.31 4.25 -12.83
N SER B 566 -58.23 4.06 -11.89
CA SER B 566 -59.50 4.77 -11.88
C SER B 566 -59.53 5.96 -10.94
N PHE B 567 -58.40 6.26 -10.29
CA PHE B 567 -58.37 7.36 -9.34
C PHE B 567 -58.43 8.71 -10.05
N ASP B 568 -59.08 9.67 -9.42
CA ASP B 568 -59.17 11.03 -9.94
C ASP B 568 -58.14 11.89 -9.24
N ALA B 569 -57.26 12.53 -10.03
CA ALA B 569 -56.15 13.31 -9.49
C ALA B 569 -56.33 14.80 -9.68
N THR B 570 -57.49 15.24 -10.14
CA THR B 570 -57.69 16.67 -10.39
C THR B 570 -57.55 17.55 -9.16
N PRO B 571 -58.15 17.23 -8.01
CA PRO B 571 -58.06 18.17 -6.86
C PRO B 571 -56.65 18.42 -6.37
N TYR B 572 -55.75 17.43 -6.45
CA TYR B 572 -54.44 17.54 -5.84
C TYR B 572 -53.37 18.09 -6.77
N ILE B 573 -53.72 18.40 -8.02
CA ILE B 573 -52.73 18.91 -8.97
C ILE B 573 -52.32 20.34 -8.60
N LYS B 574 -53.30 21.18 -8.31
CA LYS B 574 -53.02 22.60 -8.08
C LYS B 574 -52.15 22.82 -6.85
N ASP B 575 -52.42 22.10 -5.76
CA ASP B 575 -51.64 22.27 -4.55
C ASP B 575 -50.19 21.89 -4.76
N LEU B 576 -49.96 20.74 -5.41
CA LEU B 576 -48.59 20.30 -5.65
C LEU B 576 -47.85 21.25 -6.58
N PHE B 577 -48.52 21.70 -7.64
CA PHE B 577 -47.88 22.65 -8.55
C PHE B 577 -47.54 23.95 -7.84
N THR B 578 -48.46 24.45 -7.02
CA THR B 578 -48.25 25.72 -6.34
C THR B 578 -47.12 25.63 -5.32
N CYS B 579 -47.02 24.51 -4.60
CA CYS B 579 -45.96 24.39 -3.61
C CYS B 579 -44.61 24.17 -4.28
N THR B 580 -44.58 23.48 -5.43
CA THR B 580 -43.31 23.23 -6.10
C THR B 580 -42.79 24.44 -6.85
N ILE B 581 -43.68 25.27 -7.41
CA ILE B 581 -43.22 26.37 -8.26
C ILE B 581 -42.44 27.41 -7.45
N LYS B 582 -42.86 27.64 -6.19
CA LYS B 582 -42.17 28.62 -5.37
C LYS B 582 -40.72 28.23 -5.13
N ARG B 583 -40.47 26.95 -4.86
CA ARG B 583 -39.09 26.49 -4.73
C ARG B 583 -38.39 26.46 -6.08
N LEU B 584 -39.14 26.26 -7.17
CA LEU B 584 -38.53 26.23 -8.49
C LEU B 584 -37.94 27.58 -8.85
N LYS B 585 -38.66 28.67 -8.59
CA LYS B 585 -38.17 30.02 -8.90
C LYS B 585 -37.84 30.73 -7.59
N ALA B 586 -36.64 30.48 -7.08
CA ALA B 586 -36.18 31.14 -5.86
C ALA B 586 -34.91 31.95 -6.09
N ALA B 587 -33.93 31.33 -6.74
CA ALA B 587 -32.64 31.95 -7.08
C ALA B 587 -31.82 32.33 -5.85
N ASP B 588 -32.22 31.86 -4.67
CA ASP B 588 -31.46 32.12 -3.45
C ASP B 588 -31.33 30.90 -2.53
N ILE B 589 -32.06 29.81 -2.79
CA ILE B 589 -32.07 28.62 -1.96
C ILE B 589 -30.83 27.77 -2.23
N ASP B 590 -30.61 26.77 -1.38
CA ASP B 590 -29.45 25.90 -1.51
C ASP B 590 -29.54 25.05 -2.77
N GLN B 591 -28.40 24.45 -3.14
CA GLN B 591 -28.31 23.67 -4.37
C GLN B 591 -29.21 22.44 -4.32
N GLU B 592 -29.24 21.73 -3.19
CA GLU B 592 -30.00 20.50 -3.10
C GLU B 592 -31.49 20.75 -3.34
N VAL B 593 -32.03 21.81 -2.75
CA VAL B 593 -33.45 22.12 -2.94
C VAL B 593 -33.71 22.48 -4.40
N LYS B 594 -32.76 23.16 -5.06
CA LYS B 594 -32.91 23.46 -6.48
C LYS B 594 -33.00 22.20 -7.31
N GLU B 595 -32.10 21.24 -7.06
CA GLU B 595 -32.12 19.99 -7.82
C GLU B 595 -33.43 19.24 -7.58
N ARG B 596 -33.86 19.16 -6.31
CA ARG B 596 -35.09 18.46 -6.00
C ARG B 596 -36.29 19.13 -6.65
N ALA B 597 -36.33 20.47 -6.66
CA ALA B 597 -37.43 21.18 -7.29
C ALA B 597 -37.47 20.93 -8.78
N ILE B 598 -36.31 20.94 -9.44
CA ILE B 598 -36.27 20.68 -10.88
C ILE B 598 -36.79 19.28 -11.17
N SER B 599 -36.32 18.29 -10.41
CA SER B 599 -36.75 16.91 -10.64
C SER B 599 -38.25 16.76 -10.39
N CYS B 600 -38.76 17.34 -9.31
CA CYS B 600 -40.17 17.21 -8.97
C CYS B 600 -41.05 17.88 -10.03
N MET B 601 -40.65 19.07 -10.49
CA MET B 601 -41.43 19.75 -11.53
C MET B 601 -41.41 18.97 -12.84
N GLY B 602 -40.26 18.39 -13.18
CA GLY B 602 -40.20 17.55 -14.37
C GLY B 602 -41.13 16.36 -14.28
N GLN B 603 -41.16 15.71 -13.12
CA GLN B 603 -42.07 14.57 -12.93
C GLN B 603 -43.53 15.02 -12.99
N ILE B 604 -43.83 16.18 -12.43
CA ILE B 604 -45.21 16.69 -12.45
C ILE B 604 -45.65 16.93 -13.89
N ILE B 605 -44.80 17.59 -14.68
CA ILE B 605 -45.14 17.85 -16.07
C ILE B 605 -45.27 16.55 -16.86
N CYS B 606 -44.38 15.58 -16.59
CA CYS B 606 -44.42 14.32 -17.32
C CYS B 606 -45.70 13.54 -17.04
N ASN B 607 -46.12 13.51 -15.78
CA ASN B 607 -47.23 12.63 -15.42
C ASN B 607 -48.58 13.33 -15.59
N LEU B 608 -48.73 14.54 -15.06
CA LEU B 608 -50.01 15.21 -15.01
C LEU B 608 -49.99 16.57 -15.71
N GLY B 609 -49.09 16.74 -16.67
CA GLY B 609 -48.94 18.03 -17.34
C GLY B 609 -50.07 18.40 -18.28
N ASP B 610 -50.98 17.46 -18.58
CA ASP B 610 -52.09 17.78 -19.47
C ASP B 610 -53.14 18.64 -18.77
N ASN B 611 -53.27 18.53 -17.46
CA ASN B 611 -54.30 19.26 -16.72
C ASN B 611 -53.86 20.65 -16.29
N LEU B 612 -52.58 21.00 -16.46
CA LEU B 612 -52.13 22.35 -16.15
C LEU B 612 -52.71 23.34 -17.16
N GLY B 613 -52.83 24.59 -16.73
CA GLY B 613 -53.43 25.61 -17.56
C GLY B 613 -52.44 26.39 -18.40
N SER B 614 -52.32 27.68 -18.14
CA SER B 614 -51.41 28.54 -18.88
C SER B 614 -50.03 28.64 -18.24
N ASP B 615 -49.78 27.92 -17.16
CA ASP B 615 -48.50 27.99 -16.47
C ASP B 615 -47.41 27.12 -17.11
N LEU B 616 -47.79 26.23 -18.03
CA LEU B 616 -46.80 25.37 -18.67
C LEU B 616 -45.78 26.14 -19.49
N PRO B 617 -46.14 27.12 -20.32
CA PRO B 617 -45.10 27.90 -21.01
C PRO B 617 -44.14 28.61 -20.08
N ASN B 618 -44.65 29.17 -18.98
CA ASN B 618 -43.77 29.82 -18.01
C ASN B 618 -42.83 28.82 -17.35
N THR B 619 -43.35 27.64 -17.02
CA THR B 619 -42.50 26.60 -16.44
C THR B 619 -41.40 26.18 -17.43
N LEU B 620 -41.76 26.04 -18.70
CA LEU B 620 -40.76 25.67 -19.70
C LEU B 620 -39.72 26.77 -19.89
N GLN B 621 -40.14 28.03 -19.80
CA GLN B 621 -39.16 29.13 -19.87
C GLN B 621 -38.21 29.08 -18.69
N ILE B 622 -38.73 28.79 -17.49
CA ILE B 622 -37.87 28.63 -16.32
C ILE B 622 -36.89 27.49 -16.52
N PHE B 623 -37.37 26.38 -17.07
CA PHE B 623 -36.50 25.25 -17.35
C PHE B 623 -35.39 25.63 -18.33
N LEU B 624 -35.76 26.38 -19.37
CA LEU B 624 -34.77 26.82 -20.35
C LEU B 624 -33.74 27.74 -19.70
N GLU B 625 -34.16 28.59 -18.77
CA GLU B 625 -33.23 29.45 -18.07
C GLU B 625 -32.30 28.63 -17.17
N ARG B 626 -32.79 27.52 -16.62
CA ARG B 626 -31.98 26.68 -15.74
C ARG B 626 -30.83 25.99 -16.49
N LEU B 627 -30.94 25.83 -17.80
CA LEU B 627 -29.86 25.18 -18.56
C LEU B 627 -28.57 25.99 -18.49
N LYS B 628 -28.68 27.31 -18.58
CA LYS B 628 -27.48 28.15 -18.67
C LYS B 628 -26.67 28.12 -17.38
N ASN B 629 -27.32 27.92 -16.23
CA ASN B 629 -26.60 27.82 -14.97
C ASN B 629 -25.78 26.54 -14.93
N GLU B 630 -24.54 26.66 -14.45
CA GLU B 630 -23.61 25.53 -14.46
C GLU B 630 -23.95 24.50 -13.38
N ILE B 631 -24.34 24.96 -12.20
CA ILE B 631 -24.53 24.03 -11.08
C ILE B 631 -25.80 23.19 -11.25
N THR B 632 -26.74 23.64 -12.08
CA THR B 632 -28.03 22.98 -12.23
C THR B 632 -28.35 22.75 -13.70
N ARG B 633 -27.39 22.20 -14.46
CA ARG B 633 -27.65 21.95 -15.87
C ARG B 633 -27.72 20.47 -16.25
N LEU B 634 -27.14 19.57 -15.46
CA LEU B 634 -27.32 18.15 -15.73
C LEU B 634 -28.72 17.69 -15.32
N THR B 635 -29.19 18.15 -14.16
CA THR B 635 -30.50 17.75 -13.67
C THR B 635 -31.61 18.22 -14.60
N THR B 636 -31.50 19.46 -15.12
CA THR B 636 -32.52 19.94 -16.04
C THR B 636 -32.45 19.22 -17.38
N VAL B 637 -31.26 18.77 -17.80
CA VAL B 637 -31.16 17.95 -19.01
C VAL B 637 -31.89 16.63 -18.82
N LYS B 638 -31.69 15.99 -17.66
CA LYS B 638 -32.40 14.75 -17.39
C LYS B 638 -33.91 14.98 -17.30
N ALA B 639 -34.32 16.10 -16.71
CA ALA B 639 -35.74 16.42 -16.65
C ALA B 639 -36.34 16.63 -18.04
N LEU B 640 -35.60 17.31 -18.91
CA LEU B 640 -36.07 17.50 -20.29
C LEU B 640 -36.18 16.17 -21.02
N THR B 641 -35.21 15.28 -20.79
CA THR B 641 -35.29 13.95 -21.38
C THR B 641 -36.54 13.21 -20.89
N LEU B 642 -36.83 13.31 -19.60
CA LEU B 642 -38.01 12.65 -19.05
C LEU B 642 -39.29 13.23 -19.63
N ILE B 643 -39.36 14.56 -19.77
CA ILE B 643 -40.55 15.21 -20.30
C ILE B 643 -40.76 14.85 -21.77
N ALA B 644 -39.67 14.81 -22.54
CA ALA B 644 -39.80 14.53 -23.97
C ALA B 644 -40.39 13.14 -24.22
N GLY B 645 -39.93 12.14 -23.48
CA GLY B 645 -40.48 10.81 -23.60
C GLY B 645 -41.59 10.56 -22.60
N SER B 646 -42.83 10.69 -23.04
CA SER B 646 -43.99 10.52 -22.17
C SER B 646 -45.19 10.17 -23.02
N PRO B 647 -46.11 9.33 -22.51
CA PRO B 647 -47.33 9.05 -23.27
C PRO B 647 -48.12 10.30 -23.62
N LEU B 648 -48.17 11.27 -22.72
CA LEU B 648 -48.80 12.55 -23.01
C LEU B 648 -47.89 13.38 -23.91
N LYS B 649 -48.45 13.91 -24.99
CA LYS B 649 -47.68 14.68 -25.97
C LYS B 649 -47.52 16.10 -25.46
N ILE B 650 -46.52 16.29 -24.59
CA ILE B 650 -46.24 17.61 -24.04
C ILE B 650 -45.59 18.48 -25.11
N ASP B 651 -46.11 19.69 -25.29
CA ASP B 651 -45.60 20.60 -26.30
C ASP B 651 -44.30 21.24 -25.81
N LEU B 652 -43.18 20.84 -26.40
CA LEU B 652 -41.87 21.40 -26.09
C LEU B 652 -41.33 22.28 -27.22
N ARG B 653 -42.15 22.58 -28.22
CA ARG B 653 -41.68 23.37 -29.35
C ARG B 653 -41.18 24.76 -28.98
N PRO B 654 -41.84 25.54 -28.11
CA PRO B 654 -41.27 26.85 -27.77
C PRO B 654 -39.86 26.79 -27.20
N VAL B 655 -39.57 25.76 -26.40
CA VAL B 655 -38.22 25.59 -25.88
C VAL B 655 -37.26 25.17 -26.98
N LEU B 656 -37.72 24.29 -27.88
CA LEU B 656 -36.86 23.66 -28.86
C LEU B 656 -36.17 24.66 -29.79
N GLY B 657 -36.73 25.87 -29.93
CA GLY B 657 -36.14 26.84 -30.82
C GLY B 657 -34.77 27.31 -30.37
N GLU B 658 -34.57 27.46 -29.06
CA GLU B 658 -33.34 27.98 -28.51
C GLU B 658 -32.57 26.97 -27.66
N GLY B 659 -33.24 25.94 -27.14
CA GLY B 659 -32.56 24.98 -26.29
C GLY B 659 -31.53 24.13 -27.02
N VAL B 660 -31.81 23.79 -28.29
CA VAL B 660 -30.91 22.89 -29.02
C VAL B 660 -29.51 23.46 -29.15
N PRO B 661 -29.29 24.73 -29.51
CA PRO B 661 -27.91 25.24 -29.53
C PRO B 661 -27.19 25.13 -28.20
N ILE B 662 -27.89 25.31 -27.07
CA ILE B 662 -27.24 25.16 -25.77
C ILE B 662 -26.79 23.72 -25.57
N LEU B 663 -27.65 22.76 -25.92
CA LEU B 663 -27.29 21.36 -25.80
C LEU B 663 -26.12 21.02 -26.70
N ALA B 664 -26.08 21.59 -27.91
CA ALA B 664 -24.93 21.41 -28.78
C ALA B 664 -23.66 21.94 -28.13
N SER B 665 -23.75 23.13 -27.52
CA SER B 665 -22.60 23.70 -26.83
C SER B 665 -22.15 22.85 -25.65
N PHE B 666 -23.04 22.05 -25.07
CA PHE B 666 -22.65 21.18 -23.96
C PHE B 666 -21.77 20.02 -24.41
N LEU B 667 -21.59 19.81 -25.72
CA LEU B 667 -20.91 18.62 -26.23
C LEU B 667 -19.40 18.78 -26.29
N ARG B 668 -18.85 19.88 -25.78
CA ARG B 668 -17.40 20.09 -25.78
C ARG B 668 -16.93 20.60 -24.43
N LYS B 669 -17.53 20.11 -23.35
CA LYS B 669 -17.22 20.55 -22.00
C LYS B 669 -16.62 19.43 -21.16
N ASN B 670 -15.86 18.54 -21.80
CA ASN B 670 -15.02 17.49 -21.21
C ASN B 670 -15.61 16.87 -19.94
N GLN B 671 -16.90 16.58 -19.96
CA GLN B 671 -17.56 15.85 -18.88
C GLN B 671 -18.35 14.71 -19.49
N ARG B 672 -18.08 13.48 -19.03
CA ARG B 672 -18.66 12.30 -19.65
C ARG B 672 -20.16 12.22 -19.43
N ALA B 673 -20.60 12.41 -18.18
CA ALA B 673 -22.02 12.30 -17.87
C ALA B 673 -22.83 13.36 -18.61
N LEU B 674 -22.30 14.58 -18.68
CA LEU B 674 -22.98 15.64 -19.42
C LEU B 674 -23.11 15.29 -20.89
N LYS B 675 -22.04 14.75 -21.49
CA LYS B 675 -22.08 14.36 -22.90
C LYS B 675 -23.14 13.29 -23.13
N LEU B 676 -23.16 12.26 -22.28
CA LEU B 676 -24.11 11.17 -22.47
C LEU B 676 -25.55 11.66 -22.31
N GLY B 677 -25.81 12.45 -21.27
CA GLY B 677 -27.15 12.97 -21.08
C GLY B 677 -27.59 13.88 -22.22
N THR B 678 -26.68 14.74 -22.69
CA THR B 678 -27.02 15.63 -23.80
C THR B 678 -27.32 14.84 -25.07
N LEU B 679 -26.53 13.80 -25.35
CA LEU B 679 -26.78 13.00 -26.55
C LEU B 679 -28.12 12.29 -26.46
N SER B 680 -28.45 11.72 -25.29
CA SER B 680 -29.74 11.07 -25.13
C SER B 680 -30.89 12.07 -25.30
N ALA B 681 -30.76 13.27 -24.71
CA ALA B 681 -31.80 14.27 -24.84
C ALA B 681 -31.98 14.70 -26.29
N LEU B 682 -30.88 14.92 -27.01
CA LEU B 682 -30.97 15.30 -28.41
C LEU B 682 -31.64 14.22 -29.24
N ASP B 683 -31.27 12.96 -28.99
CA ASP B 683 -31.87 11.85 -29.72
C ASP B 683 -33.38 11.81 -29.51
N ILE B 684 -33.82 11.84 -28.25
CA ILE B 684 -35.25 11.73 -27.99
C ILE B 684 -36.00 12.94 -28.52
N LEU B 685 -35.39 14.13 -28.42
CA LEU B 685 -36.06 15.34 -28.87
C LEU B 685 -36.25 15.34 -30.39
N ILE B 686 -35.21 14.96 -31.14
CA ILE B 686 -35.36 14.92 -32.58
C ILE B 686 -36.23 13.76 -33.02
N LYS B 687 -36.35 12.70 -32.20
CA LYS B 687 -37.22 11.60 -32.55
C LYS B 687 -38.69 11.97 -32.37
N ASN B 688 -39.02 12.66 -31.27
CA ASN B 688 -40.42 12.94 -30.97
C ASN B 688 -40.92 14.25 -31.59
N TYR B 689 -40.07 15.27 -31.66
CA TYR B 689 -40.46 16.59 -32.16
C TYR B 689 -39.70 16.85 -33.46
N SER B 690 -40.30 16.47 -34.59
CA SER B 690 -39.65 16.55 -35.88
C SER B 690 -40.25 17.59 -36.81
N ASP B 691 -41.46 18.07 -36.52
CA ASP B 691 -42.08 19.09 -37.38
C ASP B 691 -41.42 20.44 -37.21
N SER B 692 -40.81 20.69 -36.05
CA SER B 692 -40.18 21.97 -35.75
C SER B 692 -38.69 21.98 -36.02
N LEU B 693 -38.16 20.95 -36.66
CA LEU B 693 -36.73 20.89 -36.93
C LEU B 693 -36.33 21.96 -37.93
N THR B 694 -35.20 22.62 -37.66
CA THR B 694 -34.67 23.69 -38.49
C THR B 694 -33.21 23.42 -38.79
N ALA B 695 -32.77 23.84 -39.97
CA ALA B 695 -31.41 23.54 -40.42
C ALA B 695 -30.35 24.16 -39.53
N ALA B 696 -30.67 25.27 -38.86
CA ALA B 696 -29.66 25.97 -38.06
C ALA B 696 -29.21 25.13 -36.88
N MET B 697 -30.16 24.61 -36.09
CA MET B 697 -29.79 23.81 -34.93
C MET B 697 -29.22 22.46 -35.33
N ILE B 698 -29.65 21.92 -36.47
CA ILE B 698 -29.02 20.70 -36.99
C ILE B 698 -27.57 20.97 -37.33
N ASP B 699 -27.28 22.11 -37.94
CA ASP B 699 -25.89 22.50 -38.20
C ASP B 699 -25.11 22.64 -36.90
N ALA B 700 -25.72 23.26 -35.90
CA ALA B 700 -25.04 23.44 -34.62
C ALA B 700 -24.69 22.10 -33.98
N VAL B 701 -25.61 21.15 -34.03
CA VAL B 701 -25.34 19.83 -33.46
C VAL B 701 -24.28 19.10 -34.27
N LEU B 702 -24.38 19.15 -35.60
CA LEU B 702 -23.49 18.36 -36.45
C LEU B 702 -22.08 18.92 -36.50
N ASP B 703 -21.89 20.21 -36.21
CA ASP B 703 -20.56 20.79 -36.31
C ASP B 703 -19.62 20.33 -35.20
N GLU B 704 -20.13 19.68 -34.16
CA GLU B 704 -19.30 19.29 -33.02
C GLU B 704 -19.34 17.79 -32.75
N LEU B 705 -19.85 16.99 -33.67
CA LEU B 705 -19.85 15.53 -33.57
C LEU B 705 -18.51 14.88 -33.89
N PRO B 706 -17.74 15.35 -34.88
CA PRO B 706 -16.51 14.63 -35.27
C PRO B 706 -15.55 14.40 -34.11
N PRO B 707 -15.36 15.37 -33.19
CA PRO B 707 -14.50 15.07 -32.03
C PRO B 707 -15.00 13.91 -31.18
N LEU B 708 -16.31 13.67 -31.14
CA LEU B 708 -16.86 12.63 -30.27
C LEU B 708 -16.65 11.23 -30.84
N ILE B 709 -16.65 11.09 -32.17
CA ILE B 709 -16.52 9.77 -32.80
C ILE B 709 -15.05 9.37 -32.82
N SER B 710 -14.62 8.63 -31.80
CA SER B 710 -13.24 8.22 -31.66
C SER B 710 -13.18 6.92 -30.88
N GLU B 711 -12.03 6.25 -30.98
CA GLU B 711 -11.82 4.98 -30.31
C GLU B 711 -11.44 5.13 -28.84
N SER B 712 -11.22 6.35 -28.36
CA SER B 712 -10.86 6.54 -26.96
C SER B 712 -11.99 6.13 -26.03
N ASP B 713 -13.24 6.48 -26.38
CA ASP B 713 -14.40 6.09 -25.59
C ASP B 713 -15.48 5.59 -26.54
N MET B 714 -15.83 4.31 -26.41
CA MET B 714 -16.78 3.69 -27.34
C MET B 714 -18.22 4.07 -27.03
N HIS B 715 -18.54 4.37 -25.77
CA HIS B 715 -19.92 4.67 -25.40
C HIS B 715 -20.41 5.97 -26.05
N VAL B 716 -19.60 7.02 -26.00
CA VAL B 716 -19.98 8.29 -26.62
C VAL B 716 -20.10 8.11 -28.13
N SER B 717 -19.20 7.34 -28.73
CA SER B 717 -19.28 7.08 -30.16
C SER B 717 -20.56 6.35 -30.52
N GLN B 718 -20.95 5.36 -29.71
CA GLN B 718 -22.20 4.64 -29.96
C GLN B 718 -23.39 5.57 -29.86
N MET B 719 -23.41 6.45 -28.85
CA MET B 719 -24.51 7.40 -28.72
C MET B 719 -24.58 8.34 -29.91
N ALA B 720 -23.42 8.82 -30.38
CA ALA B 720 -23.39 9.70 -31.54
C ALA B 720 -23.88 9.01 -32.79
N ILE B 721 -23.48 7.75 -32.99
CA ILE B 721 -23.94 7.01 -34.17
C ILE B 721 -25.44 6.75 -34.10
N SER B 722 -25.96 6.48 -32.90
CA SER B 722 -27.40 6.32 -32.75
C SER B 722 -28.14 7.61 -33.08
N PHE B 723 -27.59 8.74 -32.63
CA PHE B 723 -28.20 10.03 -32.98
C PHE B 723 -28.20 10.25 -34.49
N LEU B 724 -27.09 9.90 -35.16
CA LEU B 724 -27.03 10.04 -36.61
C LEU B 724 -28.05 9.14 -37.29
N THR B 725 -28.22 7.92 -36.78
CA THR B 725 -29.21 7.01 -37.36
C THR B 725 -30.63 7.56 -37.20
N THR B 726 -30.95 8.09 -36.02
CA THR B 726 -32.27 8.69 -35.83
C THR B 726 -32.48 9.88 -36.75
N LEU B 727 -31.46 10.71 -36.91
CA LEU B 727 -31.56 11.85 -37.82
C LEU B 727 -31.79 11.39 -39.25
N ALA B 728 -31.09 10.34 -39.68
CA ALA B 728 -31.27 9.82 -41.03
C ALA B 728 -32.68 9.27 -41.22
N LYS B 729 -33.21 8.57 -40.22
CA LYS B 729 -34.56 8.02 -40.34
C LYS B 729 -35.64 9.08 -40.24
N VAL B 730 -35.34 10.23 -39.65
CA VAL B 730 -36.33 11.26 -39.39
C VAL B 730 -36.19 12.45 -40.34
N TYR B 731 -34.97 12.98 -40.48
CA TYR B 731 -34.72 14.22 -41.22
C TYR B 731 -33.64 13.95 -42.27
N PRO B 732 -34.00 13.31 -43.38
CA PRO B 732 -32.99 12.91 -44.37
C PRO B 732 -32.31 14.07 -45.08
N SER B 733 -32.93 15.25 -45.10
CA SER B 733 -32.38 16.36 -45.87
C SER B 733 -31.04 16.86 -45.35
N SER B 734 -30.69 16.55 -44.10
CA SER B 734 -29.45 17.01 -43.50
C SER B 734 -28.29 16.03 -43.68
N LEU B 735 -28.51 14.93 -44.40
CA LEU B 735 -27.48 13.91 -44.55
C LEU B 735 -26.39 14.29 -45.54
N SER B 736 -26.58 15.34 -46.34
CA SER B 736 -25.55 15.79 -47.25
C SER B 736 -24.41 16.51 -46.53
N LYS B 737 -24.58 16.81 -45.25
CA LYS B 737 -23.61 17.56 -44.46
C LYS B 737 -22.62 16.66 -43.72
N ILE B 738 -22.79 15.34 -43.81
CA ILE B 738 -21.88 14.41 -43.16
C ILE B 738 -20.83 13.86 -44.12
N SER B 739 -20.76 14.38 -45.34
CA SER B 739 -19.82 13.88 -46.34
C SER B 739 -18.39 14.36 -46.09
N GLY B 740 -18.17 15.21 -45.10
CA GLY B 740 -16.84 15.72 -44.85
C GLY B 740 -16.09 14.96 -43.78
N SER B 741 -15.94 15.56 -42.60
CA SER B 741 -15.13 14.96 -41.54
C SER B 741 -15.83 13.81 -40.84
N ILE B 742 -17.16 13.85 -40.73
CA ILE B 742 -17.88 12.82 -39.99
C ILE B 742 -17.69 11.46 -40.62
N LEU B 743 -17.84 11.38 -41.94
CA LEU B 743 -17.69 10.10 -42.64
C LEU B 743 -16.26 9.59 -42.52
N ASN B 744 -15.27 10.48 -42.60
CA ASN B 744 -13.89 10.07 -42.43
C ASN B 744 -13.65 9.49 -41.04
N GLU B 745 -14.22 10.14 -40.00
CA GLU B 745 -14.06 9.63 -38.65
C GLU B 745 -14.72 8.26 -38.49
N LEU B 746 -15.92 8.08 -39.05
CA LEU B 746 -16.56 6.76 -38.96
C LEU B 746 -15.78 5.69 -39.70
N ILE B 747 -15.26 6.01 -40.89
CA ILE B 747 -14.47 5.04 -41.63
C ILE B 747 -13.21 4.67 -40.86
N GLY B 748 -12.58 5.66 -40.24
CA GLY B 748 -11.42 5.35 -39.39
C GLY B 748 -11.78 4.49 -38.20
N LEU B 749 -12.97 4.71 -37.62
CA LEU B 749 -13.39 3.92 -36.49
C LEU B 749 -13.74 2.49 -36.90
N VAL B 750 -14.15 2.28 -38.15
CA VAL B 750 -14.42 0.94 -38.64
C VAL B 750 -13.16 0.09 -38.62
N ARG B 751 -12.02 0.69 -38.95
CA ARG B 751 -10.76 -0.01 -39.03
C ARG B 751 -10.13 -0.27 -37.67
N SER B 752 -10.68 0.29 -36.60
CA SER B 752 -10.08 0.13 -35.28
C SER B 752 -10.20 -1.32 -34.81
N PRO B 753 -9.19 -1.84 -34.11
CA PRO B 753 -9.29 -3.20 -33.57
C PRO B 753 -10.06 -3.29 -32.26
N LEU B 754 -10.62 -2.19 -31.77
CA LEU B 754 -11.39 -2.18 -30.53
C LEU B 754 -12.90 -2.09 -30.77
N LEU B 755 -13.34 -2.34 -32.00
CA LEU B 755 -14.74 -2.24 -32.36
C LEU B 755 -15.43 -3.55 -32.01
N GLN B 756 -16.42 -3.48 -31.12
CA GLN B 756 -17.16 -4.67 -30.72
C GLN B 756 -18.48 -4.24 -30.07
N GLY B 757 -19.40 -5.19 -30.01
CA GLY B 757 -20.63 -4.98 -29.26
C GLY B 757 -21.50 -3.89 -29.85
N GLY B 758 -21.85 -2.91 -29.00
CA GLY B 758 -22.83 -1.92 -29.40
C GLY B 758 -22.36 -1.02 -30.54
N ALA B 759 -21.08 -0.69 -30.57
CA ALA B 759 -20.57 0.20 -31.60
C ALA B 759 -20.72 -0.42 -32.99
N LEU B 760 -20.42 -1.72 -33.12
CA LEU B 760 -20.55 -2.38 -34.41
C LEU B 760 -22.00 -2.40 -34.88
N SER B 761 -22.93 -2.73 -33.97
CA SER B 761 -24.34 -2.75 -34.34
C SER B 761 -24.83 -1.36 -34.72
N ALA B 762 -24.38 -0.33 -34.00
CA ALA B 762 -24.75 1.03 -34.34
C ALA B 762 -24.23 1.42 -35.71
N MET B 763 -22.99 1.03 -36.03
CA MET B 763 -22.44 1.32 -37.35
C MET B 763 -23.25 0.63 -38.45
N LEU B 764 -23.59 -0.64 -38.24
CA LEU B 764 -24.37 -1.36 -39.24
C LEU B 764 -25.74 -0.71 -39.44
N ASP B 765 -26.41 -0.35 -38.34
CA ASP B 765 -27.71 0.30 -38.46
C ASP B 765 -27.60 1.65 -39.17
N PHE B 766 -26.55 2.41 -38.88
CA PHE B 766 -26.36 3.70 -39.54
C PHE B 766 -26.15 3.53 -41.04
N PHE B 767 -25.32 2.56 -41.43
CA PHE B 767 -25.09 2.35 -42.86
C PHE B 767 -26.36 1.90 -43.56
N GLN B 768 -27.12 0.99 -42.94
CA GLN B 768 -28.38 0.54 -43.53
C GLN B 768 -29.36 1.70 -43.69
N ALA B 769 -29.46 2.57 -42.68
CA ALA B 769 -30.39 3.69 -42.77
C ALA B 769 -29.92 4.72 -43.79
N LEU B 770 -28.61 4.91 -43.92
CA LEU B 770 -28.07 5.95 -44.78
C LEU B 770 -28.18 5.58 -46.25
N VAL B 771 -27.91 4.31 -46.59
CA VAL B 771 -27.86 3.93 -47.99
C VAL B 771 -29.23 4.00 -48.67
N VAL B 772 -30.32 3.94 -47.90
CA VAL B 772 -31.65 3.92 -48.49
C VAL B 772 -32.18 5.32 -48.78
N THR B 773 -31.67 6.35 -48.09
CA THR B 773 -32.22 7.70 -48.27
C THR B 773 -32.07 8.18 -49.70
N GLY B 774 -30.88 8.01 -50.28
CA GLY B 774 -30.65 8.41 -51.66
C GLY B 774 -30.01 9.77 -51.80
N THR B 775 -29.01 10.06 -50.98
CA THR B 775 -28.31 11.34 -51.05
C THR B 775 -27.16 11.24 -52.06
N ASN B 776 -26.83 12.38 -52.65
CA ASN B 776 -25.77 12.43 -53.65
C ASN B 776 -24.41 12.17 -53.01
N ASN B 777 -23.53 11.53 -53.78
CA ASN B 777 -22.17 11.17 -53.38
C ASN B 777 -22.12 10.21 -52.20
N LEU B 778 -23.27 9.67 -51.79
CA LEU B 778 -23.37 8.72 -50.69
C LEU B 778 -24.24 7.54 -51.10
N GLY B 779 -23.99 7.02 -52.30
CA GLY B 779 -24.69 5.86 -52.80
C GLY B 779 -24.07 4.56 -52.33
N TYR B 780 -24.61 3.46 -52.85
CA TYR B 780 -24.09 2.14 -52.49
C TYR B 780 -22.65 1.97 -52.96
N MET B 781 -22.39 2.29 -54.23
CA MET B 781 -21.05 2.10 -54.77
C MET B 781 -20.04 3.02 -54.11
N ASP B 782 -20.43 4.26 -53.81
CA ASP B 782 -19.51 5.19 -53.16
C ASP B 782 -19.11 4.70 -51.77
N LEU B 783 -20.08 4.25 -50.99
CA LEU B 783 -19.78 3.72 -49.66
C LEU B 783 -18.94 2.46 -49.74
N LEU B 784 -19.26 1.58 -50.69
CA LEU B 784 -18.48 0.36 -50.85
C LEU B 784 -17.03 0.69 -51.21
N ARG B 785 -16.83 1.67 -52.11
CA ARG B 785 -15.48 2.07 -52.48
C ARG B 785 -14.75 2.69 -51.30
N MET B 786 -15.42 3.53 -50.52
CA MET B 786 -14.75 4.12 -49.36
C MET B 786 -14.39 3.06 -48.33
N LEU B 787 -15.17 2.00 -48.22
CA LEU B 787 -14.84 0.92 -47.29
C LEU B 787 -13.71 0.05 -47.79
N THR B 788 -13.65 -0.20 -49.11
CA THR B 788 -12.75 -1.19 -49.68
C THR B 788 -11.43 -0.61 -50.18
N GLY B 789 -11.36 0.70 -50.42
CA GLY B 789 -10.23 1.32 -51.06
C GLY B 789 -8.87 1.11 -50.40
N PRO B 790 -8.78 1.25 -49.08
CA PRO B 790 -7.48 1.02 -48.42
C PRO B 790 -6.91 -0.36 -48.69
N VAL B 791 -7.75 -1.39 -48.76
CA VAL B 791 -7.26 -2.74 -49.01
C VAL B 791 -6.79 -2.88 -50.45
N TYR B 792 -7.57 -2.38 -51.41
CA TYR B 792 -7.25 -2.59 -52.81
C TYR B 792 -6.06 -1.75 -53.25
N SER B 793 -6.03 -0.47 -52.87
CA SER B 793 -4.97 0.42 -53.34
C SER B 793 -3.63 0.08 -52.71
N GLN B 794 -3.60 -0.20 -51.42
CA GLN B 794 -2.37 -0.50 -50.71
C GLN B 794 -2.00 -1.96 -50.88
N SER B 795 -0.76 -2.21 -51.31
CA SER B 795 -0.33 -3.59 -51.55
C SER B 795 -0.06 -4.32 -50.23
N THR B 796 0.53 -3.64 -49.26
CA THR B 796 0.86 -4.28 -47.99
C THR B 796 -0.40 -4.62 -47.20
N ALA B 797 -0.30 -5.64 -46.36
CA ALA B 797 -1.43 -6.07 -45.56
C ALA B 797 -1.70 -5.10 -44.42
N LEU B 798 -2.94 -5.11 -43.95
CA LEU B 798 -3.33 -4.25 -42.84
C LEU B 798 -2.66 -4.70 -41.55
N THR B 799 -2.50 -3.75 -40.62
CA THR B 799 -1.79 -4.03 -39.38
C THR B 799 -2.52 -5.05 -38.52
N HIS B 800 -3.85 -4.95 -38.43
CA HIS B 800 -4.63 -5.81 -37.57
C HIS B 800 -5.56 -6.70 -38.38
N LYS B 801 -6.15 -7.67 -37.68
CA LYS B 801 -6.93 -8.75 -38.28
C LYS B 801 -8.42 -8.61 -38.04
N GLN B 802 -8.83 -7.84 -37.03
CA GLN B 802 -10.25 -7.55 -36.81
C GLN B 802 -10.81 -6.60 -37.85
N SER B 803 -9.96 -5.73 -38.41
CA SER B 803 -10.42 -4.74 -39.37
C SER B 803 -11.09 -5.40 -40.57
N TYR B 804 -10.55 -6.52 -41.02
CA TYR B 804 -11.16 -7.24 -42.14
C TYR B 804 -12.59 -7.67 -41.80
N TYR B 805 -12.79 -8.19 -40.60
CA TYR B 805 -14.15 -8.59 -40.19
C TYR B 805 -15.08 -7.40 -40.13
N SER B 806 -14.61 -6.27 -39.57
CA SER B 806 -15.46 -5.09 -39.50
C SER B 806 -15.87 -4.61 -40.90
N ILE B 807 -14.90 -4.55 -41.81
CA ILE B 807 -15.20 -4.11 -43.17
C ILE B 807 -16.16 -5.07 -43.86
N ALA B 808 -15.95 -6.39 -43.67
CA ALA B 808 -16.83 -7.37 -44.27
C ALA B 808 -18.25 -7.26 -43.74
N LYS B 809 -18.39 -7.04 -42.42
CA LYS B 809 -19.72 -6.88 -41.85
C LYS B 809 -20.42 -5.65 -42.38
N CYS B 810 -19.68 -4.54 -42.51
CA CYS B 810 -20.28 -3.34 -43.09
C CYS B 810 -20.71 -3.56 -44.53
N VAL B 811 -19.88 -4.26 -45.31
CA VAL B 811 -20.23 -4.56 -46.70
C VAL B 811 -21.49 -5.42 -46.76
N ALA B 812 -21.57 -6.42 -45.89
CA ALA B 812 -22.75 -7.28 -45.87
C ALA B 812 -24.00 -6.50 -45.50
N ALA B 813 -23.90 -5.59 -44.52
CA ALA B 813 -25.05 -4.77 -44.16
C ALA B 813 -25.49 -3.89 -45.31
N LEU B 814 -24.53 -3.27 -46.00
CA LEU B 814 -24.87 -2.44 -47.17
C LEU B 814 -25.55 -3.26 -48.24
N THR B 815 -25.04 -4.46 -48.52
CA THR B 815 -25.64 -5.32 -49.54
C THR B 815 -27.04 -5.77 -49.13
N ARG B 816 -27.24 -6.07 -47.85
CA ARG B 816 -28.57 -6.45 -47.37
C ARG B 816 -29.56 -5.31 -47.54
N ALA B 817 -29.13 -4.08 -47.26
CA ALA B 817 -30.04 -2.94 -47.39
C ALA B 817 -30.45 -2.73 -48.84
N CYS B 818 -29.52 -2.90 -49.78
CA CYS B 818 -29.80 -2.71 -51.21
C CYS B 818 -29.57 -4.03 -51.95
N PRO B 819 -30.63 -4.82 -52.20
CA PRO B 819 -30.43 -6.14 -52.81
C PRO B 819 -30.22 -6.14 -54.31
N LYS B 820 -30.45 -5.02 -54.99
CA LYS B 820 -30.34 -5.00 -56.45
C LYS B 820 -28.91 -5.23 -56.91
N GLU B 821 -27.94 -4.63 -56.24
CA GLU B 821 -26.54 -4.73 -56.63
C GLU B 821 -25.82 -5.92 -56.02
N GLY B 822 -26.52 -6.73 -55.22
CA GLY B 822 -25.94 -7.88 -54.57
C GLY B 822 -25.33 -8.90 -55.51
N PRO B 823 -26.06 -9.30 -56.55
CA PRO B 823 -25.46 -10.22 -57.53
C PRO B 823 -24.19 -9.68 -58.17
N ALA B 824 -24.17 -8.41 -58.55
CA ALA B 824 -22.97 -7.84 -59.15
C ALA B 824 -21.80 -7.84 -58.16
N VAL B 825 -22.07 -7.46 -56.90
CA VAL B 825 -21.01 -7.41 -55.91
C VAL B 825 -20.45 -8.80 -55.63
N VAL B 826 -21.33 -9.80 -55.49
CA VAL B 826 -20.85 -11.14 -55.18
C VAL B 826 -20.10 -11.72 -56.37
N GLY B 827 -20.54 -11.42 -57.60
CA GLY B 827 -19.79 -11.86 -58.77
C GLY B 827 -18.40 -11.25 -58.83
N GLN B 828 -18.30 -9.95 -58.55
CA GLN B 828 -17.00 -9.30 -58.55
C GLN B 828 -16.10 -9.90 -57.46
N PHE B 829 -16.66 -10.19 -56.29
CA PHE B 829 -15.86 -10.80 -55.22
C PHE B 829 -15.39 -12.20 -55.62
N ILE B 830 -16.25 -12.97 -56.29
CA ILE B 830 -15.85 -14.30 -56.74
C ILE B 830 -14.70 -14.21 -57.72
N GLN B 831 -14.78 -13.27 -58.67
CA GLN B 831 -13.67 -13.09 -59.61
C GLN B 831 -12.41 -12.61 -58.91
N ASP B 832 -12.56 -11.79 -57.87
CA ASP B 832 -11.39 -11.34 -57.12
C ASP B 832 -10.69 -12.51 -56.42
N VAL B 833 -11.47 -13.43 -55.85
CA VAL B 833 -10.87 -14.61 -55.23
C VAL B 833 -10.23 -15.50 -56.28
N LYS B 834 -10.89 -15.67 -57.43
CA LYS B 834 -10.38 -16.58 -58.45
C LYS B 834 -9.10 -16.07 -59.09
N ASN B 835 -8.99 -14.77 -59.29
CA ASN B 835 -7.85 -14.19 -60.01
C ASN B 835 -6.54 -14.53 -59.32
N SER B 836 -5.54 -14.90 -60.12
CA SER B 836 -4.24 -15.30 -59.61
C SER B 836 -3.27 -14.14 -59.44
N ARG B 837 -3.61 -12.95 -59.92
CA ARG B 837 -2.77 -11.78 -59.75
C ARG B 837 -3.09 -10.99 -58.49
N SER B 838 -4.16 -11.35 -57.78
CA SER B 838 -4.55 -10.63 -56.57
C SER B 838 -3.66 -11.02 -55.40
N THR B 839 -3.44 -10.06 -54.51
CA THR B 839 -2.61 -10.28 -53.34
C THR B 839 -3.40 -11.01 -52.25
N ASP B 840 -2.70 -11.37 -51.17
CA ASP B 840 -3.36 -12.07 -50.08
C ASP B 840 -4.34 -11.17 -49.33
N SER B 841 -4.09 -9.87 -49.30
CA SER B 841 -5.00 -8.94 -48.64
C SER B 841 -6.35 -8.90 -49.34
N ILE B 842 -6.35 -8.91 -50.68
CA ILE B 842 -7.59 -8.86 -51.43
C ILE B 842 -8.38 -10.15 -51.26
N ARG B 843 -7.70 -11.30 -51.34
CA ARG B 843 -8.39 -12.58 -51.26
C ARG B 843 -9.05 -12.78 -49.90
N LEU B 844 -8.36 -12.40 -48.82
CA LEU B 844 -8.92 -12.57 -47.48
C LEU B 844 -10.17 -11.73 -47.30
N LEU B 845 -10.11 -10.46 -47.69
CA LEU B 845 -11.27 -9.58 -47.56
C LEU B 845 -12.42 -10.06 -48.43
N ALA B 846 -12.12 -10.50 -49.66
CA ALA B 846 -13.16 -10.98 -50.55
C ALA B 846 -13.85 -12.22 -49.98
N LEU B 847 -13.06 -13.16 -49.44
CA LEU B 847 -13.65 -14.36 -48.85
C LEU B 847 -14.50 -14.03 -47.64
N LEU B 848 -14.01 -13.13 -46.78
CA LEU B 848 -14.79 -12.76 -45.60
C LEU B 848 -16.09 -12.06 -46.00
N SER B 849 -16.03 -11.18 -46.99
CA SER B 849 -17.24 -10.50 -47.46
C SER B 849 -18.23 -11.48 -48.06
N LEU B 850 -17.74 -12.45 -48.84
CA LEU B 850 -18.62 -13.47 -49.39
C LEU B 850 -19.29 -14.26 -48.28
N GLY B 851 -18.53 -14.65 -47.27
CA GLY B 851 -19.12 -15.38 -46.15
C GLY B 851 -20.16 -14.56 -45.40
N GLU B 852 -19.88 -13.29 -45.16
CA GLU B 852 -20.82 -12.45 -44.42
C GLU B 852 -22.08 -12.19 -45.23
N VAL B 853 -21.95 -11.95 -46.53
CA VAL B 853 -23.13 -11.71 -47.36
C VAL B 853 -23.97 -12.97 -47.49
N GLY B 854 -23.32 -14.13 -47.63
CA GLY B 854 -24.06 -15.37 -47.76
C GLY B 854 -24.77 -15.82 -46.50
N HIS B 855 -24.50 -15.17 -45.36
CA HIS B 855 -25.14 -15.55 -44.11
C HIS B 855 -26.64 -15.33 -44.16
N HIS B 856 -27.08 -14.22 -44.77
CA HIS B 856 -28.48 -13.86 -44.79
C HIS B 856 -29.13 -13.92 -46.17
N ILE B 857 -28.34 -13.97 -47.24
CA ILE B 857 -28.85 -13.97 -48.61
C ILE B 857 -28.50 -15.30 -49.26
N ASP B 858 -29.49 -15.94 -49.88
CA ASP B 858 -29.31 -17.23 -50.54
C ASP B 858 -28.53 -17.03 -51.83
N LEU B 859 -27.32 -17.56 -51.90
CA LEU B 859 -26.47 -17.49 -53.09
C LEU B 859 -26.41 -18.84 -53.81
N SER B 860 -27.56 -19.53 -53.88
CA SER B 860 -27.59 -20.83 -54.53
C SER B 860 -27.23 -20.72 -56.01
N GLY B 861 -27.73 -19.70 -56.68
CA GLY B 861 -27.49 -19.54 -58.10
C GLY B 861 -26.20 -18.83 -58.44
N GLN B 862 -25.07 -19.49 -58.21
CA GLN B 862 -23.76 -18.96 -58.57
C GLN B 862 -22.93 -19.91 -59.42
N LEU B 863 -23.03 -21.21 -59.16
CA LEU B 863 -22.43 -22.27 -59.97
C LEU B 863 -20.91 -22.25 -59.98
N GLU B 864 -20.28 -21.33 -59.23
CA GLU B 864 -18.82 -21.31 -59.13
C GLU B 864 -18.32 -21.10 -57.71
N LEU B 865 -19.21 -20.78 -56.76
CA LEU B 865 -18.79 -20.41 -55.41
C LEU B 865 -18.13 -21.58 -54.69
N LYS B 866 -18.72 -22.78 -54.78
CA LYS B 866 -18.16 -23.95 -54.11
C LYS B 866 -16.77 -24.27 -54.65
N SER B 867 -16.62 -24.28 -55.97
CA SER B 867 -15.32 -24.57 -56.56
C SER B 867 -14.29 -23.52 -56.16
N VAL B 868 -14.68 -22.25 -56.16
CA VAL B 868 -13.75 -21.18 -55.80
C VAL B 868 -13.28 -21.33 -54.37
N ILE B 869 -14.21 -21.60 -53.45
CA ILE B 869 -13.84 -21.72 -52.04
C ILE B 869 -12.96 -22.95 -51.81
N LEU B 870 -13.35 -24.09 -52.37
CA LEU B 870 -12.56 -25.30 -52.19
C LEU B 870 -11.16 -25.16 -52.79
N GLU B 871 -11.04 -24.44 -53.91
CA GLU B 871 -9.72 -24.14 -54.43
C GLU B 871 -8.96 -23.23 -53.47
N ALA B 872 -9.66 -22.30 -52.82
CA ALA B 872 -9.03 -21.40 -51.87
C ALA B 872 -8.53 -22.13 -50.63
N PHE B 873 -9.09 -23.31 -50.31
CA PHE B 873 -8.54 -24.08 -49.20
C PHE B 873 -7.06 -24.39 -49.39
N SER B 874 -6.63 -24.65 -50.62
CA SER B 874 -5.23 -24.97 -50.91
C SER B 874 -4.50 -23.67 -51.20
N SER B 875 -3.85 -23.11 -50.17
CA SER B 875 -3.13 -21.84 -50.30
C SER B 875 -2.02 -21.82 -49.27
N PRO B 876 -0.88 -21.22 -49.60
CA PRO B 876 0.23 -21.17 -48.63
C PRO B 876 -0.11 -20.42 -47.35
N SER B 877 -0.94 -19.38 -47.43
CA SER B 877 -1.23 -18.56 -46.27
C SER B 877 -2.27 -19.24 -45.37
N GLU B 878 -1.99 -19.26 -44.07
CA GLU B 878 -2.93 -19.85 -43.12
C GLU B 878 -4.17 -18.97 -42.96
N GLU B 879 -4.00 -17.64 -43.03
CA GLU B 879 -5.12 -16.75 -42.86
C GLU B 879 -6.15 -16.95 -43.96
N VAL B 880 -5.70 -17.14 -45.21
CA VAL B 880 -6.62 -17.37 -46.31
C VAL B 880 -7.38 -18.68 -46.11
N LYS B 881 -6.69 -19.71 -45.61
CA LYS B 881 -7.36 -20.98 -45.34
C LYS B 881 -8.43 -20.84 -44.27
N SER B 882 -8.12 -20.15 -43.18
CA SER B 882 -9.11 -19.93 -42.13
C SER B 882 -10.30 -19.12 -42.66
N ALA B 883 -10.02 -18.09 -43.46
CA ALA B 883 -11.09 -17.30 -44.04
C ALA B 883 -11.96 -18.14 -44.98
N ALA B 884 -11.33 -19.04 -45.73
CA ALA B 884 -12.09 -19.92 -46.63
C ALA B 884 -13.01 -20.85 -45.85
N SER B 885 -12.51 -21.42 -44.75
CA SER B 885 -13.35 -22.27 -43.92
C SER B 885 -14.51 -21.48 -43.33
N TYR B 886 -14.23 -20.27 -42.83
CA TYR B 886 -15.28 -19.41 -42.29
C TYR B 886 -16.33 -19.08 -43.35
N ALA B 887 -15.88 -18.74 -44.56
CA ALA B 887 -16.81 -18.39 -45.63
C ALA B 887 -17.67 -19.57 -46.02
N LEU B 888 -17.07 -20.76 -46.14
CA LEU B 888 -17.86 -21.93 -46.47
C LEU B 888 -18.91 -22.21 -45.41
N GLY B 889 -18.52 -22.11 -44.14
CA GLY B 889 -19.49 -22.33 -43.07
C GLY B 889 -20.64 -21.33 -43.11
N SER B 890 -20.31 -20.05 -43.28
CA SER B 890 -21.36 -19.02 -43.27
C SER B 890 -22.29 -19.16 -44.46
N ILE B 891 -21.73 -19.36 -45.66
CA ILE B 891 -22.58 -19.51 -46.85
C ILE B 891 -23.43 -20.75 -46.76
N SER B 892 -22.89 -21.82 -46.18
CA SER B 892 -23.69 -23.02 -45.94
C SER B 892 -24.83 -22.74 -44.96
N VAL B 893 -24.57 -21.92 -43.94
CA VAL B 893 -25.62 -21.52 -43.02
C VAL B 893 -26.71 -20.75 -43.76
N GLY B 894 -26.33 -19.96 -44.75
CA GLY B 894 -27.32 -19.18 -45.48
C GLY B 894 -28.41 -20.01 -46.11
N ASN B 895 -28.03 -21.13 -46.73
CA ASN B 895 -28.98 -22.06 -47.35
C ASN B 895 -28.59 -23.47 -46.94
N LEU B 896 -29.13 -23.93 -45.81
CA LEU B 896 -28.72 -25.22 -45.26
C LEU B 896 -29.10 -26.40 -46.15
N PRO B 897 -30.34 -26.50 -46.67
CA PRO B 897 -30.68 -27.67 -47.50
C PRO B 897 -29.68 -27.99 -48.60
N GLU B 898 -29.22 -26.99 -49.35
CA GLU B 898 -28.36 -27.25 -50.49
C GLU B 898 -26.93 -27.57 -50.08
N TYR B 899 -26.44 -26.91 -49.03
CA TYR B 899 -25.02 -26.92 -48.70
C TYR B 899 -24.64 -27.96 -47.67
N LEU B 900 -25.47 -28.22 -46.66
CA LEU B 900 -25.08 -29.14 -45.60
C LEU B 900 -24.78 -30.55 -46.09
N PRO B 901 -25.61 -31.17 -46.93
CA PRO B 901 -25.22 -32.48 -47.49
C PRO B 901 -23.92 -32.42 -48.27
N PHE B 902 -23.64 -31.30 -48.95
CA PHE B 902 -22.39 -31.19 -49.69
C PHE B 902 -21.19 -31.24 -48.74
N VAL B 903 -21.27 -30.53 -47.62
CA VAL B 903 -20.17 -30.55 -46.64
C VAL B 903 -20.03 -31.94 -46.03
N LEU B 904 -21.16 -32.57 -45.70
CA LEU B 904 -21.11 -33.90 -45.10
C LEU B 904 -20.47 -34.90 -46.06
N GLN B 905 -20.82 -34.85 -47.34
CA GLN B 905 -20.21 -35.74 -48.31
C GLN B 905 -18.74 -35.43 -48.51
N GLU B 906 -18.39 -34.14 -48.57
CA GLU B 906 -17.01 -33.75 -48.85
C GLU B 906 -16.09 -34.09 -47.70
N ILE B 907 -16.62 -34.19 -46.47
CA ILE B 907 -15.78 -34.57 -45.34
C ILE B 907 -15.20 -35.95 -45.54
N THR B 908 -16.02 -36.90 -46.00
CA THR B 908 -15.56 -38.27 -46.23
C THR B 908 -14.91 -38.47 -47.59
N SER B 909 -15.34 -37.71 -48.60
CA SER B 909 -14.83 -37.92 -49.96
C SER B 909 -13.34 -37.60 -50.04
N GLN B 910 -12.91 -36.49 -49.43
CA GLN B 910 -11.51 -36.06 -49.50
C GLN B 910 -10.90 -36.02 -48.10
N PRO B 911 -10.16 -37.05 -47.69
CA PRO B 911 -9.49 -37.00 -46.39
C PRO B 911 -8.32 -36.03 -46.32
N LYS B 912 -7.93 -35.44 -47.46
CA LYS B 912 -6.75 -34.57 -47.47
C LYS B 912 -6.96 -33.33 -46.63
N ARG B 913 -8.14 -32.72 -46.69
CA ARG B 913 -8.42 -31.45 -46.02
C ARG B 913 -9.74 -31.49 -45.28
N GLN B 914 -9.96 -32.57 -44.52
CA GLN B 914 -11.18 -32.67 -43.72
C GLN B 914 -11.13 -31.83 -42.45
N TYR B 915 -9.95 -31.33 -42.07
CA TYR B 915 -9.84 -30.46 -40.91
C TYR B 915 -10.58 -29.14 -41.14
N LEU B 916 -10.36 -28.53 -42.30
CA LEU B 916 -11.03 -27.28 -42.63
C LEU B 916 -12.53 -27.49 -42.82
N LEU B 917 -12.92 -28.63 -43.41
CA LEU B 917 -14.33 -28.95 -43.53
C LEU B 917 -14.97 -29.14 -42.15
N LEU B 918 -14.21 -29.72 -41.22
CA LEU B 918 -14.73 -29.87 -39.87
C LEU B 918 -14.88 -28.52 -39.17
N HIS B 919 -13.98 -27.58 -39.45
CA HIS B 919 -14.17 -26.22 -38.93
C HIS B 919 -15.39 -25.55 -39.55
N SER B 920 -15.63 -25.81 -40.84
CA SER B 920 -16.85 -25.31 -41.46
C SER B 920 -18.09 -25.86 -40.78
N LEU B 921 -18.09 -27.16 -40.47
CA LEU B 921 -19.22 -27.75 -39.76
C LEU B 921 -19.34 -27.19 -38.35
N LYS B 922 -18.21 -26.91 -37.71
CA LYS B 922 -18.19 -26.14 -36.46
C LYS B 922 -19.03 -24.88 -36.59
N GLU B 923 -18.71 -24.06 -37.59
CA GLU B 923 -19.42 -22.79 -37.73
C GLU B 923 -20.90 -23.02 -38.06
N ILE B 924 -21.19 -24.05 -38.86
CA ILE B 924 -22.59 -24.36 -39.18
C ILE B 924 -23.37 -24.65 -37.91
N ILE B 925 -22.83 -25.51 -37.04
CA ILE B 925 -23.52 -25.85 -35.81
C ILE B 925 -23.63 -24.64 -34.89
N SER B 926 -22.58 -23.81 -34.87
CA SER B 926 -22.54 -22.71 -33.91
C SER B 926 -23.49 -21.58 -34.30
N SER B 927 -23.66 -21.30 -35.59
CA SER B 927 -24.35 -20.10 -36.03
C SER B 927 -25.50 -20.42 -36.99
N ALA B 928 -26.33 -21.38 -36.60
CA ALA B 928 -27.51 -21.72 -37.38
C ALA B 928 -28.75 -21.76 -36.48
N SER B 929 -29.90 -21.55 -37.10
CA SER B 929 -31.16 -21.58 -36.36
C SER B 929 -31.45 -22.98 -35.85
N VAL B 930 -32.11 -23.05 -34.69
CA VAL B 930 -32.42 -24.34 -34.08
C VAL B 930 -33.39 -25.12 -34.96
N VAL B 931 -34.41 -24.45 -35.50
CA VAL B 931 -35.41 -25.14 -36.32
C VAL B 931 -34.77 -25.62 -37.63
N GLY B 932 -33.83 -24.87 -38.18
CA GLY B 932 -33.21 -25.26 -39.43
C GLY B 932 -32.34 -26.50 -39.30
N LEU B 933 -31.60 -26.61 -38.19
CA LEU B 933 -30.64 -27.68 -37.98
C LEU B 933 -31.27 -28.95 -37.41
N LYS B 934 -32.56 -28.93 -37.10
CA LYS B 934 -33.20 -30.09 -36.48
C LYS B 934 -33.18 -31.34 -37.37
N PRO B 935 -33.56 -31.29 -38.65
CA PRO B 935 -33.59 -32.54 -39.44
C PRO B 935 -32.24 -33.22 -39.58
N TYR B 936 -31.14 -32.46 -39.63
CA TYR B 936 -29.83 -33.02 -39.95
C TYR B 936 -29.05 -33.46 -38.72
N VAL B 937 -29.68 -33.43 -37.54
CA VAL B 937 -28.99 -33.80 -36.31
C VAL B 937 -28.51 -35.24 -36.38
N GLU B 938 -29.36 -36.14 -36.87
CA GLU B 938 -28.98 -37.55 -36.94
C GLU B 938 -27.79 -37.77 -37.87
N ASN B 939 -27.80 -37.13 -39.04
CA ASN B 939 -26.69 -37.29 -39.97
C ASN B 939 -25.39 -36.73 -39.40
N ILE B 940 -25.45 -35.56 -38.77
CA ILE B 940 -24.25 -34.98 -38.19
C ILE B 940 -23.72 -35.88 -37.07
N TRP B 941 -24.63 -36.39 -36.23
CA TRP B 941 -24.23 -37.27 -35.14
C TRP B 941 -23.57 -38.53 -35.66
N ALA B 942 -24.14 -39.12 -36.72
CA ALA B 942 -23.56 -40.34 -37.29
C ALA B 942 -22.18 -40.08 -37.85
N LEU B 943 -22.01 -38.98 -38.59
CA LEU B 943 -20.70 -38.67 -39.17
C LEU B 943 -19.67 -38.42 -38.09
N LEU B 944 -20.03 -37.65 -37.06
CA LEU B 944 -19.09 -37.34 -36.00
C LEU B 944 -18.70 -38.59 -35.22
N LEU B 945 -19.67 -39.46 -34.93
CA LEU B 945 -19.36 -40.71 -34.23
C LEU B 945 -18.48 -41.60 -35.09
N LYS B 946 -18.70 -41.61 -36.40
CA LYS B 946 -17.82 -42.38 -37.29
C LYS B 946 -16.39 -41.84 -37.24
N HIS B 947 -16.22 -40.52 -37.22
CA HIS B 947 -14.89 -39.94 -37.29
C HIS B 947 -14.21 -39.76 -35.94
N CYS B 948 -14.90 -40.03 -34.83
CA CYS B 948 -14.22 -39.99 -33.54
C CYS B 948 -13.09 -41.00 -33.45
N GLU B 949 -13.22 -42.14 -34.14
CA GLU B 949 -12.20 -43.19 -34.12
C GLU B 949 -11.13 -42.88 -35.17
N CYS B 950 -10.35 -41.85 -34.91
CA CYS B 950 -9.32 -41.38 -35.81
C CYS B 950 -7.95 -41.50 -35.15
N ALA B 951 -6.92 -41.75 -35.98
CA ALA B 951 -5.56 -41.89 -35.48
C ALA B 951 -4.76 -40.60 -35.56
N GLU B 952 -5.27 -39.59 -36.25
CA GLU B 952 -4.54 -38.33 -36.44
C GLU B 952 -5.11 -37.31 -35.46
N GLU B 953 -4.32 -36.97 -34.43
CA GLU B 953 -4.74 -35.98 -33.45
C GLU B 953 -4.80 -34.60 -34.08
N GLY B 954 -5.72 -33.78 -33.59
CA GLY B 954 -6.05 -32.52 -34.21
C GLY B 954 -7.34 -32.54 -35.01
N THR B 955 -7.79 -33.73 -35.40
CA THR B 955 -9.12 -33.95 -35.95
C THR B 955 -10.10 -34.45 -34.89
N ARG B 956 -9.61 -35.30 -33.98
CA ARG B 956 -10.46 -35.78 -32.89
C ARG B 956 -10.90 -34.64 -32.00
N ASN B 957 -10.03 -33.66 -31.76
CA ASN B 957 -10.41 -32.52 -30.96
C ASN B 957 -11.57 -31.77 -31.60
N VAL B 958 -11.49 -31.54 -32.92
CA VAL B 958 -12.53 -30.82 -33.62
C VAL B 958 -13.84 -31.61 -33.60
N VAL B 959 -13.78 -32.92 -33.82
CA VAL B 959 -15.03 -33.70 -33.85
C VAL B 959 -15.66 -33.77 -32.47
N VAL B 960 -14.83 -33.87 -31.42
CA VAL B 960 -15.37 -33.90 -30.06
C VAL B 960 -16.01 -32.57 -29.71
N GLU B 961 -15.36 -31.46 -30.06
CA GLU B 961 -15.96 -30.15 -29.83
C GLU B 961 -17.23 -29.95 -30.64
N CYS B 962 -17.29 -30.52 -31.85
CA CYS B 962 -18.53 -30.47 -32.63
C CYS B 962 -19.64 -31.25 -31.94
N LEU B 963 -19.33 -32.42 -31.37
CA LEU B 963 -20.32 -33.14 -30.58
C LEU B 963 -20.81 -32.30 -29.40
N GLY B 964 -19.88 -31.65 -28.70
CA GLY B 964 -20.27 -30.82 -27.57
C GLY B 964 -21.19 -29.69 -27.98
N LYS B 965 -20.90 -29.06 -29.12
CA LYS B 965 -21.77 -27.98 -29.61
C LYS B 965 -23.13 -28.52 -30.04
N LEU B 966 -23.15 -29.70 -30.69
CA LEU B 966 -24.41 -30.26 -31.17
C LEU B 966 -25.29 -30.72 -30.02
N THR B 967 -24.70 -31.12 -28.89
CA THR B 967 -25.50 -31.53 -27.74
C THR B 967 -26.35 -30.39 -27.22
N LEU B 968 -25.87 -29.16 -27.31
CA LEU B 968 -26.62 -28.01 -26.80
C LEU B 968 -27.95 -27.83 -27.52
N ILE B 969 -28.03 -28.28 -28.78
CA ILE B 969 -29.29 -28.25 -29.52
C ILE B 969 -30.06 -29.52 -29.21
N ASP B 970 -31.24 -29.36 -28.62
CA ASP B 970 -32.08 -30.47 -28.19
C ASP B 970 -31.31 -31.37 -27.23
N PRO B 971 -30.99 -30.89 -26.02
CA PRO B 971 -30.14 -31.68 -25.12
C PRO B 971 -30.86 -32.81 -24.41
N GLU B 972 -32.20 -32.81 -24.37
CA GLU B 972 -32.93 -33.84 -23.64
C GLU B 972 -32.83 -35.21 -24.29
N THR B 973 -32.46 -35.28 -25.57
CA THR B 973 -32.37 -36.55 -26.27
C THR B 973 -30.93 -36.98 -26.54
N LEU B 974 -29.95 -36.10 -26.36
CA LEU B 974 -28.57 -36.41 -26.68
C LEU B 974 -27.68 -36.62 -25.47
N LEU B 975 -28.00 -36.00 -24.34
CA LEU B 975 -27.24 -36.28 -23.11
C LEU B 975 -27.33 -37.74 -22.69
N PRO B 976 -28.51 -38.38 -22.67
CA PRO B 976 -28.52 -39.83 -22.38
C PRO B 976 -27.74 -40.65 -23.39
N ARG B 977 -27.76 -40.25 -24.66
CA ARG B 977 -27.00 -40.99 -25.66
C ARG B 977 -25.50 -40.89 -25.39
N LEU B 978 -25.01 -39.71 -25.02
CA LEU B 978 -23.61 -39.57 -24.64
C LEU B 978 -23.30 -40.37 -23.38
N LYS B 979 -24.20 -40.35 -22.41
CA LYS B 979 -23.98 -41.10 -21.17
C LYS B 979 -23.93 -42.60 -21.42
N GLY B 980 -24.66 -43.08 -22.42
CA GLY B 980 -24.68 -44.51 -22.71
C GLY B 980 -23.33 -45.06 -23.10
N TYR B 981 -22.50 -44.24 -23.75
CA TYR B 981 -21.20 -44.71 -24.22
C TYR B 981 -20.17 -44.84 -23.10
N LEU B 982 -20.47 -44.35 -21.89
CA LEU B 982 -19.56 -44.56 -20.78
C LEU B 982 -19.60 -45.99 -20.26
N ILE B 983 -20.75 -46.66 -20.39
CA ILE B 983 -20.90 -48.00 -19.84
C ILE B 983 -19.95 -48.97 -20.53
N SER B 984 -19.88 -48.90 -21.87
CA SER B 984 -19.02 -49.79 -22.63
C SER B 984 -18.54 -49.07 -23.88
N GLY B 985 -17.45 -49.57 -24.43
CA GLY B 985 -16.88 -49.01 -25.64
C GLY B 985 -15.38 -49.02 -25.64
N SER B 986 -14.78 -48.54 -26.72
CA SER B 986 -13.33 -48.47 -26.81
C SER B 986 -12.80 -47.36 -25.90
N SER B 987 -11.49 -47.39 -25.67
CA SER B 987 -10.86 -46.37 -24.83
C SER B 987 -11.00 -44.97 -25.43
N TYR B 988 -11.15 -44.86 -26.75
CA TYR B 988 -11.27 -43.56 -27.38
C TYR B 988 -12.65 -42.96 -27.18
N ALA B 989 -13.70 -43.79 -27.16
CA ALA B 989 -15.06 -43.27 -27.09
C ALA B 989 -15.33 -42.58 -25.75
N ARG B 990 -14.88 -43.18 -24.64
CA ARG B 990 -15.14 -42.61 -23.33
C ARG B 990 -14.44 -41.26 -23.17
N SER B 991 -13.18 -41.18 -23.60
CA SER B 991 -12.46 -39.92 -23.54
C SER B 991 -13.13 -38.87 -24.42
N SER B 992 -13.60 -39.29 -25.60
CA SER B 992 -14.30 -38.35 -26.49
C SER B 992 -15.55 -37.79 -25.83
N VAL B 993 -16.35 -38.65 -25.19
CA VAL B 993 -17.56 -38.18 -24.54
C VAL B 993 -17.23 -37.25 -23.38
N VAL B 994 -16.24 -37.62 -22.56
CA VAL B 994 -15.87 -36.79 -21.43
C VAL B 994 -15.39 -35.41 -21.89
N THR B 995 -14.58 -35.38 -22.96
CA THR B 995 -14.10 -34.11 -23.49
C THR B 995 -15.23 -33.32 -24.13
N ALA B 996 -16.24 -34.00 -24.68
CA ALA B 996 -17.35 -33.29 -25.29
C ALA B 996 -18.27 -32.68 -24.23
N VAL B 997 -18.27 -33.25 -23.03
CA VAL B 997 -19.09 -32.68 -21.96
C VAL B 997 -18.64 -31.27 -21.59
N LYS B 998 -17.32 -31.03 -21.56
CA LYS B 998 -16.82 -29.74 -21.07
C LYS B 998 -17.27 -28.56 -21.93
N PHE B 999 -17.65 -28.80 -23.19
CA PHE B 999 -18.06 -27.72 -24.07
C PHE B 999 -19.49 -27.26 -23.82
N THR B 1000 -20.24 -27.94 -22.96
CA THR B 1000 -21.59 -27.52 -22.61
C THR B 1000 -21.63 -26.64 -21.37
N ILE B 1001 -20.47 -26.32 -20.78
CA ILE B 1001 -20.42 -25.52 -19.57
C ILE B 1001 -20.02 -24.10 -19.94
N SER B 1002 -20.79 -23.13 -19.45
CA SER B 1002 -20.55 -21.73 -19.72
C SER B 1002 -20.73 -20.93 -18.44
N ASP B 1003 -20.09 -19.76 -18.39
CA ASP B 1003 -20.19 -18.91 -17.21
C ASP B 1003 -21.62 -18.44 -16.99
N HIS B 1004 -22.31 -18.04 -18.06
CA HIS B 1004 -23.67 -17.57 -17.94
C HIS B 1004 -24.63 -18.73 -17.71
N PRO B 1005 -25.74 -18.50 -17.01
CA PRO B 1005 -26.73 -19.57 -16.86
C PRO B 1005 -27.34 -19.97 -18.20
N GLN B 1006 -27.60 -21.26 -18.35
CA GLN B 1006 -28.05 -21.82 -19.61
C GLN B 1006 -29.18 -22.81 -19.34
N PRO B 1007 -30.03 -23.07 -20.34
CA PRO B 1007 -31.11 -24.04 -20.14
C PRO B 1007 -30.63 -25.47 -19.86
N ILE B 1008 -29.39 -25.80 -20.23
CA ILE B 1008 -28.88 -27.16 -20.02
C ILE B 1008 -28.44 -27.42 -18.59
N ASP B 1009 -28.49 -26.40 -17.72
CA ASP B 1009 -27.98 -26.55 -16.36
C ASP B 1009 -28.70 -27.62 -15.55
N PRO B 1010 -30.05 -27.69 -15.51
CA PRO B 1010 -30.68 -28.72 -14.68
C PRO B 1010 -30.30 -30.14 -15.07
N LEU B 1011 -30.15 -30.42 -16.36
CA LEU B 1011 -29.79 -31.76 -16.79
C LEU B 1011 -28.31 -32.06 -16.49
N LEU B 1012 -27.44 -31.08 -16.73
CA LEU B 1012 -26.01 -31.27 -16.48
C LEU B 1012 -25.75 -31.51 -15.00
N LYS B 1013 -26.45 -30.80 -14.12
CA LYS B 1013 -26.29 -31.00 -12.69
C LYS B 1013 -26.60 -32.44 -12.31
N ASN B 1014 -27.62 -33.03 -12.95
CA ASN B 1014 -27.98 -34.41 -12.63
C ASN B 1014 -26.97 -35.40 -13.22
N CYS B 1015 -26.52 -35.17 -14.45
CA CYS B 1015 -25.72 -36.18 -15.14
C CYS B 1015 -24.21 -36.01 -14.97
N ILE B 1016 -23.75 -34.97 -14.27
CA ILE B 1016 -22.32 -34.74 -14.17
C ILE B 1016 -21.63 -35.84 -13.35
N GLY B 1017 -22.35 -36.48 -12.43
CA GLY B 1017 -21.74 -37.50 -11.60
C GLY B 1017 -21.29 -38.71 -12.39
N ASP B 1018 -22.12 -39.17 -13.33
CA ASP B 1018 -21.75 -40.31 -14.14
C ASP B 1018 -20.51 -40.03 -14.98
N PHE B 1019 -20.41 -38.81 -15.53
CA PHE B 1019 -19.23 -38.44 -16.29
C PHE B 1019 -17.99 -38.36 -15.41
N LEU B 1020 -18.12 -37.75 -14.22
CA LEU B 1020 -16.97 -37.63 -13.33
C LEU B 1020 -16.59 -38.95 -12.68
N LYS B 1021 -17.45 -39.97 -12.76
CA LYS B 1021 -17.10 -41.29 -12.26
C LYS B 1021 -15.90 -41.89 -12.99
N THR B 1022 -15.55 -41.39 -14.16
CA THR B 1022 -14.42 -41.89 -14.94
C THR B 1022 -13.06 -41.51 -14.36
N LEU B 1023 -12.96 -40.97 -13.13
CA LEU B 1023 -11.68 -40.60 -12.57
C LEU B 1023 -10.85 -41.80 -12.12
N GLU B 1024 -11.46 -42.98 -11.98
CA GLU B 1024 -10.73 -44.20 -11.65
C GLU B 1024 -10.71 -45.20 -12.80
N ASP B 1025 -10.88 -44.72 -14.02
CA ASP B 1025 -10.81 -45.60 -15.18
C ASP B 1025 -9.41 -46.17 -15.33
N PRO B 1026 -9.28 -47.44 -15.75
CA PRO B 1026 -7.94 -48.02 -15.92
C PRO B 1026 -7.07 -47.28 -16.93
N ASP B 1027 -7.65 -46.73 -17.98
CA ASP B 1027 -6.86 -46.05 -19.00
C ASP B 1027 -6.32 -44.73 -18.47
N LEU B 1028 -5.11 -44.39 -18.92
CA LEU B 1028 -4.44 -43.18 -18.43
C LEU B 1028 -5.02 -41.91 -19.05
N ASN B 1029 -5.41 -41.97 -20.33
CA ASN B 1029 -5.92 -40.78 -21.00
C ASN B 1029 -7.27 -40.37 -20.46
N VAL B 1030 -8.11 -41.35 -20.10
CA VAL B 1030 -9.44 -41.05 -19.58
C VAL B 1030 -9.34 -40.27 -18.27
N ARG B 1031 -8.37 -40.61 -17.42
CA ARG B 1031 -8.16 -39.88 -16.19
C ARG B 1031 -7.78 -38.42 -16.48
N ARG B 1032 -6.93 -38.21 -17.49
CA ARG B 1032 -6.52 -36.85 -17.84
C ARG B 1032 -7.71 -36.03 -18.33
N VAL B 1033 -8.52 -36.61 -19.21
CA VAL B 1033 -9.65 -35.84 -19.74
C VAL B 1033 -10.69 -35.59 -18.64
N ALA B 1034 -10.88 -36.55 -17.73
CA ALA B 1034 -11.78 -36.33 -16.60
C ALA B 1034 -11.28 -35.19 -15.72
N LEU B 1035 -9.97 -35.17 -15.46
CA LEU B 1035 -9.41 -34.08 -14.66
C LEU B 1035 -9.60 -32.73 -15.34
N VAL B 1036 -9.39 -32.67 -16.66
CA VAL B 1036 -9.56 -31.42 -17.38
C VAL B 1036 -11.01 -30.96 -17.34
N THR B 1037 -11.95 -31.89 -17.52
CA THR B 1037 -13.37 -31.54 -17.45
C THR B 1037 -13.75 -31.05 -16.05
N PHE B 1038 -13.23 -31.71 -15.01
CA PHE B 1038 -13.50 -31.26 -13.65
C PHE B 1038 -12.95 -29.86 -13.40
N ASN B 1039 -11.75 -29.59 -13.91
CA ASN B 1039 -11.17 -28.25 -13.76
C ASN B 1039 -12.00 -27.20 -14.47
N SER B 1040 -12.47 -27.50 -15.68
CA SER B 1040 -13.31 -26.55 -16.41
C SER B 1040 -14.60 -26.28 -15.66
N ALA B 1041 -15.24 -27.33 -15.13
CA ALA B 1041 -16.47 -27.16 -14.37
C ALA B 1041 -16.22 -26.33 -13.11
N ALA B 1042 -15.10 -26.59 -12.43
CA ALA B 1042 -14.77 -25.83 -11.21
C ALA B 1042 -14.57 -24.35 -11.52
N HIS B 1043 -13.86 -24.05 -12.62
CA HIS B 1043 -13.55 -22.66 -12.92
C HIS B 1043 -14.78 -21.91 -13.40
N ASN B 1044 -15.57 -22.52 -14.30
CA ASN B 1044 -16.67 -21.80 -14.92
C ASN B 1044 -17.91 -21.78 -14.05
N LYS B 1045 -18.46 -22.95 -13.73
CA LYS B 1045 -19.71 -23.07 -12.98
C LYS B 1045 -19.49 -23.98 -11.79
N PRO B 1046 -19.03 -23.44 -10.66
CA PRO B 1046 -18.71 -24.29 -9.50
C PRO B 1046 -19.94 -24.86 -8.81
N SER B 1047 -21.14 -24.46 -9.20
CA SER B 1047 -22.34 -24.91 -8.49
C SER B 1047 -22.59 -26.41 -8.68
N LEU B 1048 -22.20 -26.95 -9.83
CA LEU B 1048 -22.54 -28.32 -10.19
C LEU B 1048 -21.49 -29.33 -9.76
N ILE B 1049 -20.50 -28.93 -8.97
CA ILE B 1049 -19.51 -29.87 -8.45
C ILE B 1049 -19.46 -29.75 -6.93
N ARG B 1050 -20.13 -28.74 -6.38
CA ARG B 1050 -20.02 -28.47 -4.95
C ARG B 1050 -20.56 -29.63 -4.13
N ASP B 1051 -21.67 -30.23 -4.56
CA ASP B 1051 -22.23 -31.35 -3.81
C ASP B 1051 -21.40 -32.61 -3.96
N LEU B 1052 -20.67 -32.74 -5.07
CA LEU B 1052 -19.91 -33.94 -5.38
C LEU B 1052 -18.46 -33.88 -4.90
N LEU B 1053 -18.08 -32.81 -4.20
CA LEU B 1053 -16.70 -32.68 -3.75
C LEU B 1053 -16.33 -33.80 -2.77
N ASP B 1054 -17.24 -34.12 -1.84
CA ASP B 1054 -16.96 -35.14 -0.83
C ASP B 1054 -16.75 -36.52 -1.45
N THR B 1055 -17.29 -36.77 -2.64
CA THR B 1055 -17.13 -38.06 -3.28
C THR B 1055 -16.10 -38.07 -4.41
N VAL B 1056 -15.65 -36.91 -4.88
CA VAL B 1056 -14.62 -36.87 -5.91
C VAL B 1056 -13.26 -36.44 -5.40
N LEU B 1057 -13.16 -35.90 -4.18
CA LEU B 1057 -11.86 -35.45 -3.68
C LEU B 1057 -10.84 -36.58 -3.51
N PRO B 1058 -11.15 -37.75 -2.94
CA PRO B 1058 -10.12 -38.80 -2.84
C PRO B 1058 -9.55 -39.22 -4.17
N HIS B 1059 -10.38 -39.28 -5.22
CA HIS B 1059 -9.88 -39.63 -6.55
C HIS B 1059 -8.93 -38.56 -7.07
N LEU B 1060 -9.25 -37.28 -6.85
CA LEU B 1060 -8.36 -36.21 -7.25
C LEU B 1060 -7.04 -36.29 -6.51
N TYR B 1061 -7.09 -36.56 -5.21
CA TYR B 1061 -5.86 -36.63 -4.42
C TYR B 1061 -5.00 -37.84 -4.80
N ASN B 1062 -5.63 -38.94 -5.19
CA ASN B 1062 -4.87 -40.14 -5.53
C ASN B 1062 -4.04 -39.96 -6.80
N GLU B 1063 -4.35 -38.98 -7.64
CA GLU B 1063 -3.58 -38.74 -8.85
C GLU B 1063 -2.31 -37.94 -8.60
N THR B 1064 -2.12 -37.44 -7.38
CA THR B 1064 -0.91 -36.70 -7.03
C THR B 1064 0.29 -37.62 -6.87
N LYS B 1065 0.08 -38.90 -6.57
CA LYS B 1065 1.17 -39.81 -6.28
C LYS B 1065 2.07 -40.00 -7.50
N VAL B 1066 3.36 -40.26 -7.23
CA VAL B 1066 4.34 -40.36 -8.31
C VAL B 1066 4.03 -41.55 -9.22
N ARG B 1067 3.72 -42.70 -8.64
CA ARG B 1067 3.40 -43.93 -9.39
C ARG B 1067 4.57 -44.31 -10.30
N LYS B 1068 5.67 -44.70 -9.64
CA LYS B 1068 6.93 -44.95 -10.34
C LYS B 1068 6.84 -46.06 -11.37
N GLU B 1069 5.81 -46.91 -11.30
CA GLU B 1069 5.65 -47.96 -12.30
C GLU B 1069 5.44 -47.41 -13.70
N LEU B 1070 5.04 -46.15 -13.82
CA LEU B 1070 4.84 -45.50 -15.12
C LEU B 1070 6.12 -44.89 -15.67
N ILE B 1071 7.20 -44.86 -14.90
CA ILE B 1071 8.46 -44.29 -15.38
C ILE B 1071 9.11 -45.25 -16.35
N ARG B 1072 9.43 -44.76 -17.55
CA ARG B 1072 10.02 -45.58 -18.58
C ARG B 1072 11.42 -45.11 -18.93
N VAL B 1083 11.86 -40.95 -19.69
CA VAL B 1083 10.66 -40.14 -19.79
C VAL B 1083 9.59 -40.66 -18.85
N ASP B 1084 8.78 -39.75 -18.32
CA ASP B 1084 7.70 -40.09 -17.39
C ASP B 1084 6.37 -39.83 -18.08
N ASP B 1085 5.51 -40.84 -18.11
CA ASP B 1085 4.21 -40.73 -18.76
C ASP B 1085 3.12 -40.24 -17.82
N GLY B 1086 3.40 -40.11 -16.53
CA GLY B 1086 2.43 -39.66 -15.56
C GLY B 1086 2.54 -38.22 -15.12
N LEU B 1087 3.40 -37.42 -15.77
CA LEU B 1087 3.56 -36.03 -15.36
C LEU B 1087 2.33 -35.21 -15.67
N ASP B 1088 1.69 -35.47 -16.81
CA ASP B 1088 0.51 -34.71 -17.21
C ASP B 1088 -0.63 -34.89 -16.22
N ILE B 1089 -0.83 -36.12 -15.73
CA ILE B 1089 -1.89 -36.38 -14.77
C ILE B 1089 -1.66 -35.59 -13.48
N ARG B 1090 -0.43 -35.60 -12.98
CA ARG B 1090 -0.11 -34.86 -11.77
C ARG B 1090 -0.29 -33.36 -11.97
N LYS B 1091 0.14 -32.84 -13.12
CA LYS B 1091 -0.04 -31.42 -13.40
C LYS B 1091 -1.51 -31.04 -13.44
N ALA B 1092 -2.34 -31.87 -14.09
CA ALA B 1092 -3.77 -31.60 -14.14
C ALA B 1092 -4.39 -31.65 -12.75
N ALA B 1093 -3.97 -32.62 -11.93
CA ALA B 1093 -4.50 -32.71 -10.56
C ALA B 1093 -4.14 -31.47 -9.75
N PHE B 1094 -2.91 -31.00 -9.87
CA PHE B 1094 -2.50 -29.81 -9.11
C PHE B 1094 -3.23 -28.56 -9.61
N GLU B 1095 -3.46 -28.45 -10.92
CA GLU B 1095 -4.25 -27.34 -11.44
C GLU B 1095 -5.68 -27.39 -10.90
N CYS B 1096 -6.26 -28.58 -10.83
CA CYS B 1096 -7.60 -28.72 -10.26
C CYS B 1096 -7.60 -28.30 -8.79
N MET B 1097 -6.55 -28.66 -8.04
CA MET B 1097 -6.47 -28.24 -6.65
C MET B 1097 -6.36 -26.73 -6.52
N TYR B 1098 -5.59 -26.10 -7.40
CA TYR B 1098 -5.47 -24.64 -7.39
C TYR B 1098 -6.83 -23.99 -7.66
N THR B 1099 -7.55 -24.50 -8.66
CA THR B 1099 -8.88 -23.96 -8.96
C THR B 1099 -9.82 -24.17 -7.78
N LEU B 1100 -9.73 -25.32 -7.11
CA LEU B 1100 -10.59 -25.59 -5.96
C LEU B 1100 -10.32 -24.61 -4.83
N LEU B 1101 -9.05 -24.36 -4.52
CA LEU B 1101 -8.75 -23.41 -3.46
C LEU B 1101 -9.14 -21.99 -3.85
N ASP B 1102 -9.12 -21.68 -5.15
CA ASP B 1102 -9.54 -20.36 -5.59
C ASP B 1102 -11.06 -20.19 -5.48
N SER B 1103 -11.82 -21.24 -5.78
CA SER B 1103 -13.28 -21.13 -5.91
C SER B 1103 -14.02 -21.48 -4.62
N CYS B 1104 -13.87 -22.71 -4.13
CA CYS B 1104 -14.65 -23.22 -2.99
C CYS B 1104 -13.71 -23.84 -1.97
N LEU B 1105 -13.27 -23.04 -1.00
CA LEU B 1105 -12.31 -23.50 0.01
C LEU B 1105 -12.99 -24.10 1.23
N ASP B 1106 -14.14 -23.56 1.64
CA ASP B 1106 -14.78 -23.99 2.88
C ASP B 1106 -15.44 -25.36 2.76
N ARG B 1107 -15.55 -25.93 1.57
CA ARG B 1107 -16.22 -27.20 1.37
C ARG B 1107 -15.28 -28.40 1.43
N LEU B 1108 -14.01 -28.20 1.73
CA LEU B 1108 -13.03 -29.27 1.69
C LEU B 1108 -12.19 -29.27 2.96
N ASP B 1109 -11.69 -30.46 3.33
CA ASP B 1109 -10.79 -30.57 4.47
C ASP B 1109 -9.44 -29.96 4.13
N ILE B 1110 -8.95 -29.10 5.02
CA ILE B 1110 -7.77 -28.32 4.70
C ILE B 1110 -6.49 -29.11 4.93
N PHE B 1111 -6.50 -30.04 5.89
CA PHE B 1111 -5.26 -30.69 6.29
C PHE B 1111 -4.79 -31.70 5.26
N GLU B 1112 -5.73 -32.42 4.62
CA GLU B 1112 -5.37 -33.26 3.50
C GLU B 1112 -4.80 -32.42 2.35
N PHE B 1113 -5.40 -31.25 2.11
CA PHE B 1113 -4.89 -30.33 1.10
C PHE B 1113 -3.44 -29.96 1.36
N LEU B 1114 -3.13 -29.58 2.60
CA LEU B 1114 -1.75 -29.23 2.94
C LEU B 1114 -0.82 -30.45 2.87
N ASN B 1115 -1.32 -31.63 3.22
CA ASN B 1115 -0.50 -32.83 3.10
C ASN B 1115 -0.08 -33.06 1.66
N HIS B 1116 -1.04 -32.94 0.73
CA HIS B 1116 -0.71 -33.16 -0.67
C HIS B 1116 0.11 -32.01 -1.26
N VAL B 1117 -0.07 -30.79 -0.76
CA VAL B 1117 0.79 -29.68 -1.18
C VAL B 1117 2.23 -29.96 -0.76
N GLU B 1118 2.43 -30.43 0.47
CA GLU B 1118 3.77 -30.78 0.92
C GLU B 1118 4.33 -31.93 0.11
N ASP B 1119 3.48 -32.89 -0.27
CA ASP B 1119 3.93 -33.99 -1.11
C ASP B 1119 4.41 -33.49 -2.48
N GLY B 1120 3.68 -32.54 -3.06
CA GLY B 1120 4.07 -31.97 -4.33
C GLY B 1120 5.19 -30.96 -4.28
N LEU B 1121 5.54 -30.48 -3.09
CA LEU B 1121 6.66 -29.56 -2.94
C LEU B 1121 7.97 -30.13 -3.47
N LYS B 1122 8.11 -31.45 -3.52
CA LYS B 1122 9.35 -32.09 -3.94
C LYS B 1122 9.26 -32.65 -5.36
N ASP B 1123 8.26 -32.25 -6.14
CA ASP B 1123 8.00 -32.84 -7.45
C ASP B 1123 8.74 -32.04 -8.53
N HIS B 1124 8.36 -32.28 -9.79
CA HIS B 1124 9.00 -31.68 -10.96
C HIS B 1124 9.00 -30.15 -10.93
N TYR B 1125 9.81 -29.55 -11.81
CA TYR B 1125 9.96 -28.09 -11.86
C TYR B 1125 8.61 -27.41 -12.09
N ASP B 1126 7.86 -27.88 -13.09
CA ASP B 1126 6.58 -27.27 -13.42
C ASP B 1126 5.60 -27.38 -12.25
N ILE B 1127 5.57 -28.54 -11.59
CA ILE B 1127 4.73 -28.69 -10.41
C ILE B 1127 5.25 -27.83 -9.27
N LYS B 1128 6.58 -27.70 -9.16
CA LYS B 1128 7.16 -26.92 -8.07
C LYS B 1128 6.74 -25.46 -8.14
N MET B 1129 6.73 -24.88 -9.34
CA MET B 1129 6.34 -23.48 -9.47
C MET B 1129 4.90 -23.26 -9.02
N LEU B 1130 3.98 -24.13 -9.48
CA LEU B 1130 2.58 -24.01 -9.10
C LEU B 1130 2.40 -24.22 -7.61
N THR B 1131 3.17 -25.14 -7.02
CA THR B 1131 3.04 -25.38 -5.58
C THR B 1131 3.54 -24.19 -4.77
N PHE B 1132 4.64 -23.56 -5.21
CA PHE B 1132 5.10 -22.34 -4.55
C PHE B 1132 4.05 -21.25 -4.61
N LEU B 1133 3.43 -21.07 -5.79
CA LEU B 1133 2.38 -20.07 -5.90
C LEU B 1133 1.18 -20.43 -5.00
N MET B 1134 0.88 -21.73 -4.87
CA MET B 1134 -0.19 -22.16 -3.98
C MET B 1134 0.12 -21.81 -2.53
N LEU B 1135 1.37 -22.01 -2.10
CA LEU B 1135 1.75 -21.64 -0.75
C LEU B 1135 1.62 -20.13 -0.53
N VAL B 1136 2.06 -19.35 -1.53
CA VAL B 1136 1.94 -17.90 -1.40
C VAL B 1136 0.48 -17.49 -1.26
N ARG B 1137 -0.41 -18.10 -2.06
CA ARG B 1137 -1.83 -17.80 -1.94
C ARG B 1137 -2.39 -18.24 -0.59
N LEU B 1138 -1.94 -19.40 -0.10
CA LEU B 1138 -2.43 -19.93 1.18
C LEU B 1138 -1.91 -19.13 2.37
N SER B 1139 -0.86 -18.33 2.18
CA SER B 1139 -0.38 -17.49 3.28
C SER B 1139 -1.44 -16.48 3.70
N THR B 1140 -2.17 -15.90 2.74
CA THR B 1140 -3.16 -14.88 3.06
C THR B 1140 -4.46 -15.49 3.55
N LEU B 1141 -5.10 -16.30 2.72
CA LEU B 1141 -6.35 -16.95 3.10
C LEU B 1141 -6.07 -18.20 3.92
N CYS B 1142 -6.93 -18.44 4.92
CA CYS B 1142 -6.80 -19.48 5.95
C CYS B 1142 -5.37 -19.62 6.45
N PRO B 1143 -4.84 -18.63 7.18
CA PRO B 1143 -3.45 -18.71 7.64
C PRO B 1143 -3.26 -19.59 8.87
N SER B 1144 -4.32 -19.89 9.62
CA SER B 1144 -4.17 -20.63 10.87
C SER B 1144 -3.63 -22.03 10.63
N ALA B 1145 -4.15 -22.73 9.62
CA ALA B 1145 -3.69 -24.09 9.36
C ALA B 1145 -2.26 -24.12 8.84
N VAL B 1146 -1.83 -23.05 8.17
CA VAL B 1146 -0.48 -23.03 7.62
C VAL B 1146 0.56 -22.99 8.75
N LEU B 1147 0.25 -22.28 9.83
CA LEU B 1147 1.21 -22.15 10.94
C LEU B 1147 1.44 -23.49 11.63
N GLN B 1148 0.40 -24.33 11.72
CA GLN B 1148 0.55 -25.61 12.41
C GLN B 1148 1.53 -26.52 11.67
N ARG B 1149 1.48 -26.54 10.34
CA ARG B 1149 2.31 -27.42 9.54
C ARG B 1149 3.50 -26.70 8.93
N LEU B 1150 4.05 -25.71 9.64
CA LEU B 1150 5.08 -24.85 9.08
C LEU B 1150 6.36 -25.61 8.78
N ASP B 1151 6.77 -26.50 9.68
CA ASP B 1151 8.06 -27.18 9.52
C ASP B 1151 8.09 -28.03 8.26
N ARG B 1152 7.04 -28.81 8.02
CA ARG B 1152 6.99 -29.63 6.82
C ARG B 1152 6.79 -28.80 5.56
N LEU B 1153 6.30 -27.56 5.69
CA LEU B 1153 6.17 -26.65 4.57
C LEU B 1153 7.38 -25.77 4.36
N VAL B 1154 8.42 -25.94 5.17
CA VAL B 1154 9.65 -25.16 5.03
C VAL B 1154 10.88 -26.05 4.82
N GLU B 1155 10.84 -27.32 5.25
CA GLU B 1155 11.98 -28.20 4.97
C GLU B 1155 12.22 -28.40 3.48
N PRO B 1156 11.22 -28.73 2.65
CA PRO B 1156 11.50 -28.85 1.21
C PRO B 1156 11.98 -27.57 0.58
N LEU B 1157 11.54 -26.41 1.09
CA LEU B 1157 12.03 -25.15 0.57
C LEU B 1157 13.52 -24.98 0.84
N ARG B 1158 13.97 -25.34 2.05
CA ARG B 1158 15.40 -25.31 2.31
C ARG B 1158 16.15 -26.29 1.42
N ALA B 1159 15.57 -27.47 1.20
CA ALA B 1159 16.21 -28.44 0.30
C ALA B 1159 16.36 -27.86 -1.11
N THR B 1160 15.34 -27.15 -1.59
CA THR B 1160 15.41 -26.55 -2.91
C THR B 1160 16.46 -25.44 -2.97
N CYS B 1161 16.51 -24.60 -1.94
CA CYS B 1161 17.42 -23.45 -1.98
C CYS B 1161 18.88 -23.87 -1.94
N THR B 1162 19.19 -24.98 -1.29
CA THR B 1162 20.57 -25.40 -1.09
C THR B 1162 21.07 -26.39 -2.14
N THR B 1163 20.28 -26.70 -3.15
CA THR B 1163 20.67 -27.66 -4.18
C THR B 1163 21.70 -27.04 -5.13
N LYS B 1164 22.75 -27.79 -5.42
CA LYS B 1164 23.79 -27.37 -6.34
C LYS B 1164 23.61 -28.04 -7.71
N VAL B 1165 24.31 -27.51 -8.70
CA VAL B 1165 24.19 -27.97 -10.08
C VAL B 1165 25.57 -28.46 -10.53
N LYS B 1166 25.55 -29.44 -11.44
CA LYS B 1166 26.81 -29.98 -11.98
C LYS B 1166 27.57 -28.90 -12.74
N ALA B 1167 28.89 -28.92 -12.60
CA ALA B 1167 29.72 -27.90 -13.23
C ALA B 1167 29.65 -27.99 -14.75
N ASN B 1168 29.73 -29.20 -15.30
CA ASN B 1168 29.70 -29.39 -16.75
C ASN B 1168 28.25 -29.50 -17.19
N SER B 1169 27.59 -28.34 -17.32
CA SER B 1169 26.19 -28.29 -17.68
C SER B 1169 25.93 -27.04 -18.51
N VAL B 1170 24.83 -27.06 -19.25
CA VAL B 1170 24.44 -25.92 -20.06
C VAL B 1170 24.07 -24.75 -19.15
N LYS B 1171 24.25 -23.53 -19.67
CA LYS B 1171 23.96 -22.33 -18.89
C LYS B 1171 22.48 -22.26 -18.51
N GLN B 1172 21.60 -22.76 -19.39
CA GLN B 1172 20.17 -22.70 -19.11
C GLN B 1172 19.82 -23.43 -17.82
N GLU B 1173 20.54 -24.49 -17.48
CA GLU B 1173 20.29 -25.18 -16.21
C GLU B 1173 20.60 -24.27 -15.02
N PHE B 1174 21.74 -23.57 -15.07
CA PHE B 1174 22.06 -22.63 -14.00
C PHE B 1174 20.99 -21.56 -13.88
N GLU B 1175 20.54 -21.02 -15.01
CA GLU B 1175 19.48 -20.02 -14.96
C GLU B 1175 18.21 -20.58 -14.35
N LYS B 1176 17.81 -21.78 -14.78
CA LYS B 1176 16.55 -22.37 -14.32
C LYS B 1176 16.56 -22.60 -12.81
N GLN B 1177 17.66 -23.15 -12.29
CA GLN B 1177 17.81 -23.22 -10.84
C GLN B 1177 17.82 -21.85 -10.18
N ASP B 1178 18.29 -20.81 -10.88
CA ASP B 1178 18.19 -19.46 -10.32
C ASP B 1178 16.73 -19.04 -10.12
N GLU B 1179 15.89 -19.21 -11.15
CA GLU B 1179 14.48 -18.85 -10.94
C GLU B 1179 13.83 -19.74 -9.90
N LEU B 1180 14.20 -21.02 -9.83
CA LEU B 1180 13.61 -21.90 -8.83
C LEU B 1180 13.95 -21.42 -7.42
N LYS B 1181 15.20 -21.04 -7.19
CA LYS B 1181 15.61 -20.53 -5.88
C LYS B 1181 14.89 -19.22 -5.56
N ARG B 1182 14.74 -18.35 -6.55
CA ARG B 1182 14.05 -17.09 -6.31
C ARG B 1182 12.59 -17.31 -5.94
N SER B 1183 11.92 -18.25 -6.62
CA SER B 1183 10.54 -18.57 -6.28
C SER B 1183 10.44 -19.15 -4.87
N ALA B 1184 11.39 -20.02 -4.50
CA ALA B 1184 11.39 -20.56 -3.14
C ALA B 1184 11.57 -19.45 -2.11
N MET B 1185 12.45 -18.49 -2.37
CA MET B 1185 12.65 -17.40 -1.43
C MET B 1185 11.41 -16.51 -1.35
N ARG B 1186 10.72 -16.33 -2.47
CA ARG B 1186 9.46 -15.58 -2.45
C ARG B 1186 8.43 -16.30 -1.58
N ALA B 1187 8.36 -17.62 -1.69
CA ALA B 1187 7.46 -18.39 -0.83
C ALA B 1187 7.83 -18.25 0.64
N VAL B 1188 9.13 -18.26 0.93
CA VAL B 1188 9.58 -18.08 2.32
C VAL B 1188 9.16 -16.72 2.85
N ALA B 1189 9.34 -15.68 2.04
CA ALA B 1189 8.94 -14.34 2.44
C ALA B 1189 7.43 -14.25 2.67
N ALA B 1190 6.65 -14.92 1.82
CA ALA B 1190 5.21 -14.94 2.01
C ALA B 1190 4.85 -15.67 3.31
N LEU B 1191 5.57 -16.75 3.62
CA LEU B 1191 5.31 -17.48 4.86
C LEU B 1191 5.62 -16.64 6.08
N LEU B 1192 6.68 -15.84 6.02
CA LEU B 1192 7.03 -14.99 7.16
C LEU B 1192 5.96 -13.94 7.47
N THR B 1193 5.07 -13.65 6.52
CA THR B 1193 4.02 -12.67 6.74
C THR B 1193 3.02 -13.11 7.81
N ILE B 1194 2.91 -14.41 8.05
CA ILE B 1194 1.93 -14.91 9.02
C ILE B 1194 2.26 -14.38 10.41
N PRO B 1195 1.30 -13.81 11.14
CA PRO B 1195 1.61 -13.30 12.48
C PRO B 1195 2.05 -14.42 13.42
N GLU B 1196 2.99 -14.08 14.30
CA GLU B 1196 3.52 -15.01 15.31
C GLU B 1196 4.05 -16.29 14.66
N ALA B 1197 5.00 -16.09 13.74
CA ALA B 1197 5.62 -17.20 13.03
C ALA B 1197 7.14 -17.17 13.04
N GLU B 1198 7.76 -16.05 13.41
CA GLU B 1198 9.22 -16.00 13.47
C GLU B 1198 9.76 -16.96 14.53
N LYS B 1199 9.09 -17.02 15.68
CA LYS B 1199 9.50 -17.90 16.78
C LYS B 1199 8.98 -19.30 16.50
N SER B 1200 9.69 -20.01 15.63
CA SER B 1200 9.35 -21.36 15.23
C SER B 1200 10.58 -22.24 15.40
N PRO B 1201 10.39 -23.54 15.67
CA PRO B 1201 11.56 -24.39 15.94
C PRO B 1201 12.55 -24.46 14.78
N LEU B 1202 12.08 -24.42 13.54
CA LEU B 1202 12.96 -24.55 12.39
C LEU B 1202 13.02 -23.31 11.52
N MET B 1203 11.98 -22.48 11.51
CA MET B 1203 12.01 -21.26 10.72
C MET B 1203 13.08 -20.30 11.23
N SER B 1204 13.27 -20.24 12.54
CA SER B 1204 14.33 -19.39 13.10
C SER B 1204 15.70 -19.86 12.63
N GLU B 1205 15.93 -21.17 12.65
CA GLU B 1205 17.20 -21.70 12.17
C GLU B 1205 17.40 -21.40 10.68
N PHE B 1206 16.33 -21.55 9.89
CA PHE B 1206 16.44 -21.26 8.46
C PHE B 1206 16.75 -19.79 8.22
N GLN B 1207 16.08 -18.90 8.96
CA GLN B 1207 16.33 -17.47 8.78
C GLN B 1207 17.74 -17.08 9.22
N SER B 1208 18.24 -17.71 10.30
CA SER B 1208 19.62 -17.47 10.70
C SER B 1208 20.60 -17.96 9.63
N GLN B 1209 20.32 -19.12 9.02
CA GLN B 1209 21.18 -19.64 7.98
C GLN B 1209 21.16 -18.73 6.75
N ILE B 1210 20.02 -18.08 6.49
CA ILE B 1210 19.94 -17.13 5.38
C ILE B 1210 20.93 -15.98 5.61
N SER B 1211 20.94 -15.43 6.82
CA SER B 1211 21.84 -14.32 7.12
C SER B 1211 23.30 -14.77 7.11
N SER B 1212 23.58 -15.95 7.67
CA SER B 1212 24.96 -16.41 7.77
C SER B 1212 25.56 -16.69 6.39
N ASN B 1213 24.82 -17.39 5.54
CA ASN B 1213 25.33 -17.78 4.23
C ASN B 1213 25.22 -16.63 3.25
N PRO B 1214 26.33 -16.15 2.69
CA PRO B 1214 26.23 -15.06 1.70
C PRO B 1214 25.46 -15.46 0.45
N GLU B 1215 25.53 -16.73 0.05
CA GLU B 1215 24.84 -17.17 -1.16
C GLU B 1215 23.33 -17.00 -1.03
N LEU B 1216 22.77 -17.40 0.10
CA LEU B 1216 21.34 -17.21 0.32
C LEU B 1216 21.00 -15.74 0.54
N ALA B 1217 21.92 -14.99 1.13
CA ALA B 1217 21.69 -13.56 1.34
C ALA B 1217 21.57 -12.82 0.01
N ALA B 1218 22.40 -13.19 -0.96
CA ALA B 1218 22.32 -12.56 -2.28
C ALA B 1218 20.98 -12.86 -2.95
N ILE B 1219 20.51 -14.11 -2.83
CA ILE B 1219 19.23 -14.49 -3.42
C ILE B 1219 18.09 -13.73 -2.74
N PHE B 1220 18.15 -13.60 -1.41
CA PHE B 1220 17.13 -12.85 -0.69
C PHE B 1220 17.13 -11.38 -1.10
N GLU B 1221 18.32 -10.80 -1.29
CA GLU B 1221 18.40 -9.42 -1.74
C GLU B 1221 17.93 -9.27 -3.18
N SER B 1222 18.01 -10.35 -3.96
CA SER B 1222 17.58 -10.29 -5.35
C SER B 1222 16.08 -9.99 -5.47
N ILE B 1223 15.27 -10.62 -4.61
CA ILE B 1223 13.83 -10.41 -4.66
C ILE B 1223 13.37 -9.24 -3.80
N GLN B 1224 14.28 -8.61 -3.07
CA GLN B 1224 13.93 -7.50 -2.19
C GLN B 1224 14.01 -6.17 -2.93
N ARG C 19 -43.48 31.14 62.70
CA ARG C 19 -42.32 30.66 63.46
C ARG C 19 -41.45 29.75 62.61
N PHE C 20 -40.16 30.09 62.52
CA PHE C 20 -39.19 29.33 61.76
C PHE C 20 -37.99 29.02 62.63
N GLU C 21 -37.47 27.80 62.50
CA GLU C 21 -36.33 27.34 63.28
C GLU C 21 -35.23 26.85 62.35
N VAL C 22 -33.99 27.05 62.77
CA VAL C 22 -32.81 26.69 61.99
C VAL C 22 -32.21 25.41 62.54
N LYS C 23 -31.90 24.47 61.65
CA LYS C 23 -31.26 23.21 62.03
C LYS C 23 -29.77 23.22 61.78
N LYS C 24 -29.36 23.52 60.55
CA LYS C 24 -27.94 23.59 60.20
C LYS C 24 -27.70 24.79 59.30
N TRP C 25 -26.46 25.27 59.32
CA TRP C 25 -26.04 26.41 58.50
C TRP C 25 -24.64 26.14 57.98
N ASN C 26 -24.51 25.98 56.67
CA ASN C 26 -23.22 25.79 56.02
C ASN C 26 -22.80 27.12 55.40
N ALA C 27 -21.64 27.62 55.81
CA ALA C 27 -21.17 28.94 55.39
C ALA C 27 -19.82 28.82 54.68
N VAL C 28 -19.57 29.77 53.79
CA VAL C 28 -18.31 29.85 53.05
C VAL C 28 -17.67 31.20 53.34
N ALA C 29 -16.40 31.18 53.71
CA ALA C 29 -15.67 32.39 54.07
C ALA C 29 -14.32 32.40 53.37
N LEU C 30 -13.81 33.61 53.12
CA LEU C 30 -12.52 33.83 52.49
C LEU C 30 -11.60 34.56 53.47
N TRP C 31 -10.33 34.17 53.49
CA TRP C 31 -9.36 34.77 54.38
C TRP C 31 -8.30 35.53 53.60
N ALA C 32 -7.94 36.70 54.10
CA ALA C 32 -6.90 37.53 53.52
C ALA C 32 -6.10 38.16 54.65
N TRP C 33 -4.88 38.62 54.30
CA TRP C 33 -4.01 39.20 55.30
C TRP C 33 -4.58 40.51 55.84
N ASP C 34 -4.47 40.69 57.14
CA ASP C 34 -4.96 41.89 57.82
C ASP C 34 -3.87 42.94 58.04
N ILE C 35 -2.66 42.71 57.52
CA ILE C 35 -1.57 43.66 57.73
C ILE C 35 -1.90 45.00 57.09
N VAL C 36 -2.44 44.98 55.87
CA VAL C 36 -2.83 46.20 55.17
C VAL C 36 -4.28 46.53 55.51
N VAL C 37 -4.54 47.80 55.80
CA VAL C 37 -5.90 48.25 56.13
C VAL C 37 -6.57 48.63 54.81
N ASP C 38 -7.11 47.61 54.14
CA ASP C 38 -7.85 47.73 52.87
C ASP C 38 -7.27 48.79 51.95
N ASN C 39 -5.95 48.75 51.79
CA ASN C 39 -5.25 49.70 50.93
C ASN C 39 -3.99 49.06 50.37
N CYS C 40 -3.51 49.61 49.26
CA CYS C 40 -2.27 49.14 48.67
C CYS C 40 -1.08 49.47 49.56
N ALA C 41 -0.11 48.57 49.58
CA ALA C 41 1.07 48.78 50.41
C ALA C 41 1.99 49.83 49.81
N ILE C 42 2.21 49.78 48.50
CA ILE C 42 3.14 50.70 47.86
C ILE C 42 2.59 52.12 47.86
N CYS C 43 1.32 52.28 47.52
CA CYS C 43 0.66 53.58 47.51
C CYS C 43 -0.49 53.56 48.50
N ARG C 44 -0.59 54.59 49.33
CA ARG C 44 -1.59 54.63 50.40
C ARG C 44 -2.95 55.07 49.86
N ASN C 45 -3.47 54.25 48.96
CA ASN C 45 -4.81 54.45 48.39
C ASN C 45 -5.60 53.15 48.51
N HIS C 46 -6.93 53.31 48.49
CA HIS C 46 -7.81 52.15 48.62
C HIS C 46 -7.61 51.21 47.44
N ILE C 47 -7.71 49.90 47.72
CA ILE C 47 -7.41 48.89 46.71
C ILE C 47 -8.42 48.91 45.57
N MET C 48 -9.61 49.47 45.79
CA MET C 48 -10.61 49.58 44.73
C MET C 48 -10.49 50.86 43.94
N ASP C 49 -9.63 51.79 44.34
CA ASP C 49 -9.44 53.05 43.66
C ASP C 49 -8.37 52.91 42.59
N LEU C 50 -7.95 54.03 42.01
CA LEU C 50 -6.94 54.02 40.96
C LEU C 50 -5.54 54.22 41.54
N CYS C 51 -4.54 54.00 40.70
CA CYS C 51 -3.16 54.20 41.10
C CYS C 51 -2.83 55.68 41.21
N ILE C 52 -1.70 55.98 41.86
CA ILE C 52 -1.25 57.35 41.96
C ILE C 52 -0.90 57.90 40.57
N GLU C 53 -0.18 57.10 39.77
CA GLU C 53 0.14 57.52 38.41
C GLU C 53 -1.12 57.60 37.55
N CYS C 54 -2.03 56.64 37.72
CA CYS C 54 -3.28 56.68 36.96
C CYS C 54 -4.12 57.89 37.34
N GLN C 55 -4.19 58.21 38.64
CA GLN C 55 -4.97 59.37 39.08
C GLN C 55 -4.34 60.67 38.61
N ALA C 56 -3.01 60.77 38.69
CA ALA C 56 -2.34 61.99 38.25
C ALA C 56 -2.49 62.21 36.75
N ASN C 57 -2.37 61.14 35.97
CA ASN C 57 -2.47 61.24 34.52
C ASN C 57 -3.93 61.24 34.08
N GLN C 58 -4.15 61.68 32.84
CA GLN C 58 -5.48 61.69 32.27
C GLN C 58 -5.91 60.27 31.90
N ALA C 59 -7.23 60.07 31.86
CA ALA C 59 -7.78 58.77 31.49
C ALA C 59 -7.36 58.39 30.07
N SER C 60 -6.93 57.14 29.91
CA SER C 60 -6.43 56.65 28.63
C SER C 60 -6.58 55.13 28.62
N ALA C 61 -5.90 54.48 27.66
CA ALA C 61 -5.97 53.03 27.57
C ALA C 61 -5.37 52.36 28.81
N THR C 62 -4.34 52.98 29.38
CA THR C 62 -3.74 52.43 30.60
C THR C 62 -4.73 52.45 31.76
N SER C 63 -5.52 53.52 31.86
CA SER C 63 -6.51 53.63 32.93
C SER C 63 -7.60 52.58 32.83
N GLU C 64 -7.78 51.98 31.65
CA GLU C 64 -8.80 50.95 31.49
C GLU C 64 -8.41 49.64 32.18
N GLU C 65 -7.12 49.29 32.15
CA GLU C 65 -6.64 48.02 32.65
C GLU C 65 -6.09 48.11 34.08
N CYS C 66 -6.66 48.98 34.90
CA CYS C 66 -6.24 49.11 36.30
C CYS C 66 -7.06 48.14 37.14
N THR C 67 -6.41 47.08 37.61
CA THR C 67 -7.10 46.01 38.34
C THR C 67 -6.20 45.52 39.47
N VAL C 68 -6.83 44.96 40.51
CA VAL C 68 -6.10 44.36 41.61
C VAL C 68 -5.46 43.05 41.16
N ALA C 69 -4.25 42.79 41.63
CA ALA C 69 -3.51 41.57 41.28
C ALA C 69 -3.11 40.86 42.55
N TRP C 70 -3.39 39.55 42.61
CA TRP C 70 -3.04 38.72 43.74
C TRP C 70 -1.79 37.90 43.43
N GLY C 71 -1.22 37.31 44.49
CA GLY C 71 -0.02 36.50 44.36
C GLY C 71 -0.19 35.18 45.08
N VAL C 72 0.85 34.35 44.97
CA VAL C 72 0.84 33.05 45.63
C VAL C 72 0.84 33.23 47.14
N CYS C 73 1.55 34.23 47.63
CA CYS C 73 1.57 34.55 49.06
C CYS C 73 0.31 35.24 49.53
N ASN C 74 -0.71 35.32 48.68
CA ASN C 74 -2.02 35.88 49.02
C ASN C 74 -1.90 37.35 49.43
N HIS C 75 -1.01 38.08 48.77
CA HIS C 75 -0.88 39.52 48.95
C HIS C 75 -1.44 40.24 47.73
N ALA C 76 -2.25 41.26 47.97
CA ALA C 76 -2.95 41.97 46.91
C ALA C 76 -2.42 43.39 46.77
N PHE C 77 -2.04 43.76 45.55
CA PHE C 77 -1.62 45.11 45.22
C PHE C 77 -2.29 45.51 43.90
N HIS C 78 -2.18 46.79 43.56
CA HIS C 78 -2.56 47.21 42.22
C HIS C 78 -1.63 46.58 41.19
N PHE C 79 -2.18 46.27 40.02
CA PHE C 79 -1.35 45.67 38.98
C PHE C 79 -0.24 46.62 38.54
N HIS C 80 -0.56 47.91 38.38
CA HIS C 80 0.45 48.87 37.98
C HIS C 80 1.52 49.03 39.05
N CYS C 81 1.12 49.05 40.33
CA CYS C 81 2.09 49.22 41.41
C CYS C 81 3.11 48.08 41.41
N ILE C 82 2.63 46.83 41.41
CA ILE C 82 3.55 45.71 41.45
C ILE C 82 4.35 45.59 40.16
N SER C 83 3.74 45.93 39.02
CA SER C 83 4.47 45.90 37.76
C SER C 83 5.62 46.90 37.77
N ARG C 84 5.38 48.10 38.31
CA ARG C 84 6.45 49.09 38.43
C ARG C 84 7.51 48.63 39.42
N TRP C 85 7.09 48.00 40.52
CA TRP C 85 8.04 47.52 41.52
C TRP C 85 8.95 46.44 40.93
N LEU C 86 8.39 45.53 40.13
CA LEU C 86 9.13 44.36 39.66
C LEU C 86 10.15 44.68 38.58
N LYS C 87 10.16 45.91 38.05
CA LYS C 87 11.12 46.25 37.00
C LYS C 87 12.55 46.20 37.52
N THR C 88 12.75 46.46 38.81
CA THR C 88 14.08 46.46 39.41
C THR C 88 14.30 45.33 40.40
N ARG C 89 13.28 44.91 41.12
CA ARG C 89 13.38 43.86 42.13
C ARG C 89 12.55 42.66 41.72
N GLN C 90 12.73 41.55 42.44
CA GLN C 90 12.00 40.31 42.18
C GLN C 90 11.53 39.70 43.49
N VAL C 91 11.09 40.54 44.42
CA VAL C 91 10.69 40.10 45.75
C VAL C 91 9.43 40.86 46.16
N CYS C 92 8.49 40.15 46.78
CA CYS C 92 7.26 40.77 47.24
C CYS C 92 7.57 41.84 48.28
N PRO C 93 6.85 42.96 48.27
CA PRO C 93 7.13 44.02 49.27
C PRO C 93 6.98 43.57 50.72
N LEU C 94 6.06 42.66 51.02
CA LEU C 94 5.74 42.30 52.39
C LEU C 94 6.37 40.99 52.83
N ASP C 95 7.03 40.26 51.94
CA ASP C 95 7.75 39.04 52.33
C ASP C 95 8.94 38.86 51.39
N ASN C 96 9.96 38.18 51.90
CA ASN C 96 11.22 38.03 51.17
C ASN C 96 11.19 36.88 50.17
N ARG C 97 10.00 36.44 49.76
CA ARG C 97 9.86 35.37 48.78
C ARG C 97 9.62 35.94 47.40
N GLU C 98 9.91 35.12 46.39
CA GLU C 98 9.74 35.53 45.01
C GLU C 98 8.25 35.72 44.68
N TRP C 99 7.98 36.62 43.75
CA TRP C 99 6.62 36.97 43.35
C TRP C 99 6.19 36.13 42.16
N GLU C 100 4.95 35.62 42.23
CA GLU C 100 4.36 34.87 41.13
C GLU C 100 2.87 35.21 41.07
N PHE C 101 2.43 35.71 39.92
CA PHE C 101 1.03 36.07 39.75
C PHE C 101 0.15 34.82 39.75
N GLN C 102 -1.02 34.93 40.38
CA GLN C 102 -1.97 33.84 40.35
C GLN C 102 -3.42 34.27 40.19
N LYS C 103 -3.70 35.57 40.04
CA LYS C 103 -5.07 36.04 39.85
C LYS C 103 -5.05 37.45 39.32
N TYR C 104 -6.15 37.83 38.68
CA TYR C 104 -6.33 39.19 38.17
C TYR C 104 -7.75 39.67 38.44
N PRO D 2 27.69 -49.28 -8.21
CA PRO D 2 28.72 -48.24 -8.33
C PRO D 2 30.06 -48.79 -8.81
N SER D 3 30.06 -49.44 -9.97
CA SER D 3 31.27 -50.00 -10.54
C SER D 3 31.20 -49.91 -12.06
N ILE D 4 32.36 -49.83 -12.69
CA ILE D 4 32.48 -49.71 -14.14
C ILE D 4 33.44 -50.78 -14.64
N LYS D 5 33.09 -51.41 -15.75
CA LYS D 5 33.92 -52.46 -16.37
C LYS D 5 34.68 -51.85 -17.54
N LEU D 6 35.99 -51.67 -17.36
CA LEU D 6 36.85 -51.11 -18.40
C LEU D 6 37.64 -52.23 -19.06
N GLN D 7 37.72 -52.17 -20.39
CA GLN D 7 38.45 -53.16 -21.18
C GLN D 7 39.55 -52.47 -21.97
N SER D 8 40.74 -53.05 -21.96
CA SER D 8 41.89 -52.48 -22.64
C SER D 8 41.82 -52.81 -24.13
N SER D 9 42.89 -52.46 -24.86
CA SER D 9 42.92 -52.74 -26.30
C SER D 9 43.19 -54.22 -26.59
N ASP D 10 43.93 -54.89 -25.72
CA ASP D 10 44.25 -56.30 -25.91
C ASP D 10 43.17 -57.24 -25.40
N GLY D 11 42.11 -56.70 -24.80
CA GLY D 11 41.01 -57.50 -24.31
C GLY D 11 40.99 -57.74 -22.82
N GLU D 12 42.08 -57.45 -22.12
CA GLU D 12 42.10 -57.66 -20.68
C GLU D 12 41.27 -56.58 -19.99
N ILE D 13 40.61 -56.98 -18.90
CA ILE D 13 39.51 -56.22 -18.31
C ILE D 13 39.85 -55.89 -16.86
N PHE D 14 39.61 -54.63 -16.47
CA PHE D 14 39.64 -54.21 -15.08
C PHE D 14 38.22 -54.02 -14.55
N GLU D 15 38.13 -53.80 -13.25
CA GLU D 15 36.90 -53.38 -12.59
C GLU D 15 37.24 -52.21 -11.68
N VAL D 16 36.52 -51.09 -11.84
CA VAL D 16 36.89 -49.84 -11.21
C VAL D 16 35.69 -49.26 -10.49
N ASP D 17 35.97 -48.39 -9.51
CA ASP D 17 34.93 -47.68 -8.80
C ASP D 17 34.51 -46.45 -9.58
N VAL D 18 33.24 -46.05 -9.42
CA VAL D 18 32.72 -44.89 -10.13
C VAL D 18 33.40 -43.61 -9.64
N GLU D 19 33.58 -43.47 -8.33
CA GLU D 19 34.19 -42.27 -7.77
C GLU D 19 35.66 -42.13 -8.15
N ILE D 20 36.29 -43.20 -8.61
CA ILE D 20 37.68 -43.13 -9.06
C ILE D 20 37.75 -42.81 -10.55
N ALA D 21 36.86 -43.40 -11.34
CA ALA D 21 36.79 -43.11 -12.77
C ALA D 21 36.14 -41.77 -13.08
N LYS D 22 35.53 -41.11 -12.08
CA LYS D 22 34.96 -39.80 -12.31
C LYS D 22 36.01 -38.76 -12.65
N GLN D 23 37.27 -38.98 -12.27
CA GLN D 23 38.32 -38.01 -12.55
C GLN D 23 38.53 -37.84 -14.04
N SER D 24 38.49 -38.93 -14.80
CA SER D 24 38.56 -38.85 -16.25
C SER D 24 37.33 -38.12 -16.78
N VAL D 25 37.57 -36.99 -17.46
CA VAL D 25 36.46 -36.17 -17.94
C VAL D 25 35.67 -36.90 -19.01
N THR D 26 36.35 -37.69 -19.85
CA THR D 26 35.65 -38.44 -20.90
C THR D 26 34.63 -39.41 -20.30
N ILE D 27 35.08 -40.25 -19.37
CA ILE D 27 34.19 -41.21 -18.74
C ILE D 27 33.13 -40.48 -17.91
N LYS D 28 33.52 -39.38 -17.27
CA LYS D 28 32.57 -38.62 -16.47
C LYS D 28 31.42 -38.11 -17.31
N THR D 29 31.72 -37.53 -18.47
CA THR D 29 30.65 -37.00 -19.31
C THR D 29 29.89 -38.12 -20.02
N MET D 30 30.55 -39.26 -20.28
CA MET D 30 29.83 -40.40 -20.84
C MET D 30 28.80 -40.92 -19.84
N LEU D 31 29.17 -40.99 -18.56
CA LEU D 31 28.21 -41.43 -17.54
C LEU D 31 27.13 -40.40 -17.30
N GLU D 32 27.50 -39.12 -17.30
CA GLU D 32 26.50 -38.07 -17.09
C GLU D 32 25.48 -38.04 -18.21
N ASP D 33 25.92 -38.19 -19.45
CA ASP D 33 25.01 -38.33 -20.58
C ASP D 33 24.66 -39.81 -20.74
N LEU D 34 24.01 -40.16 -21.86
CA LEU D 34 23.60 -41.53 -22.15
C LEU D 34 22.75 -42.10 -21.02
N ASP D 43 28.01 -54.54 -19.03
CA ASP D 43 28.77 -54.62 -20.27
C ASP D 43 30.03 -53.76 -20.19
N PRO D 44 31.16 -54.33 -20.60
CA PRO D 44 32.42 -53.58 -20.56
C PRO D 44 32.45 -52.48 -21.60
N VAL D 45 33.22 -51.44 -21.31
CA VAL D 45 33.41 -50.31 -22.21
C VAL D 45 34.83 -50.42 -22.78
N PRO D 46 35.00 -50.56 -24.10
CA PRO D 46 36.34 -50.72 -24.66
C PRO D 46 37.02 -49.37 -24.85
N LEU D 47 38.33 -49.32 -24.56
CA LEU D 47 39.16 -48.16 -24.80
C LEU D 47 40.21 -48.55 -25.84
N PRO D 48 39.97 -48.29 -27.12
CA PRO D 48 40.86 -48.83 -28.16
C PRO D 48 42.29 -48.34 -28.10
N ASN D 49 42.55 -47.18 -27.50
CA ASN D 49 43.89 -46.60 -27.53
C ASN D 49 44.77 -47.12 -26.40
N VAL D 50 44.33 -46.94 -25.15
CA VAL D 50 45.13 -47.38 -24.01
C VAL D 50 45.04 -48.90 -23.89
N ASN D 51 46.21 -49.54 -23.71
CA ASN D 51 46.31 -50.98 -23.58
C ASN D 51 46.36 -51.36 -22.11
N ALA D 52 46.64 -52.64 -21.84
CA ALA D 52 46.55 -53.16 -20.48
C ALA D 52 47.63 -52.59 -19.57
N ALA D 53 48.83 -52.38 -20.10
CA ALA D 53 49.96 -51.97 -19.27
C ALA D 53 49.75 -50.57 -18.69
N ILE D 54 49.63 -49.57 -19.56
CA ILE D 54 49.53 -48.19 -19.10
C ILE D 54 48.23 -47.94 -18.36
N LEU D 55 47.18 -48.73 -18.66
CA LEU D 55 45.92 -48.57 -17.95
C LEU D 55 46.08 -48.87 -16.46
N LYS D 56 46.89 -49.88 -16.13
CA LYS D 56 47.15 -50.17 -14.72
C LYS D 56 47.83 -48.99 -14.03
N LYS D 57 48.82 -48.39 -14.70
CA LYS D 57 49.48 -47.23 -14.11
C LYS D 57 48.50 -46.07 -13.92
N VAL D 58 47.63 -45.83 -14.91
CA VAL D 58 46.67 -44.74 -14.81
C VAL D 58 45.69 -44.98 -13.67
N ILE D 59 45.19 -46.21 -13.56
CA ILE D 59 44.23 -46.49 -12.49
C ILE D 59 44.90 -46.42 -11.12
N GLN D 60 46.17 -46.85 -11.03
CA GLN D 60 46.90 -46.68 -9.77
C GLN D 60 47.03 -45.22 -9.40
N TRP D 61 47.37 -44.38 -10.38
CA TRP D 61 47.52 -42.94 -10.12
C TRP D 61 46.22 -42.33 -9.65
N CYS D 62 45.13 -42.60 -10.37
CA CYS D 62 43.85 -41.98 -10.01
C CYS D 62 43.23 -42.59 -8.77
N THR D 63 43.64 -43.80 -8.37
CA THR D 63 43.23 -44.30 -7.06
C THR D 63 44.00 -43.61 -5.95
N HIS D 64 45.31 -43.39 -6.15
CA HIS D 64 46.09 -42.68 -5.14
C HIS D 64 45.59 -41.25 -4.97
N HIS D 65 45.19 -40.60 -6.06
CA HIS D 65 44.76 -39.21 -6.03
C HIS D 65 43.26 -39.05 -5.79
N LYS D 66 42.61 -40.02 -5.13
CA LYS D 66 41.18 -39.90 -4.89
C LYS D 66 40.83 -38.77 -3.93
N ASP D 67 41.78 -38.29 -3.15
CA ASP D 67 41.51 -37.27 -2.16
C ASP D 67 41.32 -35.90 -2.83
N ASP D 68 40.81 -34.94 -2.06
CA ASP D 68 40.55 -33.60 -2.56
C ASP D 68 41.86 -32.89 -2.94
N PRO D 86 55.57 -33.77 -3.98
CA PRO D 86 54.93 -34.89 -4.68
C PRO D 86 55.87 -36.09 -4.82
N VAL D 87 56.70 -36.32 -3.79
CA VAL D 87 57.69 -37.38 -3.83
C VAL D 87 57.08 -38.68 -4.36
N TRP D 88 55.83 -38.95 -3.97
CA TRP D 88 55.09 -40.06 -4.56
C TRP D 88 54.97 -39.89 -6.06
N ASP D 89 54.70 -38.67 -6.53
CA ASP D 89 54.51 -38.44 -7.96
C ASP D 89 55.80 -38.71 -8.74
N GLN D 90 56.94 -38.13 -8.31
CA GLN D 90 58.16 -38.45 -9.05
C GLN D 90 58.59 -39.91 -8.91
N GLU D 91 58.41 -40.54 -7.75
CA GLU D 91 58.82 -41.93 -7.65
C GLU D 91 57.93 -42.83 -8.49
N PHE D 92 56.68 -42.43 -8.71
CA PHE D 92 55.81 -43.19 -9.61
C PHE D 92 56.18 -42.93 -11.06
N LEU D 93 56.51 -41.68 -11.40
CA LEU D 93 56.81 -41.33 -12.78
C LEU D 93 58.23 -41.72 -13.21
N LYS D 94 59.06 -42.19 -12.28
CA LYS D 94 60.41 -42.60 -12.65
C LYS D 94 60.37 -43.92 -13.41
N VAL D 95 60.14 -43.85 -14.72
CA VAL D 95 60.09 -45.01 -15.60
C VAL D 95 60.87 -44.69 -16.87
N ASP D 96 60.89 -45.63 -17.80
CA ASP D 96 61.60 -45.44 -19.05
C ASP D 96 60.85 -44.47 -19.96
N GLN D 97 61.52 -44.06 -21.04
CA GLN D 97 60.97 -43.04 -21.92
C GLN D 97 59.72 -43.52 -22.65
N GLY D 98 59.73 -44.76 -23.13
CA GLY D 98 58.58 -45.27 -23.87
C GLY D 98 57.32 -45.32 -23.04
N THR D 99 57.44 -45.83 -21.81
CA THR D 99 56.29 -45.86 -20.91
C THR D 99 55.77 -44.44 -20.67
N LEU D 100 56.68 -43.47 -20.55
CA LEU D 100 56.26 -42.09 -20.44
C LEU D 100 55.49 -41.63 -21.68
N PHE D 101 55.92 -42.10 -22.86
CA PHE D 101 55.26 -41.69 -24.09
C PHE D 101 53.82 -42.21 -24.15
N GLU D 102 53.63 -43.51 -23.97
CA GLU D 102 52.25 -43.99 -23.95
C GLU D 102 51.47 -43.48 -22.74
N LEU D 103 52.14 -43.14 -21.65
CA LEU D 103 51.41 -42.60 -20.49
C LEU D 103 50.87 -41.21 -20.80
N ILE D 104 51.68 -40.36 -21.44
CA ILE D 104 51.19 -39.03 -21.78
C ILE D 104 50.10 -39.12 -22.86
N LEU D 105 50.25 -40.06 -23.80
CA LEU D 105 49.18 -40.25 -24.78
C LEU D 105 47.89 -40.69 -24.11
N ALA D 106 47.97 -41.62 -23.14
CA ALA D 106 46.77 -42.06 -22.44
C ALA D 106 46.15 -40.92 -21.63
N ALA D 107 46.99 -40.10 -20.99
CA ALA D 107 46.47 -38.97 -20.23
C ALA D 107 45.75 -37.98 -21.14
N ASN D 108 46.28 -37.74 -22.34
CA ASN D 108 45.58 -36.90 -23.29
C ASN D 108 44.28 -37.55 -23.75
N TYR D 109 44.29 -38.87 -23.96
CA TYR D 109 43.10 -39.56 -24.44
C TYR D 109 41.96 -39.51 -23.43
N LEU D 110 42.27 -39.72 -22.15
CA LEU D 110 41.24 -39.77 -21.12
C LEU D 110 41.00 -38.42 -20.44
N ASP D 111 41.77 -37.39 -20.81
CA ASP D 111 41.57 -36.03 -20.31
C ASP D 111 41.67 -35.97 -18.78
N ILE D 112 42.85 -36.28 -18.28
CA ILE D 112 43.18 -36.16 -16.86
C ILE D 112 44.14 -34.98 -16.72
N LYS D 113 43.69 -33.93 -16.01
CA LYS D 113 44.48 -32.71 -15.93
C LYS D 113 45.74 -32.90 -15.10
N GLY D 114 45.61 -33.52 -13.92
CA GLY D 114 46.74 -33.64 -13.03
C GLY D 114 47.85 -34.50 -13.61
N LEU D 115 47.49 -35.65 -14.19
CA LEU D 115 48.49 -36.53 -14.76
C LEU D 115 49.19 -35.89 -15.95
N LEU D 116 48.41 -35.22 -16.82
CA LEU D 116 48.98 -34.48 -17.94
C LEU D 116 49.98 -33.43 -17.43
N ASP D 117 49.58 -32.68 -16.41
CA ASP D 117 50.45 -31.62 -15.90
C ASP D 117 51.73 -32.19 -15.30
N VAL D 118 51.62 -33.27 -14.52
CA VAL D 118 52.81 -33.81 -13.88
C VAL D 118 53.75 -34.43 -14.90
N THR D 119 53.21 -35.08 -15.93
CA THR D 119 54.08 -35.64 -16.96
C THR D 119 54.75 -34.54 -17.78
N CYS D 120 54.02 -33.46 -18.08
CA CYS D 120 54.62 -32.34 -18.80
C CYS D 120 55.72 -31.69 -17.96
N LYS D 121 55.49 -31.54 -16.65
CA LYS D 121 56.51 -30.98 -15.78
C LYS D 121 57.74 -31.88 -15.70
N THR D 122 57.52 -33.20 -15.65
CA THR D 122 58.64 -34.14 -15.64
C THR D 122 59.48 -34.02 -16.90
N VAL D 123 58.81 -33.96 -18.06
CA VAL D 123 59.54 -33.83 -19.32
C VAL D 123 60.28 -32.50 -19.37
N ALA D 124 59.64 -31.42 -18.91
CA ALA D 124 60.29 -30.12 -18.90
C ALA D 124 61.52 -30.11 -18.00
N ASN D 125 61.43 -30.72 -16.82
CA ASN D 125 62.58 -30.81 -15.93
C ASN D 125 63.70 -31.64 -16.56
N MET D 126 63.33 -32.74 -17.22
CA MET D 126 64.33 -33.56 -17.91
C MET D 126 64.99 -32.80 -19.06
N ILE D 127 64.29 -31.84 -19.66
CA ILE D 127 64.81 -31.11 -20.81
C ILE D 127 65.38 -29.75 -20.42
N LYS D 128 65.26 -29.35 -19.16
CA LYS D 128 65.62 -28.00 -18.74
C LYS D 128 67.13 -27.87 -18.53
N GLY D 129 67.70 -26.79 -19.05
CA GLY D 129 69.08 -26.41 -18.77
C GLY D 129 70.11 -27.45 -19.16
N LYS D 130 70.01 -27.99 -20.37
CA LYS D 130 70.92 -29.02 -20.82
C LYS D 130 71.19 -28.82 -22.31
N THR D 131 72.39 -29.21 -22.74
CA THR D 131 72.84 -28.89 -24.08
C THR D 131 71.96 -29.57 -25.14
N PRO D 132 71.72 -28.92 -26.28
CA PRO D 132 70.77 -29.48 -27.26
C PRO D 132 71.28 -30.70 -28.01
N GLU D 133 72.60 -30.92 -28.07
CA GLU D 133 73.12 -31.98 -28.93
C GLU D 133 72.70 -33.36 -28.46
N GLU D 134 73.08 -33.74 -27.24
CA GLU D 134 72.66 -35.04 -26.73
C GLU D 134 71.18 -35.07 -26.43
N ILE D 135 70.52 -33.91 -26.30
CA ILE D 135 69.06 -33.87 -26.25
C ILE D 135 68.47 -34.43 -27.54
N ARG D 136 68.94 -33.93 -28.68
CA ARG D 136 68.49 -34.45 -29.96
C ARG D 136 68.90 -35.90 -30.15
N LYS D 137 70.06 -36.27 -29.60
CA LYS D 137 70.49 -37.67 -29.66
C LYS D 137 69.51 -38.59 -28.93
N THR D 138 69.10 -38.18 -27.72
CA THR D 138 68.18 -39.00 -26.93
C THR D 138 66.79 -39.04 -27.55
N PHE D 139 66.30 -37.89 -27.99
CA PHE D 139 64.93 -37.81 -28.50
C PHE D 139 64.77 -38.44 -29.88
N ASN D 140 65.87 -38.85 -30.52
CA ASN D 140 65.83 -39.49 -31.83
C ASN D 140 65.16 -38.58 -32.86
N ILE D 141 65.68 -37.36 -32.98
CA ILE D 141 65.18 -36.37 -33.92
C ILE D 141 66.21 -36.19 -35.02
N LYS D 142 65.79 -36.39 -36.26
CA LYS D 142 66.68 -36.20 -37.39
C LYS D 142 67.03 -34.73 -37.55
N ASN D 143 68.27 -34.46 -37.97
CA ASN D 143 68.79 -33.11 -38.09
C ASN D 143 68.74 -32.68 -39.55
N ASP D 144 68.00 -31.60 -39.82
CA ASP D 144 67.91 -31.01 -41.16
C ASP D 144 68.17 -29.51 -41.02
N PHE D 145 69.44 -29.13 -41.03
CA PHE D 145 69.85 -27.73 -40.85
C PHE D 145 70.79 -27.30 -41.97
N THR D 146 71.03 -26.00 -42.01
CA THR D 146 71.99 -25.39 -42.91
C THR D 146 72.87 -24.45 -42.10
N GLU D 147 74.14 -24.33 -42.50
CA GLU D 147 75.09 -23.51 -41.76
C GLU D 147 74.58 -22.09 -41.62
N GLU D 148 74.11 -21.49 -42.73
CA GLU D 148 73.50 -20.17 -42.65
C GLU D 148 72.24 -20.19 -41.79
N GLU D 149 71.44 -21.25 -41.91
CA GLU D 149 70.21 -21.35 -41.13
C GLU D 149 70.51 -21.41 -39.64
N GLU D 150 71.47 -22.24 -39.23
CA GLU D 150 71.79 -22.35 -37.81
C GLU D 150 72.49 -21.10 -37.31
N ALA D 151 73.30 -20.45 -38.14
CA ALA D 151 73.89 -19.17 -37.74
C ALA D 151 72.82 -18.12 -37.50
N GLN D 152 71.81 -18.05 -38.38
CA GLN D 152 70.70 -17.13 -38.18
C GLN D 152 69.93 -17.48 -36.92
N VAL D 153 69.70 -18.77 -36.68
CA VAL D 153 68.95 -19.20 -35.50
C VAL D 153 69.68 -18.79 -34.23
N ARG D 154 70.99 -19.02 -34.18
CA ARG D 154 71.78 -18.65 -33.01
C ARG D 154 72.03 -17.15 -32.94
N LYS D 155 71.76 -16.40 -34.01
CA LYS D 155 71.92 -14.95 -33.97
C LYS D 155 71.00 -14.32 -32.94
N GLU D 156 69.73 -14.76 -32.90
CA GLU D 156 68.80 -14.29 -31.88
C GLU D 156 68.93 -15.04 -30.57
N ASN D 157 69.79 -16.05 -30.50
CA ASN D 157 70.06 -16.77 -29.26
C ASN D 157 71.43 -16.44 -28.68
N GLN D 158 72.24 -15.64 -29.38
CA GLN D 158 73.55 -15.27 -28.86
C GLN D 158 73.43 -14.42 -27.60
N TRP D 159 72.49 -13.48 -27.60
CA TRP D 159 72.30 -12.60 -26.45
C TRP D 159 71.68 -13.35 -25.27
N VAL E 97 61.33 -45.11 -29.52
CA VAL E 97 60.14 -44.35 -29.86
C VAL E 97 60.47 -43.24 -30.85
N SER E 98 59.50 -42.39 -31.13
CA SER E 98 59.68 -41.28 -32.06
C SER E 98 58.84 -40.11 -31.57
N TRP E 99 59.48 -39.19 -30.84
CA TRP E 99 58.76 -38.03 -30.32
C TRP E 99 58.41 -37.01 -31.39
N ASP E 100 58.94 -37.16 -32.60
CA ASP E 100 58.57 -36.24 -33.68
C ASP E 100 57.12 -36.42 -34.10
N SER E 101 56.58 -37.64 -33.96
CA SER E 101 55.19 -37.90 -34.31
C SER E 101 54.21 -37.30 -33.33
N LEU E 102 54.67 -36.77 -32.21
CA LEU E 102 53.78 -36.19 -31.22
C LEU E 102 53.07 -34.96 -31.80
N PRO E 103 51.78 -34.76 -31.47
CA PRO E 103 51.08 -33.57 -31.96
C PRO E 103 51.59 -32.28 -31.35
N ASP E 104 50.99 -31.16 -31.74
CA ASP E 104 51.47 -29.84 -31.32
C ASP E 104 50.95 -29.43 -29.95
N GLU E 105 49.75 -29.87 -29.56
CA GLU E 105 49.21 -29.48 -28.27
C GLU E 105 50.07 -29.98 -27.12
N LEU E 106 50.53 -31.23 -27.20
CA LEU E 106 51.38 -31.77 -26.16
C LEU E 106 52.73 -31.07 -26.14
N LEU E 107 53.26 -30.69 -27.31
CA LEU E 107 54.52 -29.96 -27.36
C LEU E 107 54.38 -28.59 -26.70
N LEU E 108 53.26 -27.90 -26.95
CA LEU E 108 53.02 -26.63 -26.26
C LEU E 108 52.88 -26.83 -24.76
N GLY E 109 52.21 -27.90 -24.34
CA GLY E 109 52.11 -28.19 -22.92
C GLY E 109 53.45 -28.41 -22.28
N ILE E 110 54.35 -29.11 -22.98
CA ILE E 110 55.71 -29.31 -22.48
C ILE E 110 56.47 -27.99 -22.43
N PHE E 111 56.32 -27.16 -23.47
CA PHE E 111 57.09 -25.92 -23.56
C PHE E 111 56.63 -24.89 -22.53
N SER E 112 55.36 -24.94 -22.12
CA SER E 112 54.82 -23.92 -21.24
C SER E 112 55.45 -23.88 -19.86
N CYS E 113 56.21 -24.93 -19.49
CA CYS E 113 56.82 -25.02 -18.17
C CYS E 113 58.32 -24.73 -18.19
N LEU E 114 58.74 -23.76 -19.01
CA LEU E 114 60.16 -23.47 -19.20
C LEU E 114 60.41 -21.99 -18.96
N CYS E 115 61.64 -21.68 -18.54
CA CYS E 115 62.09 -20.31 -18.37
C CYS E 115 62.86 -19.86 -19.60
N LEU E 116 63.17 -18.56 -19.64
CA LEU E 116 63.65 -17.93 -20.87
C LEU E 116 64.85 -18.60 -21.51
N PRO E 117 65.96 -18.88 -20.80
CA PRO E 117 67.09 -19.54 -21.47
C PRO E 117 66.74 -20.91 -22.02
N GLU E 118 65.88 -21.67 -21.31
CA GLU E 118 65.56 -23.02 -21.75
C GLU E 118 64.85 -23.03 -23.09
N LEU E 119 63.78 -22.23 -23.24
CA LEU E 119 63.10 -22.26 -24.53
C LEU E 119 63.90 -21.53 -25.59
N LEU E 120 64.60 -20.46 -25.23
CA LEU E 120 65.46 -19.79 -26.21
C LEU E 120 66.56 -20.71 -26.73
N LYS E 121 66.95 -21.72 -25.95
CA LYS E 121 67.94 -22.68 -26.40
C LYS E 121 67.32 -23.86 -27.14
N VAL E 122 66.15 -24.32 -26.70
CA VAL E 122 65.51 -25.46 -27.38
C VAL E 122 64.84 -25.04 -28.68
N SER E 123 64.70 -23.74 -28.92
CA SER E 123 64.12 -23.25 -30.16
C SER E 123 64.95 -23.57 -31.39
N GLY E 124 66.08 -24.27 -31.24
CA GLY E 124 66.90 -24.62 -32.38
C GLY E 124 67.08 -26.11 -32.56
N VAL E 125 66.14 -26.91 -32.04
CA VAL E 125 66.23 -28.36 -32.20
C VAL E 125 65.98 -28.74 -33.66
N CYS E 126 64.91 -28.21 -34.25
CA CYS E 126 64.61 -28.40 -35.67
C CYS E 126 63.60 -27.35 -36.08
N LYS E 127 63.10 -27.47 -37.32
CA LYS E 127 62.16 -26.48 -37.84
C LYS E 127 60.85 -26.48 -37.06
N ARG E 128 60.34 -27.67 -36.73
CA ARG E 128 59.05 -27.74 -36.03
C ARG E 128 59.13 -27.13 -34.64
N TRP E 129 60.16 -27.48 -33.87
CA TRP E 129 60.35 -26.86 -32.57
C TRP E 129 60.59 -25.36 -32.68
N TYR E 130 61.33 -24.94 -33.70
CA TYR E 130 61.58 -23.51 -33.88
C TYR E 130 60.29 -22.75 -34.13
N ARG E 131 59.42 -23.28 -34.99
CA ARG E 131 58.19 -22.57 -35.31
C ARG E 131 57.19 -22.64 -34.16
N LEU E 132 57.25 -23.71 -33.36
CA LEU E 132 56.38 -23.79 -32.19
C LEU E 132 56.85 -22.89 -31.06
N ALA E 133 58.16 -22.61 -30.99
CA ALA E 133 58.68 -21.80 -29.90
C ALA E 133 58.27 -20.34 -30.02
N SER E 134 57.82 -19.92 -31.20
CA SER E 134 57.43 -18.54 -31.44
C SER E 134 55.93 -18.33 -31.27
N ASP E 135 55.23 -19.29 -30.67
CA ASP E 135 53.78 -19.23 -30.57
C ASP E 135 53.35 -18.13 -29.60
N GLU E 136 52.20 -17.52 -29.89
CA GLU E 136 51.71 -16.40 -29.08
C GLU E 136 51.32 -16.80 -27.67
N SER E 137 51.05 -18.09 -27.44
CA SER E 137 50.67 -18.52 -26.10
C SER E 137 51.83 -18.40 -25.12
N LEU E 138 53.05 -18.68 -25.57
CA LEU E 138 54.20 -18.69 -24.68
C LEU E 138 54.63 -17.27 -24.31
N TRP E 139 54.49 -16.32 -25.23
CA TRP E 139 54.97 -14.96 -25.05
C TRP E 139 53.87 -14.01 -24.57
N GLN E 140 52.94 -14.50 -23.75
CA GLN E 140 51.87 -13.64 -23.26
C GLN E 140 52.41 -12.51 -22.41
N THR E 141 53.37 -12.81 -21.52
CA THR E 141 53.95 -11.81 -20.63
C THR E 141 55.47 -11.95 -20.66
N LEU E 142 56.16 -10.81 -20.75
CA LEU E 142 57.62 -10.78 -20.80
C LEU E 142 58.12 -9.65 -19.92
N ASP E 143 59.30 -9.87 -19.33
CA ASP E 143 59.95 -8.86 -18.50
C ASP E 143 61.42 -8.78 -18.87
N LEU E 144 61.90 -7.56 -19.08
CA LEU E 144 63.30 -7.32 -19.45
C LEU E 144 63.85 -6.17 -18.61
N THR E 145 63.61 -6.23 -17.30
CA THR E 145 64.02 -5.16 -16.39
C THR E 145 65.54 -5.05 -16.30
N GLY E 146 66.09 -3.95 -16.79
CA GLY E 146 67.51 -3.68 -16.68
C GLY E 146 68.39 -4.34 -17.71
N LYS E 147 67.83 -5.14 -18.61
CA LYS E 147 68.65 -5.81 -19.61
C LYS E 147 68.73 -4.96 -20.87
N ASN E 148 69.95 -4.56 -21.23
CA ASN E 148 70.15 -3.80 -22.46
C ASN E 148 69.98 -4.69 -23.68
N LEU E 149 69.45 -4.11 -24.74
CA LEU E 149 69.21 -4.84 -25.99
C LEU E 149 69.15 -3.83 -27.13
N HIS E 150 68.69 -4.28 -28.29
CA HIS E 150 68.55 -3.45 -29.48
C HIS E 150 67.08 -3.25 -29.80
N PRO E 151 66.73 -2.11 -30.41
CA PRO E 151 65.32 -1.89 -30.75
C PRO E 151 64.74 -2.93 -31.70
N ASP E 152 65.56 -3.49 -32.59
CA ASP E 152 65.05 -4.51 -33.49
C ASP E 152 64.64 -5.76 -32.74
N VAL E 153 65.45 -6.18 -31.76
CA VAL E 153 65.10 -7.36 -30.97
C VAL E 153 63.84 -7.10 -30.16
N THR E 154 63.72 -5.89 -29.60
CA THR E 154 62.53 -5.54 -28.85
C THR E 154 61.28 -5.56 -29.73
N GLY E 155 61.38 -5.03 -30.95
CA GLY E 155 60.25 -5.07 -31.86
C GLY E 155 59.88 -6.49 -32.27
N ARG E 156 60.89 -7.33 -32.52
CA ARG E 156 60.62 -8.72 -32.86
C ARG E 156 59.93 -9.45 -31.71
N LEU E 157 60.39 -9.22 -30.48
CA LEU E 157 59.76 -9.83 -29.32
C LEU E 157 58.33 -9.32 -29.14
N LEU E 158 58.12 -8.02 -29.38
CA LEU E 158 56.77 -7.46 -29.26
C LEU E 158 55.82 -8.06 -30.29
N SER E 159 56.32 -8.29 -31.51
CA SER E 159 55.49 -8.86 -32.55
C SER E 159 55.04 -10.29 -32.24
N GLN E 160 55.70 -10.95 -31.29
CA GLN E 160 55.35 -12.32 -30.95
C GLN E 160 53.99 -12.41 -30.26
N GLY E 161 53.49 -11.31 -29.72
CA GLY E 161 52.20 -11.33 -29.04
C GLY E 161 52.28 -10.96 -27.58
N VAL E 162 53.26 -10.15 -27.22
CA VAL E 162 53.41 -9.72 -25.83
C VAL E 162 52.24 -8.81 -25.44
N ILE E 163 51.65 -9.08 -24.28
CA ILE E 163 50.54 -8.29 -23.76
C ILE E 163 51.01 -7.40 -22.60
N ALA E 164 51.70 -7.97 -21.62
CA ALA E 164 52.22 -7.23 -20.47
C ALA E 164 53.74 -7.16 -20.61
N PHE E 165 54.22 -6.00 -21.03
CA PHE E 165 55.65 -5.77 -21.23
C PHE E 165 56.16 -4.84 -20.14
N ARG E 166 57.14 -5.29 -19.37
CA ARG E 166 57.74 -4.52 -18.28
C ARG E 166 59.24 -4.43 -18.53
N CYS E 167 59.70 -3.30 -19.07
CA CYS E 167 61.11 -3.08 -19.38
C CYS E 167 61.54 -1.73 -18.83
N PRO E 168 61.71 -1.63 -17.51
CA PRO E 168 62.16 -0.36 -16.92
C PRO E 168 63.68 -0.29 -16.80
N ARG E 169 64.20 0.93 -16.88
CA ARG E 169 65.61 1.24 -16.70
C ARG E 169 66.52 0.44 -17.64
N SER E 170 66.10 0.27 -18.89
CA SER E 170 66.92 -0.41 -19.89
C SER E 170 67.52 0.60 -20.86
N PHE E 171 68.59 0.18 -21.53
CA PHE E 171 69.30 1.01 -22.48
C PHE E 171 68.92 0.61 -23.91
N MET E 172 68.39 1.57 -24.68
CA MET E 172 67.99 1.31 -26.05
C MET E 172 68.41 2.44 -26.98
N ASP E 173 69.63 2.95 -26.81
CA ASP E 173 70.11 4.05 -27.64
C ASP E 173 70.69 3.55 -28.95
N GLN E 174 69.86 2.98 -29.81
CA GLN E 174 70.28 2.50 -31.12
C GLN E 174 69.18 2.79 -32.11
N PRO E 175 69.51 3.00 -33.39
CA PRO E 175 68.47 3.26 -34.39
C PRO E 175 67.66 2.02 -34.69
N LEU E 176 66.41 2.24 -35.11
CA LEU E 176 65.51 1.17 -35.50
C LEU E 176 65.41 1.12 -37.03
N ALA E 177 65.63 -0.05 -37.61
CA ALA E 177 65.63 -0.22 -39.05
C ALA E 177 64.55 -1.16 -39.57
N GLU E 178 63.84 -1.87 -38.71
CA GLU E 178 62.83 -2.83 -39.13
C GLU E 178 61.43 -2.27 -38.91
N HIS E 179 60.52 -2.68 -39.80
CA HIS E 179 59.12 -2.28 -39.73
C HIS E 179 58.28 -3.52 -39.45
N PHE E 180 57.33 -3.40 -38.53
CA PHE E 180 56.53 -4.53 -38.09
C PHE E 180 55.05 -4.16 -38.12
N SER E 181 54.22 -5.20 -38.03
CA SER E 181 52.77 -5.01 -37.98
C SER E 181 52.38 -4.37 -36.65
N PRO E 182 51.17 -3.79 -36.56
CA PRO E 182 50.73 -3.20 -35.28
C PRO E 182 50.78 -4.19 -34.13
N PHE E 183 51.25 -3.73 -32.98
CA PHE E 183 51.51 -4.60 -31.84
C PHE E 183 50.21 -4.88 -31.08
N ARG E 184 50.30 -5.82 -30.13
CA ARG E 184 49.16 -6.18 -29.30
C ARG E 184 49.41 -5.94 -27.82
N VAL E 185 50.39 -5.10 -27.45
CA VAL E 185 50.67 -4.86 -26.05
C VAL E 185 49.54 -4.07 -25.41
N GLN E 186 49.23 -4.39 -24.16
CA GLN E 186 48.22 -3.67 -23.40
C GLN E 186 48.77 -2.96 -22.17
N HIS E 187 49.86 -3.46 -21.59
CA HIS E 187 50.50 -2.86 -20.42
C HIS E 187 52.00 -2.81 -20.67
N MET E 188 52.48 -1.66 -21.14
CA MET E 188 53.89 -1.45 -21.43
C MET E 188 54.46 -0.46 -20.42
N ASP E 189 55.58 -0.83 -19.79
CA ASP E 189 56.26 0.02 -18.83
C ASP E 189 57.70 0.24 -19.29
N LEU E 190 58.08 1.51 -19.43
CA LEU E 190 59.43 1.86 -19.86
C LEU E 190 59.97 3.05 -19.08
N SER E 191 59.57 3.18 -17.81
CA SER E 191 59.99 4.32 -17.01
C SER E 191 61.49 4.28 -16.75
N ASN E 192 62.12 5.46 -16.79
CA ASN E 192 63.54 5.64 -16.49
C ASN E 192 64.45 4.96 -17.50
N SER E 193 63.86 4.34 -18.53
CA SER E 193 64.66 3.74 -19.59
C SER E 193 65.19 4.82 -20.51
N VAL E 194 66.49 4.75 -20.82
CA VAL E 194 67.14 5.72 -21.68
C VAL E 194 66.91 5.29 -23.13
N ILE E 195 66.05 6.03 -23.83
CA ILE E 195 65.74 5.73 -25.23
C ILE E 195 65.84 7.02 -26.04
N GLU E 196 66.11 6.87 -27.33
CA GLU E 196 66.21 8.00 -28.24
C GLU E 196 64.82 8.45 -28.68
N VAL E 197 64.75 9.69 -29.16
CA VAL E 197 63.47 10.24 -29.60
C VAL E 197 62.96 9.50 -30.82
N SER E 198 63.83 9.30 -31.82
CA SER E 198 63.40 8.64 -33.05
C SER E 198 63.02 7.19 -32.80
N THR E 199 63.81 6.47 -31.98
CA THR E 199 63.48 5.07 -31.69
C THR E 199 62.17 4.95 -30.94
N LEU E 200 61.96 5.82 -29.94
CA LEU E 200 60.70 5.79 -29.20
C LEU E 200 59.51 6.13 -30.10
N HIS E 201 59.69 7.11 -31.00
CA HIS E 201 58.61 7.45 -31.93
C HIS E 201 58.30 6.29 -32.86
N GLY E 202 59.33 5.60 -33.34
CA GLY E 202 59.09 4.46 -34.21
C GLY E 202 58.40 3.32 -33.49
N ILE E 203 58.82 3.05 -32.25
CA ILE E 203 58.22 1.96 -31.49
C ILE E 203 56.77 2.27 -31.15
N LEU E 204 56.49 3.50 -30.72
CA LEU E 204 55.15 3.87 -30.31
C LEU E 204 54.19 4.08 -31.48
N SER E 205 54.71 4.07 -32.70
CA SER E 205 53.89 4.30 -33.89
C SER E 205 53.08 3.07 -34.30
N GLN E 206 53.30 1.93 -33.65
CA GLN E 206 52.59 0.69 -33.98
C GLN E 206 51.57 0.29 -32.94
N CYS E 207 51.77 0.65 -31.68
CA CYS E 207 50.84 0.29 -30.62
C CYS E 207 49.66 1.25 -30.62
N SER E 208 48.45 0.70 -30.61
CA SER E 208 47.24 1.53 -30.61
C SER E 208 46.17 1.06 -29.64
N LYS E 209 46.29 -0.12 -29.04
CA LYS E 209 45.30 -0.64 -28.11
C LYS E 209 45.83 -0.68 -26.67
N LEU E 210 46.82 0.15 -26.34
CA LEU E 210 47.42 0.15 -25.02
C LEU E 210 46.46 0.75 -24.00
N GLN E 211 45.98 -0.05 -23.05
CA GLN E 211 45.09 0.44 -22.00
C GLN E 211 45.85 1.14 -20.88
N ASN E 212 47.16 0.97 -20.81
CA ASN E 212 47.98 1.65 -19.80
C ASN E 212 49.37 1.86 -20.36
N LEU E 213 50.07 2.83 -19.78
CA LEU E 213 51.41 3.17 -20.23
C LEU E 213 52.14 3.88 -19.10
N SER E 214 53.47 3.97 -19.25
CA SER E 214 54.30 4.65 -18.26
C SER E 214 55.58 5.17 -18.92
N LEU E 215 55.79 6.49 -18.87
CA LEU E 215 56.95 7.13 -19.47
C LEU E 215 57.57 8.13 -18.51
N GLU E 216 57.72 7.73 -17.24
CA GLU E 216 58.31 8.62 -16.26
C GLU E 216 59.80 8.82 -16.52
N GLY E 217 60.22 10.08 -16.52
CA GLY E 217 61.61 10.43 -16.74
C GLY E 217 62.02 10.53 -18.20
N LEU E 218 61.19 10.09 -19.14
CA LEU E 218 61.54 10.18 -20.55
C LEU E 218 61.24 11.58 -21.07
N ARG E 219 61.78 11.88 -22.25
CA ARG E 219 61.57 13.16 -22.92
C ARG E 219 60.74 12.93 -24.16
N LEU E 220 59.63 13.66 -24.27
CA LEU E 220 58.69 13.48 -25.36
C LEU E 220 58.82 14.64 -26.36
N SER E 221 57.96 14.62 -27.37
CA SER E 221 57.95 15.66 -28.40
C SER E 221 56.58 15.64 -29.07
N ASP E 222 56.40 16.53 -30.04
CA ASP E 222 55.12 16.62 -30.75
C ASP E 222 54.78 15.34 -31.50
N PRO E 223 55.69 14.75 -32.29
CA PRO E 223 55.33 13.50 -32.99
C PRO E 223 54.97 12.36 -32.05
N ILE E 224 55.65 12.25 -30.91
CA ILE E 224 55.35 11.17 -29.96
C ILE E 224 53.95 11.36 -29.40
N VAL E 225 53.60 12.59 -29.04
CA VAL E 225 52.26 12.86 -28.52
C VAL E 225 51.20 12.61 -29.59
N ASN E 226 51.48 13.01 -30.83
CA ASN E 226 50.51 12.76 -31.91
C ASN E 226 50.30 11.28 -32.12
N THR E 227 51.38 10.49 -32.09
CA THR E 227 51.25 9.05 -32.26
C THR E 227 50.50 8.42 -31.09
N LEU E 228 50.76 8.88 -29.86
CA LEU E 228 50.10 8.32 -28.69
C LEU E 228 48.64 8.74 -28.59
N ALA E 229 48.26 9.84 -29.25
CA ALA E 229 46.87 10.29 -29.22
C ALA E 229 45.93 9.29 -29.87
N LYS E 230 46.46 8.38 -30.70
CA LYS E 230 45.59 7.39 -31.35
C LYS E 230 45.03 6.39 -30.35
N ASN E 231 45.70 6.20 -29.21
CA ASN E 231 45.25 5.27 -28.18
C ASN E 231 44.09 5.91 -27.41
N SER E 232 42.88 5.60 -27.85
CA SER E 232 41.66 6.16 -27.27
C SER E 232 41.11 5.32 -26.13
N ASN E 233 41.78 4.22 -25.75
CA ASN E 233 41.31 3.37 -24.68
C ASN E 233 42.28 3.32 -23.49
N LEU E 234 43.15 4.32 -23.36
CA LEU E 234 44.10 4.35 -22.26
C LEU E 234 43.39 4.63 -20.93
N VAL E 235 43.31 3.60 -20.08
CA VAL E 235 42.68 3.77 -18.78
C VAL E 235 43.48 4.73 -17.91
N ARG E 236 44.80 4.58 -17.90
CA ARG E 236 45.68 5.41 -17.10
C ARG E 236 46.87 5.87 -17.95
N LEU E 237 47.59 6.85 -17.43
CA LEU E 237 48.76 7.39 -18.11
C LEU E 237 49.67 8.02 -17.07
N ASN E 238 50.92 8.26 -17.48
CA ASN E 238 51.91 8.86 -16.59
C ASN E 238 52.91 9.64 -17.43
N LEU E 239 53.17 10.88 -17.01
CA LEU E 239 54.11 11.74 -17.74
C LEU E 239 55.01 12.53 -16.79
N SER E 240 55.29 12.02 -15.60
CA SER E 240 56.13 12.72 -14.65
C SER E 240 57.55 12.85 -15.17
N GLY E 241 58.09 14.06 -15.10
CA GLY E 241 59.43 14.33 -15.58
C GLY E 241 59.55 14.52 -17.08
N CYS E 242 58.46 14.43 -17.82
CA CYS E 242 58.52 14.57 -19.26
C CYS E 242 58.66 16.03 -19.67
N SER E 243 59.33 16.24 -20.80
CA SER E 243 59.53 17.58 -21.34
C SER E 243 59.80 17.46 -22.84
N GLY E 244 59.35 18.45 -23.60
CA GLY E 244 59.55 18.45 -25.03
C GLY E 244 58.26 18.56 -25.81
N PHE E 245 57.13 18.35 -25.13
CA PHE E 245 55.83 18.42 -25.78
C PHE E 245 55.44 19.88 -26.03
N SER E 246 54.30 20.07 -26.69
CA SER E 246 53.79 21.38 -27.02
C SER E 246 52.37 21.51 -26.47
N GLU E 247 51.94 22.77 -26.30
CA GLU E 247 50.60 23.03 -25.77
C GLU E 247 49.53 22.49 -26.71
N PHE E 248 49.70 22.72 -28.02
CA PHE E 248 48.72 22.21 -28.98
C PHE E 248 48.69 20.69 -28.99
N ALA E 249 49.86 20.05 -28.94
CA ALA E 249 49.90 18.59 -28.91
C ALA E 249 49.27 18.05 -27.64
N LEU E 250 49.54 18.70 -26.50
CA LEU E 250 48.93 18.27 -25.25
C LEU E 250 47.42 18.41 -25.29
N GLN E 251 46.93 19.53 -25.84
CA GLN E 251 45.48 19.72 -25.95
C GLN E 251 44.86 18.66 -26.87
N THR E 252 45.52 18.36 -27.99
CA THR E 252 45.00 17.34 -28.90
C THR E 252 44.97 15.97 -28.23
N LEU E 253 46.02 15.63 -27.49
CA LEU E 253 46.06 14.35 -26.79
C LEU E 253 44.96 14.27 -25.73
N LEU E 254 44.76 15.37 -24.99
CA LEU E 254 43.71 15.40 -23.98
C LEU E 254 42.32 15.27 -24.60
N SER E 255 42.10 15.91 -25.75
CA SER E 255 40.81 15.81 -26.42
C SER E 255 40.58 14.40 -26.97
N SER E 256 41.64 13.77 -27.49
CA SER E 256 41.49 12.44 -28.08
C SER E 256 41.11 11.41 -27.04
N CYS E 257 41.73 11.46 -25.86
CA CYS E 257 41.48 10.48 -24.81
C CYS E 257 40.38 10.97 -23.88
N SER E 258 39.36 10.14 -23.69
CA SER E 258 38.24 10.47 -22.80
C SER E 258 38.05 9.47 -21.68
N ARG E 259 38.48 8.23 -21.87
CA ARG E 259 38.32 7.19 -20.85
C ARG E 259 39.45 7.18 -19.83
N LEU E 260 40.36 8.15 -19.87
CA LEU E 260 41.47 8.20 -18.93
C LEU E 260 40.97 8.34 -17.49
N ASP E 261 41.34 7.38 -16.64
CA ASP E 261 40.90 7.40 -15.25
C ASP E 261 41.88 8.15 -14.37
N GLU E 262 43.17 7.77 -14.43
CA GLU E 262 44.21 8.38 -13.62
C GLU E 262 45.31 8.92 -14.51
N LEU E 263 45.69 10.17 -14.27
CA LEU E 263 46.78 10.82 -14.99
C LEU E 263 47.65 11.62 -14.01
N ASN E 264 48.94 11.69 -14.31
CA ASN E 264 49.89 12.42 -13.48
C ASN E 264 50.81 13.22 -14.40
N LEU E 265 50.40 14.45 -14.71
CA LEU E 265 51.22 15.38 -15.49
C LEU E 265 51.93 16.34 -14.55
N SER E 266 52.80 15.77 -13.71
CA SER E 266 53.51 16.53 -12.69
C SER E 266 55.00 16.56 -12.98
N TRP E 267 55.70 17.47 -12.31
CA TRP E 267 57.15 17.64 -12.39
C TRP E 267 57.64 17.99 -13.78
N CYS E 268 56.78 18.59 -14.61
CA CYS E 268 57.22 19.01 -15.94
C CYS E 268 58.16 20.19 -15.83
N PHE E 269 59.29 20.11 -16.53
CA PHE E 269 60.32 21.15 -16.50
C PHE E 269 60.24 22.07 -17.72
N ASP E 270 59.19 21.94 -18.53
CA ASP E 270 59.04 22.78 -19.72
C ASP E 270 57.64 23.36 -19.86
N PHE E 271 56.71 23.03 -18.96
CA PHE E 271 55.36 23.57 -19.05
C PHE E 271 55.34 25.02 -18.60
N THR E 272 54.28 25.72 -19.00
CA THR E 272 54.10 27.13 -18.68
C THR E 272 52.65 27.35 -18.26
N GLU E 273 52.29 28.62 -18.09
CA GLU E 273 50.91 28.97 -17.71
C GLU E 273 49.92 28.56 -18.80
N LYS E 274 50.27 28.79 -20.06
CA LYS E 274 49.39 28.43 -21.16
C LYS E 274 49.18 26.92 -21.23
N HIS E 275 50.26 26.15 -21.07
CA HIS E 275 50.15 24.70 -21.11
C HIS E 275 49.30 24.18 -19.95
N VAL E 276 49.49 24.75 -18.76
CA VAL E 276 48.70 24.34 -17.60
C VAL E 276 47.24 24.67 -17.80
N GLN E 277 46.94 25.87 -18.32
CA GLN E 277 45.55 26.24 -18.57
C GLN E 277 44.91 25.33 -19.61
N VAL E 278 45.65 25.00 -20.66
CA VAL E 278 45.13 24.09 -21.69
C VAL E 278 44.86 22.71 -21.10
N ALA E 279 45.77 22.20 -20.28
CA ALA E 279 45.57 20.89 -19.66
C ALA E 279 44.36 20.92 -18.74
N VAL E 280 44.18 21.99 -17.97
CA VAL E 280 43.04 22.09 -17.07
C VAL E 280 41.74 22.16 -17.85
N ALA E 281 41.70 22.94 -18.93
CA ALA E 281 40.47 23.09 -19.69
C ALA E 281 40.12 21.83 -20.47
N HIS E 282 41.14 21.12 -20.96
CA HIS E 282 40.94 19.94 -21.80
C HIS E 282 40.96 18.64 -21.00
N VAL E 283 41.02 18.73 -19.66
CA VAL E 283 41.03 17.52 -18.85
C VAL E 283 39.68 16.82 -18.95
N SER E 284 39.73 15.49 -18.91
CA SER E 284 38.51 14.69 -18.99
C SER E 284 37.71 14.79 -17.70
N GLU E 285 36.43 14.48 -17.78
CA GLU E 285 35.53 14.55 -16.65
C GLU E 285 35.45 13.23 -15.88
N THR E 286 36.16 12.20 -16.34
CA THR E 286 36.20 10.91 -15.67
C THR E 286 37.46 10.70 -14.86
N ILE E 287 38.24 11.75 -14.62
CA ILE E 287 39.51 11.64 -13.88
C ILE E 287 39.23 11.27 -12.43
N THR E 288 39.87 10.21 -11.95
CA THR E 288 39.74 9.80 -10.57
C THR E 288 40.94 10.22 -9.72
N GLN E 289 42.15 10.09 -10.26
CA GLN E 289 43.36 10.52 -9.56
C GLN E 289 44.15 11.43 -10.49
N LEU E 290 44.51 12.60 -9.98
CA LEU E 290 45.25 13.58 -10.78
C LEU E 290 46.32 14.24 -9.92
N ASN E 291 47.48 14.47 -10.52
CA ASN E 291 48.60 15.13 -9.86
C ASN E 291 49.14 16.22 -10.77
N LEU E 292 49.31 17.42 -10.24
CA LEU E 292 49.81 18.57 -11.00
C LEU E 292 50.85 19.33 -10.20
N SER E 293 51.69 18.60 -9.46
CA SER E 293 52.72 19.23 -8.65
C SER E 293 53.86 19.73 -9.53
N GLY E 294 54.68 20.60 -8.98
CA GLY E 294 55.82 21.15 -9.69
C GLY E 294 55.55 22.50 -10.30
N TYR E 295 54.28 22.79 -10.60
CA TYR E 295 53.88 24.06 -11.20
C TYR E 295 53.73 25.10 -10.09
N ARG E 296 54.87 25.67 -9.69
CA ARG E 296 54.86 26.69 -8.64
C ARG E 296 54.31 28.01 -9.19
N LYS E 297 54.96 28.55 -10.22
CA LYS E 297 54.58 29.81 -10.82
C LYS E 297 53.67 29.62 -12.04
N ASN E 298 53.03 28.46 -12.18
CA ASN E 298 52.15 28.19 -13.30
C ASN E 298 50.71 27.87 -12.89
N LEU E 299 50.48 27.36 -11.69
CA LEU E 299 49.12 27.06 -11.24
C LEU E 299 48.53 28.30 -10.57
N GLN E 300 47.33 28.68 -11.00
CA GLN E 300 46.63 29.84 -10.46
C GLN E 300 45.30 29.42 -9.88
N LYS E 301 44.62 30.39 -9.25
CA LYS E 301 43.32 30.13 -8.65
C LYS E 301 42.28 29.77 -9.71
N SER E 302 42.33 30.46 -10.86
CA SER E 302 41.37 30.21 -11.92
C SER E 302 41.50 28.79 -12.46
N ASP E 303 42.73 28.31 -12.67
CA ASP E 303 42.93 26.95 -13.17
C ASP E 303 42.40 25.92 -12.18
N LEU E 304 42.65 26.13 -10.88
CA LEU E 304 42.16 25.21 -9.86
C LEU E 304 40.64 25.22 -9.82
N SER E 305 40.03 26.41 -9.91
CA SER E 305 38.57 26.49 -9.91
C SER E 305 37.98 25.78 -11.12
N THR E 306 38.59 25.96 -12.30
CA THR E 306 38.11 25.29 -13.50
C THR E 306 38.25 23.78 -13.36
N LEU E 307 39.36 23.31 -12.81
CA LEU E 307 39.55 21.87 -12.62
C LEU E 307 38.53 21.31 -11.65
N VAL E 308 38.24 22.05 -10.57
CA VAL E 308 37.25 21.60 -9.60
C VAL E 308 35.86 21.55 -10.21
N ARG E 309 35.50 22.56 -11.01
CA ARG E 309 34.18 22.61 -11.63
C ARG E 309 34.06 21.70 -12.85
N ARG E 310 35.17 21.15 -13.35
CA ARG E 310 35.13 20.28 -14.52
C ARG E 310 35.00 18.82 -14.12
N CYS E 311 35.97 18.32 -13.33
CA CYS E 311 35.97 16.92 -12.92
C CYS E 311 35.50 16.82 -11.48
N PRO E 312 34.30 16.30 -11.21
CA PRO E 312 33.83 16.15 -9.82
C PRO E 312 34.08 14.79 -9.19
N ASN E 313 34.81 13.90 -9.85
CA ASN E 313 35.05 12.56 -9.34
C ASN E 313 36.52 12.33 -9.03
N LEU E 314 37.20 13.37 -8.53
CA LEU E 314 38.62 13.27 -8.17
C LEU E 314 38.74 12.58 -6.82
N VAL E 315 39.31 11.38 -6.81
CA VAL E 315 39.48 10.63 -5.57
C VAL E 315 40.80 10.99 -4.88
N HIS E 316 41.89 11.02 -5.63
CA HIS E 316 43.20 11.38 -5.11
C HIS E 316 43.70 12.62 -5.84
N LEU E 317 44.11 13.63 -5.08
CA LEU E 317 44.59 14.87 -5.66
C LEU E 317 45.89 15.27 -4.96
N ASP E 318 46.73 16.00 -5.68
CA ASP E 318 48.00 16.47 -5.16
C ASP E 318 48.37 17.78 -5.82
N LEU E 319 48.72 18.77 -5.00
CA LEU E 319 49.11 20.09 -5.48
C LEU E 319 50.39 20.55 -4.78
N SER E 320 51.38 19.66 -4.71
CA SER E 320 52.63 19.97 -4.03
C SER E 320 53.40 21.05 -4.77
N ASP E 321 54.22 21.79 -4.02
CA ASP E 321 55.07 22.85 -4.56
C ASP E 321 54.24 23.95 -5.23
N SER E 322 53.05 24.23 -4.71
CA SER E 322 52.19 25.28 -5.23
C SER E 322 52.19 26.45 -4.24
N VAL E 323 52.42 27.65 -4.76
CA VAL E 323 52.49 28.86 -3.96
C VAL E 323 51.34 29.81 -4.28
N MET E 324 50.28 29.33 -4.92
CA MET E 324 49.13 30.15 -5.28
C MET E 324 47.85 29.51 -4.76
N LEU E 325 47.87 29.07 -3.51
CA LEU E 325 46.72 28.45 -2.86
C LEU E 325 46.25 29.32 -1.71
N LYS E 326 44.94 29.53 -1.65
CA LYS E 326 44.33 30.38 -0.63
C LYS E 326 43.03 29.72 -0.17
N ASN E 327 42.20 30.49 0.55
CA ASN E 327 40.92 29.98 1.02
C ASN E 327 40.01 29.63 -0.13
N ASP E 328 40.19 30.28 -1.29
CA ASP E 328 39.42 29.94 -2.48
C ASP E 328 39.70 28.52 -2.93
N CYS E 329 40.96 28.09 -2.88
CA CYS E 329 41.29 26.70 -3.20
C CYS E 329 40.64 25.74 -2.22
N PHE E 330 40.61 26.10 -0.94
CA PHE E 330 39.94 25.26 0.05
C PHE E 330 38.44 25.14 -0.23
N GLN E 331 37.80 26.25 -0.61
CA GLN E 331 36.40 26.21 -0.97
C GLN E 331 36.16 25.36 -2.22
N GLU E 332 37.03 25.48 -3.21
CA GLU E 332 36.90 24.67 -4.42
C GLU E 332 37.05 23.19 -4.10
N PHE E 333 37.99 22.85 -3.23
CA PHE E 333 38.15 21.46 -2.81
C PHE E 333 36.93 20.98 -2.04
N PHE E 334 36.36 21.84 -1.18
CA PHE E 334 35.16 21.47 -0.45
C PHE E 334 33.97 21.28 -1.39
N GLN E 335 33.97 21.97 -2.54
CA GLN E 335 32.92 21.77 -3.53
C GLN E 335 32.93 20.33 -4.05
N LEU E 336 34.09 19.69 -4.07
CA LEU E 336 34.16 18.28 -4.45
C LEU E 336 33.58 17.41 -3.34
N ASN E 337 33.18 16.20 -3.73
CA ASN E 337 32.53 15.27 -2.80
C ASN E 337 33.27 13.97 -2.58
N TYR E 338 34.28 13.65 -3.38
CA TYR E 338 34.99 12.38 -3.27
C TYR E 338 36.49 12.58 -3.08
N LEU E 339 36.89 13.68 -2.45
CA LEU E 339 38.30 13.98 -2.21
C LEU E 339 38.79 13.10 -1.06
N GLN E 340 39.20 11.88 -1.41
CA GLN E 340 39.66 10.92 -0.41
C GLN E 340 41.15 11.02 -0.11
N HIS E 341 41.91 11.77 -0.91
CA HIS E 341 43.35 11.90 -0.69
C HIS E 341 43.80 13.24 -1.24
N LEU E 342 44.24 14.13 -0.36
CA LEU E 342 44.74 15.45 -0.74
C LEU E 342 46.19 15.59 -0.34
N SER E 343 46.91 16.44 -1.07
CA SER E 343 48.33 16.67 -0.80
C SER E 343 48.67 18.09 -1.21
N LEU E 344 48.95 18.95 -0.21
CA LEU E 344 49.31 20.34 -0.44
C LEU E 344 50.66 20.64 0.17
N SER E 345 51.63 19.76 -0.06
CA SER E 345 52.96 19.93 0.50
C SER E 345 53.66 21.14 -0.11
N ARG E 346 54.56 21.74 0.67
CA ARG E 346 55.35 22.91 0.25
C ARG E 346 54.48 24.11 -0.08
N CYS E 347 53.29 24.21 0.52
CA CYS E 347 52.41 25.35 0.30
C CYS E 347 52.76 26.48 1.27
N TYR E 348 53.71 27.33 0.88
CA TYR E 348 54.11 28.45 1.73
C TYR E 348 53.05 29.54 1.79
N ASP E 349 52.16 29.60 0.81
CA ASP E 349 51.13 30.64 0.75
C ASP E 349 49.88 30.29 1.55
N ILE E 350 49.91 29.21 2.33
CA ILE E 350 48.77 28.79 3.15
C ILE E 350 49.21 28.75 4.60
N ILE E 351 48.45 29.40 5.47
CA ILE E 351 48.75 29.46 6.90
C ILE E 351 48.52 28.08 7.51
N PRO E 352 49.33 27.66 8.49
CA PRO E 352 49.09 26.35 9.12
C PRO E 352 47.77 26.25 9.85
N GLU E 353 47.20 27.38 10.27
CA GLU E 353 45.93 27.34 11.01
C GLU E 353 44.74 27.03 10.10
N THR E 354 44.82 27.44 8.83
CA THR E 354 43.71 27.22 7.91
C THR E 354 43.51 25.75 7.54
N LEU E 355 44.46 24.88 7.88
CA LEU E 355 44.34 23.47 7.54
C LEU E 355 43.25 22.78 8.36
N LEU E 356 42.80 23.39 9.46
CA LEU E 356 41.76 22.79 10.27
C LEU E 356 40.43 22.71 9.51
N GLU E 357 40.18 23.66 8.61
CA GLU E 357 38.93 23.65 7.84
C GLU E 357 38.87 22.47 6.87
N LEU E 358 40.00 21.84 6.57
CA LEU E 358 39.99 20.71 5.66
C LEU E 358 39.28 19.50 6.27
N GLY E 359 39.15 19.47 7.60
CA GLY E 359 38.47 18.36 8.26
C GLY E 359 36.97 18.32 8.01
N GLU E 360 36.40 19.42 7.51
CA GLU E 360 34.97 19.44 7.22
C GLU E 360 34.59 18.49 6.09
N ILE E 361 35.54 18.05 5.28
CA ILE E 361 35.24 17.12 4.20
C ILE E 361 34.87 15.77 4.79
N PRO E 362 33.72 15.20 4.45
CA PRO E 362 33.32 13.92 5.04
C PRO E 362 34.17 12.75 4.58
N THR E 363 34.59 12.77 3.31
CA THR E 363 35.32 11.66 2.72
C THR E 363 36.83 11.85 2.80
N LEU E 364 37.31 12.73 3.68
CA LEU E 364 38.74 12.94 3.84
C LEU E 364 39.37 11.80 4.63
N LYS E 365 40.49 11.28 4.12
CA LYS E 365 41.16 10.15 4.75
C LYS E 365 42.63 10.45 5.03
N THR E 366 43.28 11.19 4.13
CA THR E 366 44.69 11.49 4.28
C THR E 366 44.96 12.91 3.79
N LEU E 367 46.06 13.48 4.28
CA LEU E 367 46.46 14.83 3.90
C LEU E 367 47.94 14.98 4.17
N GLN E 368 48.71 15.26 3.11
CA GLN E 368 50.16 15.46 3.22
C GLN E 368 50.45 16.95 3.11
N VAL E 369 50.83 17.56 4.22
CA VAL E 369 51.10 19.00 4.27
C VAL E 369 52.53 19.24 4.72
N PHE E 370 53.43 18.32 4.39
CA PHE E 370 54.82 18.46 4.79
C PHE E 370 55.44 19.71 4.16
N GLY E 371 56.18 20.46 4.97
CA GLY E 371 56.83 21.67 4.50
C GLY E 371 56.21 22.93 5.07
N ILE E 372 54.88 22.94 5.20
CA ILE E 372 54.18 24.10 5.74
C ILE E 372 54.01 23.99 7.26
N VAL E 373 53.65 22.82 7.76
CA VAL E 373 53.45 22.60 9.18
C VAL E 373 54.81 22.47 9.86
N PRO E 374 55.14 23.32 10.83
CA PRO E 374 56.45 23.20 11.50
C PRO E 374 56.42 22.12 12.57
N ASP E 375 57.58 21.94 13.20
CA ASP E 375 57.69 20.97 14.28
C ASP E 375 56.85 21.40 15.47
N GLY E 376 56.27 20.41 16.14
CA GLY E 376 55.38 20.67 17.27
C GLY E 376 53.94 20.96 16.90
N THR E 377 53.72 21.73 15.82
CA THR E 377 52.37 22.01 15.39
C THR E 377 51.67 20.78 14.81
N LEU E 378 52.44 19.74 14.48
CA LEU E 378 51.83 18.51 13.97
C LEU E 378 50.91 17.87 15.00
N GLN E 379 51.33 17.85 16.27
CA GLN E 379 50.50 17.29 17.32
C GLN E 379 49.21 18.09 17.48
N LEU E 380 49.31 19.42 17.43
CA LEU E 380 48.11 20.25 17.53
C LEU E 380 47.17 20.01 16.35
N LEU E 381 47.74 19.89 15.14
CA LEU E 381 46.91 19.62 13.97
C LEU E 381 46.22 18.27 14.08
N LYS E 382 46.94 17.25 14.57
CA LYS E 382 46.35 15.94 14.74
C LYS E 382 45.23 15.97 15.79
N GLU E 383 45.46 16.71 16.88
CA GLU E 383 44.42 16.84 17.91
C GLU E 383 43.19 17.57 17.39
N ALA E 384 43.38 18.59 16.56
CA ALA E 384 42.25 19.32 16.01
C ALA E 384 41.40 18.44 15.09
N LEU E 385 42.04 17.60 14.29
CA LEU E 385 41.36 16.72 13.35
C LEU E 385 41.87 15.30 13.55
N PRO E 386 41.38 14.60 14.57
CA PRO E 386 41.86 13.23 14.82
C PRO E 386 41.11 12.18 14.01
N HIS E 387 40.37 12.63 13.00
CA HIS E 387 39.59 11.74 12.16
C HIS E 387 40.24 11.51 10.79
N LEU E 388 41.54 11.76 10.68
CA LEU E 388 42.26 11.58 9.42
C LEU E 388 43.71 11.24 9.75
N GLN E 389 44.54 11.17 8.71
CA GLN E 389 45.96 10.86 8.85
C GLN E 389 46.77 11.95 8.18
N ILE E 390 47.71 12.54 8.90
CA ILE E 390 48.54 13.62 8.41
C ILE E 390 49.98 13.14 8.34
N ASN E 391 50.60 13.34 7.17
CA ASN E 391 52.01 12.98 6.95
C ASN E 391 52.24 11.48 7.20
N CYS E 392 51.54 10.66 6.41
CA CYS E 392 51.66 9.21 6.53
C CYS E 392 52.05 8.52 5.22
N SER E 393 51.98 9.20 4.09
CA SER E 393 52.34 8.62 2.79
C SER E 393 53.42 9.50 2.17
N HIS E 394 54.67 9.08 2.30
CA HIS E 394 55.78 9.86 1.75
C HIS E 394 55.87 9.72 0.23
N PHE E 395 55.41 8.60 -0.31
CA PHE E 395 55.49 8.33 -1.74
C PHE E 395 54.11 8.34 -2.36
N THR E 396 54.01 8.92 -3.56
CA THR E 396 52.75 8.97 -4.28
C THR E 396 52.42 7.60 -4.88
N THR E 397 51.16 7.46 -5.30
CA THR E 397 50.70 6.20 -5.88
C THR E 397 49.89 6.37 -7.16
N ILE E 398 49.88 7.56 -7.76
CA ILE E 398 49.10 7.80 -8.97
C ILE E 398 49.84 7.25 -10.17
N ALA E 399 49.23 6.25 -10.83
CA ALA E 399 49.77 5.64 -12.04
C ALA E 399 51.19 5.12 -11.83
N ARG E 400 51.38 4.42 -10.71
CA ARG E 400 52.68 3.82 -10.39
C ARG E 400 52.65 2.35 -10.73
N PRO E 401 53.41 1.89 -11.74
CA PRO E 401 53.40 0.45 -12.05
C PRO E 401 53.88 -0.42 -10.91
N THR E 402 54.83 0.05 -10.10
CA THR E 402 55.34 -0.73 -8.99
C THR E 402 55.52 0.15 -7.74
N ILE E 411 53.47 -6.09 -12.18
CA ILE E 411 53.17 -4.87 -12.92
C ILE E 411 51.67 -4.64 -12.98
N TRP E 412 51.18 -3.74 -12.14
CA TRP E 412 49.76 -3.40 -12.08
C TRP E 412 48.91 -4.64 -11.81
N GLY E 413 49.44 -5.53 -10.96
CA GLY E 413 48.73 -6.74 -10.60
C GLY E 413 49.07 -7.92 -11.49
N ILE E 414 49.60 -7.64 -12.68
CA ILE E 414 49.98 -8.70 -13.61
C ILE E 414 51.35 -9.24 -13.22
N LYS E 415 51.46 -10.56 -13.15
CA LYS E 415 52.71 -11.24 -12.80
C LYS E 415 53.36 -11.76 -14.07
N CYS E 416 54.62 -11.39 -14.28
CA CYS E 416 55.36 -11.81 -15.47
C CYS E 416 55.89 -13.22 -15.29
N ARG E 417 55.76 -14.02 -16.35
CA ARG E 417 56.20 -15.41 -16.34
C ARG E 417 57.50 -15.61 -17.11
N LEU E 418 57.61 -15.06 -18.31
CA LEU E 418 58.80 -15.21 -19.11
C LEU E 418 59.76 -14.04 -18.91
ZN ZN F . -1.17 50.78 44.80
ZN ZN G . 3.80 38.56 49.70
ZN ZN H . -3.32 51.81 38.05
#